data_4MLB
#
_entry.id   4MLB
#
_cell.length_a   219.560
_cell.length_b   94.548
_cell.length_c   138.822
_cell.angle_alpha   90.00
_cell.angle_beta   126.47
_cell.angle_gamma   90.00
#
_symmetry.space_group_name_H-M   'C 1 2 1'
#
loop_
_entity.id
_entity.type
_entity.pdbx_description
1 polymer PF0708
2 non-polymer 'PENTAETHYLENE GLYCOL MONODECYL ETHER'
3 non-polymer 'CHLORIDE ION'
4 water water
#
_entity_poly.entity_id   1
_entity_poly.type   'polypeptide(L)'
_entity_poly.pdbx_seq_one_letter_code
;MGGSEIPMSEKTTKGVQLLRGDPKKAIVRLSIPMMIGMSVQTLYNLADGIWVSGLGPESLAAVGLFFPVFMGIIALAAGL
GVGTSSAIARRIGARDKEGADNVAVHSLILSLILGVTITITMLPAIDSLFRSMGAKGEAVELAIEYARVLLAGAFIIVFN
NVGNGILRGEGDANRAMLAMVLGSGLNIVLDPIFIYTLGFGVVGAAYATLLSMVVTSLFIAYWLFVKRDTYVDITLRDFS
PSREILKDILRVGLPSSLSQLSMSIAMFFLNSVAITAGGENGVAVFTSAWRITMLGIVPILGMATATTSVTGAAYGERNV
EKLETAYLYAIKIAFMIELAVVAFIMLFAPQVAYLFTYSESAQVIKGDLISALRTLPVFLVLTPFGMMTSAMFQGIGEGE
KSLILTIFRTLVMQVGFAYIFVHYTTLGLRGVWIGIVIGNMVAAIVGFLWGRMRISALKKTSATGGKRRNSENLYFQGGR
GSHHHHHHHHHH
;
_entity_poly.pdbx_strand_id   A,B,C,D
#
loop_
_chem_comp.id
_chem_comp.type
_chem_comp.name
_chem_comp.formula
CL non-polymer 'CHLORIDE ION' 'Cl -1'
CXE non-polymer 'PENTAETHYLENE GLYCOL MONODECYL ETHER' 'C20 H42 O6'
#
# COMPACT_ATOMS: atom_id res chain seq x y z
N LYS A 11 14.22 -5.86 -27.29
CA LYS A 11 13.08 -6.66 -26.83
C LYS A 11 13.49 -7.58 -25.69
N THR A 12 14.79 -7.82 -25.57
CA THR A 12 15.33 -8.74 -24.57
C THR A 12 15.87 -8.01 -23.34
N THR A 13 15.48 -8.49 -22.16
CA THR A 13 15.92 -7.90 -20.90
C THR A 13 17.30 -8.40 -20.50
N LYS A 14 17.88 -7.78 -19.47
CA LYS A 14 19.18 -8.19 -18.94
C LYS A 14 19.12 -9.59 -18.34
N GLY A 15 17.97 -9.93 -17.75
CA GLY A 15 17.77 -11.23 -17.14
C GLY A 15 17.83 -12.36 -18.15
N VAL A 16 17.13 -12.19 -19.26
CA VAL A 16 17.08 -13.18 -20.33
C VAL A 16 18.43 -13.36 -21.01
N GLN A 17 19.16 -12.25 -21.18
CA GLN A 17 20.53 -12.30 -21.70
C GLN A 17 21.41 -13.16 -20.80
N LEU A 18 21.33 -12.88 -19.51
CA LEU A 18 22.07 -13.62 -18.50
C LEU A 18 21.69 -15.10 -18.50
N LEU A 19 20.38 -15.36 -18.58
CA LEU A 19 19.85 -16.72 -18.53
C LEU A 19 20.33 -17.61 -19.69
N ARG A 20 20.37 -17.04 -20.89
CA ARG A 20 20.73 -17.81 -22.08
C ARG A 20 22.21 -17.67 -22.45
N GLY A 21 22.96 -16.91 -21.66
CA GLY A 21 24.37 -16.68 -21.95
C GLY A 21 25.24 -17.84 -21.50
N ASP A 22 26.48 -17.54 -21.15
CA ASP A 22 27.38 -18.53 -20.58
C ASP A 22 26.75 -19.19 -19.35
N PRO A 23 26.70 -20.53 -19.34
CA PRO A 23 26.01 -21.28 -18.29
C PRO A 23 26.63 -21.06 -16.91
N LYS A 24 27.95 -20.94 -16.86
CA LYS A 24 28.67 -20.77 -15.60
C LYS A 24 28.40 -19.40 -14.98
N LYS A 25 28.43 -18.37 -15.81
CA LYS A 25 28.11 -17.02 -15.36
C LYS A 25 26.65 -16.96 -14.92
N ALA A 26 25.79 -17.64 -15.66
CA ALA A 26 24.37 -17.68 -15.35
C ALA A 26 24.11 -18.37 -14.01
N ILE A 27 24.80 -19.48 -13.77
CA ILE A 27 24.66 -20.20 -12.51
C ILE A 27 25.03 -19.32 -11.32
N VAL A 28 26.20 -18.68 -11.39
CA VAL A 28 26.70 -17.87 -10.29
C VAL A 28 25.85 -16.63 -10.05
N ARG A 29 25.58 -15.86 -11.10
CA ARG A 29 24.89 -14.59 -10.95
C ARG A 29 23.40 -14.71 -10.66
N LEU A 30 22.82 -15.87 -10.94
CA LEU A 30 21.41 -16.11 -10.63
C LEU A 30 21.26 -16.77 -9.25
N SER A 31 22.34 -17.36 -8.76
CA SER A 31 22.33 -18.01 -7.45
C SER A 31 22.49 -17.00 -6.32
N ILE A 32 23.43 -16.08 -6.49
CA ILE A 32 23.78 -15.12 -5.45
C ILE A 32 22.60 -14.30 -4.87
N PRO A 33 21.77 -13.68 -5.74
CA PRO A 33 20.64 -12.92 -5.19
C PRO A 33 19.69 -13.81 -4.38
N MET A 34 19.49 -15.05 -4.81
CA MET A 34 18.60 -15.96 -4.11
C MET A 34 19.18 -16.39 -2.75
N MET A 35 20.50 -16.51 -2.66
CA MET A 35 21.15 -16.81 -1.39
C MET A 35 20.90 -15.69 -0.39
N ILE A 36 21.02 -14.45 -0.87
CA ILE A 36 20.80 -13.28 -0.04
C ILE A 36 19.35 -13.22 0.42
N GLY A 37 18.42 -13.44 -0.50
CA GLY A 37 17.01 -13.43 -0.19
C GLY A 37 16.62 -14.49 0.83
N MET A 38 17.17 -15.69 0.66
CA MET A 38 16.87 -16.78 1.58
C MET A 38 17.54 -16.58 2.94
N SER A 39 18.68 -15.90 2.94
CA SER A 39 19.37 -15.58 4.19
C SER A 39 18.54 -14.64 5.06
N VAL A 40 17.91 -13.65 4.43
CA VAL A 40 17.05 -12.71 5.15
C VAL A 40 15.80 -13.41 5.66
N GLN A 41 15.25 -14.29 4.83
CA GLN A 41 14.14 -15.16 5.23
C GLN A 41 14.53 -15.99 6.45
N THR A 42 15.77 -16.49 6.44
CA THR A 42 16.30 -17.30 7.54
C THR A 42 16.44 -16.47 8.81
N LEU A 43 16.97 -15.26 8.65
CA LEU A 43 17.11 -14.33 9.77
C LEU A 43 15.75 -13.96 10.36
N TYR A 44 14.73 -13.80 9.52
CA TYR A 44 13.39 -13.55 10.02
C TYR A 44 12.89 -14.73 10.86
N ASN A 45 12.96 -15.93 10.30
CA ASN A 45 12.52 -17.14 10.98
C ASN A 45 13.20 -17.27 12.33
N LEU A 46 14.50 -17.01 12.35
CA LEU A 46 15.31 -17.07 13.56
C LEU A 46 14.83 -16.04 14.59
N ALA A 47 14.63 -14.81 14.12
CA ALA A 47 14.22 -13.72 15.00
C ALA A 47 12.82 -13.91 15.55
N ASP A 48 11.91 -14.39 14.71
CA ASP A 48 10.53 -14.62 15.13
C ASP A 48 10.44 -15.70 16.20
N GLY A 49 11.26 -16.74 16.08
CA GLY A 49 11.29 -17.79 17.08
C GLY A 49 11.73 -17.29 18.43
N ILE A 50 12.61 -16.29 18.42
CA ILE A 50 13.09 -15.67 19.65
C ILE A 50 12.01 -14.79 20.30
N TRP A 51 11.30 -14.03 19.48
CA TRP A 51 10.24 -13.16 19.97
C TRP A 51 9.08 -13.95 20.57
N VAL A 52 8.71 -15.04 19.91
CA VAL A 52 7.61 -15.89 20.37
C VAL A 52 7.96 -16.60 21.68
N SER A 53 9.25 -16.93 21.85
CA SER A 53 9.70 -17.66 23.03
C SER A 53 9.66 -16.81 24.29
N GLY A 54 9.37 -15.52 24.15
CA GLY A 54 9.27 -14.65 25.31
C GLY A 54 7.82 -14.41 25.70
N LEU A 55 6.91 -15.09 25.01
CA LEU A 55 5.48 -14.87 25.17
C LEU A 55 4.82 -15.89 26.10
N GLY A 56 5.57 -16.90 26.52
CA GLY A 56 5.01 -17.94 27.38
C GLY A 56 4.70 -19.22 26.63
N PRO A 57 4.43 -20.30 27.39
CA PRO A 57 4.22 -21.67 26.89
C PRO A 57 3.04 -21.83 25.94
N GLU A 58 1.91 -21.18 26.25
CA GLU A 58 0.71 -21.33 25.44
C GLU A 58 0.85 -20.68 24.05
N SER A 59 1.60 -19.59 23.99
CA SER A 59 1.87 -18.93 22.71
C SER A 59 2.81 -19.77 21.87
N LEU A 60 3.80 -20.38 22.52
CA LEU A 60 4.75 -21.24 21.84
C LEU A 60 4.04 -22.48 21.30
N ALA A 61 3.07 -22.98 22.06
CA ALA A 61 2.31 -24.16 21.65
C ALA A 61 1.36 -23.84 20.51
N ALA A 62 0.83 -22.62 20.52
CA ALA A 62 -0.08 -22.17 19.47
C ALA A 62 0.62 -22.15 18.12
N VAL A 63 1.84 -21.62 18.10
CA VAL A 63 2.65 -21.61 16.89
C VAL A 63 2.95 -23.03 16.45
N GLY A 64 3.22 -23.89 17.41
CA GLY A 64 3.51 -25.30 17.15
C GLY A 64 2.33 -26.03 16.53
N LEU A 65 1.12 -25.69 16.97
CA LEU A 65 -0.09 -26.30 16.44
C LEU A 65 -0.34 -25.90 14.99
N PHE A 66 0.03 -24.67 14.64
CA PHE A 66 -0.25 -24.14 13.32
C PHE A 66 0.91 -24.35 12.34
N PHE A 67 2.11 -24.50 12.89
CA PHE A 67 3.32 -24.64 12.08
C PHE A 67 3.26 -25.67 10.93
N PRO A 68 2.77 -26.90 11.20
CA PRO A 68 2.70 -27.84 10.08
C PRO A 68 1.70 -27.42 9.01
N VAL A 69 0.63 -26.73 9.41
CA VAL A 69 -0.34 -26.21 8.46
C VAL A 69 0.29 -25.11 7.61
N PHE A 70 1.05 -24.24 8.26
CA PHE A 70 1.72 -23.13 7.57
C PHE A 70 2.73 -23.67 6.56
N MET A 71 3.52 -24.64 6.97
CA MET A 71 4.49 -25.26 6.09
C MET A 71 3.83 -25.95 4.91
N GLY A 72 2.62 -26.46 5.11
CA GLY A 72 1.84 -27.07 4.04
C GLY A 72 1.45 -26.04 2.99
N ILE A 73 1.09 -24.85 3.45
CA ILE A 73 0.72 -23.76 2.54
C ILE A 73 1.92 -23.31 1.73
N ILE A 74 3.05 -23.11 2.41
CA ILE A 74 4.28 -22.69 1.76
C ILE A 74 4.75 -23.71 0.72
N ALA A 75 4.69 -24.99 1.09
CA ALA A 75 5.08 -26.07 0.20
C ALA A 75 4.26 -26.05 -1.09
N LEU A 76 2.96 -25.81 -0.94
CA LEU A 76 2.06 -25.71 -2.08
C LEU A 76 2.35 -24.47 -2.92
N ALA A 77 2.63 -23.35 -2.25
CA ALA A 77 2.91 -22.09 -2.92
C ALA A 77 4.23 -22.14 -3.66
N ALA A 78 5.29 -22.57 -2.96
CA ALA A 78 6.61 -22.70 -3.56
C ALA A 78 6.60 -23.70 -4.71
N GLY A 79 5.82 -24.77 -4.55
CA GLY A 79 5.72 -25.80 -5.56
C GLY A 79 5.19 -25.24 -6.88
N LEU A 80 4.09 -24.51 -6.79
CA LEU A 80 3.51 -23.86 -7.96
C LEU A 80 4.49 -22.85 -8.55
N GLY A 81 5.31 -22.26 -7.69
CA GLY A 81 6.31 -21.31 -8.11
C GLY A 81 7.44 -21.95 -8.91
N VAL A 82 7.91 -23.10 -8.44
CA VAL A 82 8.97 -23.83 -9.14
C VAL A 82 8.48 -24.34 -10.48
N GLY A 83 7.27 -24.88 -10.49
CA GLY A 83 6.65 -25.36 -11.72
C GLY A 83 6.48 -24.24 -12.73
N THR A 84 6.18 -23.04 -12.21
CA THR A 84 6.05 -21.86 -13.06
C THR A 84 7.39 -21.44 -13.60
N SER A 85 8.37 -21.35 -12.71
CA SER A 85 9.72 -20.92 -13.07
C SER A 85 10.34 -21.84 -14.11
N SER A 86 10.17 -23.14 -13.92
CA SER A 86 10.72 -24.15 -14.82
C SER A 86 10.09 -24.08 -16.20
N ALA A 87 8.75 -24.02 -16.22
CA ALA A 87 8.01 -23.96 -17.47
C ALA A 87 8.36 -22.72 -18.29
N ILE A 88 8.49 -21.58 -17.62
CA ILE A 88 8.82 -20.32 -18.29
C ILE A 88 10.25 -20.36 -18.85
N ALA A 89 11.19 -20.81 -18.04
CA ALA A 89 12.59 -20.90 -18.45
C ALA A 89 12.78 -21.78 -19.69
N ARG A 90 12.02 -22.87 -19.78
CA ARG A 90 12.09 -23.77 -20.93
C ARG A 90 11.51 -23.13 -22.19
N ARG A 91 10.41 -22.39 -22.05
CA ARG A 91 9.82 -21.64 -23.15
C ARG A 91 10.80 -20.59 -23.65
N ILE A 92 11.40 -19.86 -22.70
CA ILE A 92 12.35 -18.80 -23.02
C ILE A 92 13.61 -19.36 -23.71
N GLY A 93 14.11 -20.48 -23.22
CA GLY A 93 15.21 -21.16 -23.86
C GLY A 93 14.88 -21.57 -25.28
N ALA A 94 13.62 -21.92 -25.51
CA ALA A 94 13.17 -22.33 -26.84
C ALA A 94 12.78 -21.14 -27.71
N ARG A 95 12.96 -19.92 -27.17
CA ARG A 95 12.56 -18.69 -27.85
C ARG A 95 11.07 -18.69 -28.17
N ASP A 96 10.29 -19.31 -27.29
CA ASP A 96 8.84 -19.35 -27.43
C ASP A 96 8.23 -18.37 -26.44
N LYS A 97 8.30 -17.09 -26.78
CA LYS A 97 7.85 -16.03 -25.88
C LYS A 97 6.35 -16.10 -25.63
N GLU A 98 5.59 -16.40 -26.69
CA GLU A 98 4.14 -16.56 -26.58
C GLU A 98 3.80 -17.65 -25.57
N GLY A 99 4.54 -18.75 -25.62
CA GLY A 99 4.38 -19.83 -24.67
C GLY A 99 4.71 -19.38 -23.26
N ALA A 100 5.82 -18.66 -23.12
CA ALA A 100 6.24 -18.13 -21.83
C ALA A 100 5.19 -17.17 -21.26
N ASP A 101 4.65 -16.31 -22.12
CA ASP A 101 3.59 -15.39 -21.72
C ASP A 101 2.37 -16.19 -21.25
N ASN A 102 2.02 -17.19 -22.04
CA ASN A 102 0.84 -18.01 -21.76
C ASN A 102 0.97 -18.78 -20.44
N VAL A 103 2.18 -19.27 -20.16
CA VAL A 103 2.46 -19.96 -18.90
C VAL A 103 2.33 -19.01 -17.72
N ALA A 104 2.88 -17.81 -17.86
CA ALA A 104 2.82 -16.79 -16.81
C ALA A 104 1.38 -16.46 -16.42
N VAL A 105 0.53 -16.24 -17.43
CA VAL A 105 -0.87 -15.92 -17.19
C VAL A 105 -1.58 -17.11 -16.54
N HIS A 106 -1.30 -18.31 -17.06
CA HIS A 106 -1.84 -19.55 -16.49
C HIS A 106 -1.53 -19.66 -15.01
N SER A 107 -0.27 -19.45 -14.65
CA SER A 107 0.19 -19.63 -13.28
C SER A 107 -0.41 -18.60 -12.33
N LEU A 108 -0.61 -17.38 -12.81
CA LEU A 108 -1.21 -16.34 -11.99
C LEU A 108 -2.67 -16.68 -11.67
N ILE A 109 -3.38 -17.21 -12.65
CA ILE A 109 -4.75 -17.64 -12.43
C ILE A 109 -4.79 -18.83 -11.47
N LEU A 110 -3.83 -19.73 -11.61
CA LEU A 110 -3.72 -20.88 -10.72
C LEU A 110 -3.43 -20.46 -9.28
N SER A 111 -2.70 -19.36 -9.13
CA SER A 111 -2.36 -18.85 -7.80
C SER A 111 -3.63 -18.43 -7.07
N LEU A 112 -4.56 -17.83 -7.81
CA LEU A 112 -5.83 -17.41 -7.25
C LEU A 112 -6.68 -18.63 -6.89
N ILE A 113 -6.74 -19.59 -7.80
CA ILE A 113 -7.52 -20.81 -7.58
C ILE A 113 -6.99 -21.59 -6.38
N LEU A 114 -5.68 -21.81 -6.35
CA LEU A 114 -5.05 -22.54 -5.26
C LEU A 114 -5.15 -21.76 -3.95
N GLY A 115 -4.97 -20.44 -4.04
CA GLY A 115 -5.03 -19.59 -2.86
C GLY A 115 -6.38 -19.61 -2.17
N VAL A 116 -7.44 -19.46 -2.96
CA VAL A 116 -8.80 -19.47 -2.43
C VAL A 116 -9.18 -20.87 -1.96
N THR A 117 -8.74 -21.89 -2.70
CA THR A 117 -9.02 -23.27 -2.35
C THR A 117 -8.45 -23.61 -0.96
N ILE A 118 -7.23 -23.16 -0.69
CA ILE A 118 -6.60 -23.36 0.61
C ILE A 118 -7.43 -22.73 1.72
N THR A 119 -7.88 -21.50 1.49
CA THR A 119 -8.63 -20.76 2.49
C THR A 119 -9.98 -21.42 2.81
N ILE A 120 -10.72 -21.76 1.77
CA ILE A 120 -12.04 -22.36 1.93
C ILE A 120 -11.97 -23.75 2.59
N THR A 121 -10.95 -24.51 2.25
CA THR A 121 -10.80 -25.87 2.74
C THR A 121 -10.30 -25.93 4.19
N MET A 122 -9.35 -25.07 4.53
CA MET A 122 -8.68 -25.14 5.82
C MET A 122 -9.41 -24.44 6.97
N LEU A 123 -10.13 -23.37 6.67
CA LEU A 123 -10.82 -22.59 7.70
C LEU A 123 -11.81 -23.39 8.57
N PRO A 124 -12.69 -24.20 7.96
CA PRO A 124 -13.60 -24.96 8.82
C PRO A 124 -12.98 -26.23 9.38
N ALA A 125 -11.70 -26.47 9.11
CA ALA A 125 -11.07 -27.73 9.48
C ALA A 125 -9.94 -27.59 10.49
N ILE A 126 -9.58 -26.36 10.84
CA ILE A 126 -8.45 -26.12 11.73
C ILE A 126 -8.76 -26.45 13.20
N ASP A 127 -10.00 -26.24 13.62
CA ASP A 127 -10.40 -26.52 14.99
C ASP A 127 -10.26 -28.00 15.29
N SER A 128 -10.82 -28.84 14.43
CA SER A 128 -10.77 -30.29 14.59
C SER A 128 -9.33 -30.79 14.54
N LEU A 129 -8.56 -30.21 13.62
CA LEU A 129 -7.17 -30.63 13.39
C LEU A 129 -6.30 -30.30 14.59
N PHE A 130 -6.51 -29.13 15.19
CA PHE A 130 -5.68 -28.68 16.30
C PHE A 130 -5.96 -29.45 17.58
N ARG A 131 -7.20 -29.90 17.73
CA ARG A 131 -7.60 -30.66 18.91
C ARG A 131 -7.25 -32.14 18.77
N SER A 132 -6.80 -32.52 17.58
CA SER A 132 -6.37 -33.90 17.34
C SER A 132 -5.03 -34.15 18.02
N MET A 133 -4.33 -33.07 18.32
CA MET A 133 -3.06 -33.13 19.05
C MET A 133 -3.33 -33.53 20.49
N GLY A 134 -4.57 -33.33 20.93
CA GLY A 134 -4.94 -33.51 22.31
C GLY A 134 -4.78 -32.19 23.03
N ALA A 135 -4.27 -31.21 22.29
CA ALA A 135 -4.10 -29.86 22.81
C ALA A 135 -5.46 -29.27 23.14
N LYS A 136 -5.48 -28.41 24.17
CA LYS A 136 -6.74 -27.88 24.67
C LYS A 136 -6.51 -26.51 25.32
N GLY A 137 -7.56 -25.70 25.38
CA GLY A 137 -7.52 -24.45 26.10
C GLY A 137 -7.08 -23.25 25.26
N GLU A 138 -6.15 -22.47 25.81
CA GLU A 138 -5.72 -21.23 25.18
C GLU A 138 -4.86 -21.47 23.96
N ALA A 139 -3.98 -22.46 24.03
CA ALA A 139 -3.06 -22.77 22.94
C ALA A 139 -3.79 -23.08 21.64
N VAL A 140 -4.93 -23.76 21.76
CA VAL A 140 -5.75 -24.10 20.61
C VAL A 140 -6.46 -22.87 20.08
N GLU A 141 -7.04 -22.09 20.99
CA GLU A 141 -7.79 -20.90 20.62
C GLU A 141 -6.87 -19.84 19.99
N LEU A 142 -5.65 -19.74 20.50
CA LEU A 142 -4.66 -18.82 19.93
C LEU A 142 -4.22 -19.31 18.56
N ALA A 143 -4.09 -20.63 18.42
CA ALA A 143 -3.69 -21.23 17.16
C ALA A 143 -4.74 -21.00 16.09
N ILE A 144 -6.01 -21.07 16.49
CA ILE A 144 -7.12 -20.81 15.56
C ILE A 144 -7.10 -19.36 15.11
N GLU A 145 -6.95 -18.44 16.05
CA GLU A 145 -6.90 -17.02 15.74
C GLU A 145 -5.68 -16.71 14.87
N TYR A 146 -4.56 -17.37 15.17
CA TYR A 146 -3.34 -17.20 14.39
C TYR A 146 -3.53 -17.73 12.97
N ALA A 147 -4.17 -18.89 12.86
CA ALA A 147 -4.38 -19.54 11.57
C ALA A 147 -5.28 -18.75 10.64
N ARG A 148 -6.35 -18.18 11.19
CA ARG A 148 -7.31 -17.44 10.39
C ARG A 148 -6.69 -16.22 9.72
N VAL A 149 -5.67 -15.66 10.35
CA VAL A 149 -4.97 -14.49 9.80
C VAL A 149 -4.19 -14.86 8.56
N LEU A 150 -3.42 -15.95 8.63
CA LEU A 150 -2.58 -16.36 7.51
C LEU A 150 -3.37 -17.08 6.42
N LEU A 151 -4.42 -17.81 6.82
CA LEU A 151 -5.27 -18.51 5.86
C LEU A 151 -6.04 -17.51 5.00
N ALA A 152 -6.29 -16.33 5.56
CA ALA A 152 -6.98 -15.26 4.84
C ALA A 152 -6.11 -14.73 3.72
N GLY A 153 -4.80 -14.72 3.93
CA GLY A 153 -3.86 -14.24 2.94
C GLY A 153 -3.18 -15.37 2.20
N ALA A 154 -3.86 -16.50 2.09
CA ALA A 154 -3.33 -17.67 1.40
C ALA A 154 -3.05 -17.37 -0.07
N PHE A 155 -3.94 -16.60 -0.69
CA PHE A 155 -3.79 -16.26 -2.10
C PHE A 155 -2.62 -15.30 -2.30
N ILE A 156 -2.33 -14.48 -1.29
CA ILE A 156 -1.20 -13.57 -1.34
C ILE A 156 0.12 -14.34 -1.27
N ILE A 157 0.16 -15.35 -0.40
CA ILE A 157 1.34 -16.21 -0.26
C ILE A 157 1.66 -16.90 -1.57
N VAL A 158 0.65 -17.49 -2.20
CA VAL A 158 0.84 -18.18 -3.47
C VAL A 158 1.19 -17.20 -4.59
N PHE A 159 0.51 -16.06 -4.61
CA PHE A 159 0.78 -15.01 -5.60
C PHE A 159 2.24 -14.57 -5.54
N ASN A 160 2.74 -14.33 -4.33
CA ASN A 160 4.12 -13.90 -4.14
C ASN A 160 5.13 -14.95 -4.62
N ASN A 161 4.84 -16.22 -4.34
CA ASN A 161 5.69 -17.32 -4.77
C ASN A 161 5.66 -17.51 -6.29
N VAL A 162 4.48 -17.38 -6.87
CA VAL A 162 4.33 -17.47 -8.32
C VAL A 162 5.04 -16.31 -9.00
N GLY A 163 4.82 -15.11 -8.48
CA GLY A 163 5.50 -13.92 -8.98
C GLY A 163 7.00 -14.07 -8.90
N ASN A 164 7.48 -14.66 -7.81
CA ASN A 164 8.91 -14.92 -7.63
C ASN A 164 9.41 -15.94 -8.66
N GLY A 165 8.59 -16.95 -8.93
CA GLY A 165 8.94 -17.96 -9.93
C GLY A 165 9.02 -17.39 -11.33
N ILE A 166 8.09 -16.50 -11.65
CA ILE A 166 8.10 -15.82 -12.95
C ILE A 166 9.38 -15.02 -13.15
N LEU A 167 9.77 -14.28 -12.11
CA LEU A 167 10.97 -13.47 -12.16
C LEU A 167 12.23 -14.32 -12.32
N ARG A 168 12.36 -15.35 -11.49
CA ARG A 168 13.50 -16.27 -11.57
C ARG A 168 13.56 -16.94 -12.95
N GLY A 169 12.40 -17.36 -13.44
CA GLY A 169 12.33 -18.07 -14.70
C GLY A 169 12.79 -17.29 -15.92
N GLU A 170 12.80 -15.96 -15.81
CA GLU A 170 13.26 -15.12 -16.91
C GLU A 170 14.58 -14.43 -16.61
N GLY A 171 15.31 -14.97 -15.63
CA GLY A 171 16.64 -14.47 -15.32
C GLY A 171 16.65 -13.25 -14.43
N ASP A 172 15.48 -12.88 -13.91
CA ASP A 172 15.38 -11.71 -13.05
C ASP A 172 15.43 -12.12 -11.58
N ALA A 173 16.54 -12.72 -11.18
CA ALA A 173 16.74 -13.14 -9.80
C ALA A 173 16.94 -11.93 -8.90
N ASN A 174 17.41 -10.83 -9.49
CA ASN A 174 17.59 -9.59 -8.75
C ASN A 174 16.30 -9.11 -8.09
N ARG A 175 15.23 -9.00 -8.87
CA ARG A 175 13.96 -8.55 -8.32
C ARG A 175 13.25 -9.62 -7.50
N ALA A 176 13.53 -10.87 -7.82
CA ALA A 176 13.05 -11.98 -7.00
C ALA A 176 13.65 -11.85 -5.60
N MET A 177 14.93 -11.50 -5.54
CA MET A 177 15.60 -11.25 -4.28
C MET A 177 14.99 -10.05 -3.55
N LEU A 178 14.78 -8.97 -4.28
CA LEU A 178 14.23 -7.73 -3.71
C LEU A 178 12.87 -7.97 -3.04
N ALA A 179 12.02 -8.74 -3.72
CA ALA A 179 10.71 -9.09 -3.17
C ALA A 179 10.83 -9.88 -1.87
N MET A 180 11.83 -10.75 -1.80
CA MET A 180 12.05 -11.57 -0.62
C MET A 180 12.61 -10.73 0.53
N VAL A 181 13.57 -9.87 0.22
CA VAL A 181 14.16 -9.01 1.22
C VAL A 181 13.13 -7.99 1.71
N LEU A 182 12.30 -7.50 0.80
CA LEU A 182 11.24 -6.57 1.16
C LEU A 182 10.28 -7.18 2.18
N GLY A 183 9.74 -8.36 1.86
CA GLY A 183 8.79 -9.03 2.73
C GLY A 183 9.39 -9.44 4.07
N SER A 184 10.49 -10.18 4.01
CA SER A 184 11.16 -10.68 5.22
C SER A 184 11.75 -9.56 6.05
N GLY A 185 12.31 -8.56 5.36
CA GLY A 185 12.92 -7.42 6.03
C GLY A 185 11.91 -6.62 6.82
N LEU A 186 10.77 -6.33 6.19
CA LEU A 186 9.68 -5.65 6.87
C LEU A 186 9.14 -6.49 8.01
N ASN A 187 9.08 -7.80 7.79
CA ASN A 187 8.57 -8.71 8.81
C ASN A 187 9.45 -8.72 10.05
N ILE A 188 10.76 -8.59 9.84
CA ILE A 188 11.70 -8.50 10.95
C ILE A 188 11.45 -7.23 11.77
N VAL A 189 11.19 -6.13 11.07
CA VAL A 189 10.94 -4.85 11.72
C VAL A 189 9.59 -4.84 12.45
N LEU A 190 8.56 -5.32 11.76
CA LEU A 190 7.20 -5.28 12.29
C LEU A 190 6.97 -6.27 13.43
N ASP A 191 7.81 -7.29 13.51
CA ASP A 191 7.62 -8.37 14.47
C ASP A 191 7.57 -7.92 15.94
N PRO A 192 8.64 -7.27 16.45
CA PRO A 192 8.53 -6.89 17.87
C PRO A 192 7.60 -5.70 18.10
N ILE A 193 7.31 -4.96 17.03
CA ILE A 193 6.41 -3.81 17.13
C ILE A 193 4.98 -4.27 17.35
N PHE A 194 4.53 -5.25 16.57
CA PHE A 194 3.19 -5.77 16.70
C PHE A 194 3.02 -6.62 17.96
N ILE A 195 3.99 -7.49 18.22
CA ILE A 195 3.92 -8.40 19.36
C ILE A 195 3.98 -7.68 20.71
N TYR A 196 4.96 -6.79 20.86
CA TYR A 196 5.22 -6.17 22.16
C TYR A 196 4.78 -4.70 22.26
N THR A 197 5.26 -3.86 21.34
CA THR A 197 4.96 -2.43 21.37
C THR A 197 3.46 -2.15 21.33
N LEU A 198 2.78 -2.80 20.39
CA LEU A 198 1.34 -2.62 20.24
C LEU A 198 0.56 -3.62 21.09
N GLY A 199 1.27 -4.55 21.71
CA GLY A 199 0.67 -5.50 22.64
C GLY A 199 -0.33 -6.47 22.05
N PHE A 200 -0.11 -6.86 20.79
CA PHE A 200 -1.02 -7.80 20.13
C PHE A 200 -0.74 -9.24 20.56
N GLY A 201 0.48 -9.49 21.02
CA GLY A 201 0.87 -10.82 21.44
C GLY A 201 1.31 -11.69 20.27
N VAL A 202 1.09 -13.00 20.41
CA VAL A 202 1.51 -13.95 19.38
C VAL A 202 0.76 -13.75 18.06
N VAL A 203 -0.47 -13.25 18.15
CA VAL A 203 -1.26 -12.99 16.95
C VAL A 203 -0.69 -11.80 16.18
N GLY A 204 0.12 -10.99 16.87
CA GLY A 204 0.78 -9.86 16.24
C GLY A 204 1.79 -10.31 15.20
N ALA A 205 2.47 -11.41 15.48
CA ALA A 205 3.43 -11.98 14.54
C ALA A 205 2.70 -12.45 13.28
N ALA A 206 1.47 -12.91 13.45
CA ALA A 206 0.63 -13.31 12.32
C ALA A 206 0.31 -12.12 11.43
N TYR A 207 0.00 -10.98 12.04
CA TYR A 207 -0.34 -9.78 11.28
C TYR A 207 0.89 -9.11 10.69
N ALA A 208 2.02 -9.22 11.39
CA ALA A 208 3.28 -8.70 10.89
C ALA A 208 3.66 -9.39 9.58
N THR A 209 3.45 -10.70 9.55
CA THR A 209 3.72 -11.48 8.34
C THR A 209 2.75 -11.11 7.22
N LEU A 210 1.46 -11.05 7.56
CA LEU A 210 0.42 -10.73 6.59
C LEU A 210 0.63 -9.37 5.90
N LEU A 211 0.92 -8.34 6.68
CA LEU A 211 1.14 -7.01 6.12
C LEU A 211 2.40 -6.97 5.26
N SER A 212 3.42 -7.71 5.69
CA SER A 212 4.67 -7.80 4.95
C SER A 212 4.47 -8.45 3.59
N MET A 213 3.55 -9.42 3.53
CA MET A 213 3.26 -10.12 2.29
C MET A 213 2.39 -9.28 1.37
N VAL A 214 1.51 -8.48 1.95
CA VAL A 214 0.66 -7.60 1.17
C VAL A 214 1.50 -6.56 0.45
N VAL A 215 2.44 -5.95 1.19
CA VAL A 215 3.36 -4.97 0.62
C VAL A 215 4.20 -5.58 -0.50
N THR A 216 4.65 -6.81 -0.28
CA THR A 216 5.40 -7.55 -1.29
C THR A 216 4.53 -7.78 -2.52
N SER A 217 3.28 -8.16 -2.30
CA SER A 217 2.35 -8.41 -3.40
C SER A 217 2.11 -7.16 -4.23
N LEU A 218 2.03 -6.01 -3.56
CA LEU A 218 1.81 -4.74 -4.24
C LEU A 218 2.94 -4.42 -5.20
N PHE A 219 4.17 -4.64 -4.74
CA PHE A 219 5.35 -4.39 -5.57
C PHE A 219 5.45 -5.37 -6.73
N ILE A 220 5.13 -6.63 -6.46
CA ILE A 220 5.11 -7.66 -7.49
C ILE A 220 4.03 -7.35 -8.54
N ALA A 221 2.83 -7.03 -8.07
CA ALA A 221 1.74 -6.69 -8.96
C ALA A 221 2.09 -5.44 -9.76
N TYR A 222 2.84 -4.54 -9.13
CA TYR A 222 3.26 -3.30 -9.79
C TYR A 222 4.25 -3.58 -10.92
N TRP A 223 5.20 -4.48 -10.67
CA TRP A 223 6.16 -4.88 -11.69
C TRP A 223 5.46 -5.64 -12.82
N LEU A 224 4.58 -6.56 -12.44
CA LEU A 224 3.93 -7.45 -13.41
C LEU A 224 2.82 -6.79 -14.24
N PHE A 225 2.01 -5.93 -13.61
CA PHE A 225 0.83 -5.39 -14.27
C PHE A 225 0.85 -3.90 -14.60
N VAL A 226 1.75 -3.14 -13.96
CA VAL A 226 1.76 -1.68 -14.17
C VAL A 226 2.96 -1.20 -14.97
N LYS A 227 4.17 -1.46 -14.46
CA LYS A 227 5.37 -1.20 -15.23
C LYS A 227 5.39 -2.12 -16.44
N ARG A 228 5.03 -3.39 -16.19
CA ARG A 228 5.03 -4.42 -17.22
C ARG A 228 6.38 -4.45 -17.93
N ASP A 229 7.45 -4.36 -17.13
CA ASP A 229 8.81 -4.35 -17.65
C ASP A 229 9.51 -5.68 -17.43
N THR A 230 8.73 -6.73 -17.20
CA THR A 230 9.25 -8.08 -17.22
C THR A 230 9.47 -8.45 -18.68
N TYR A 231 10.23 -9.52 -18.93
CA TYR A 231 10.39 -10.00 -20.28
C TYR A 231 9.07 -10.55 -20.81
N VAL A 232 8.40 -11.34 -19.98
CA VAL A 232 7.11 -11.92 -20.35
C VAL A 232 6.01 -10.87 -20.39
N ASP A 233 5.12 -10.99 -21.38
CA ASP A 233 3.98 -10.09 -21.50
C ASP A 233 2.76 -10.70 -20.84
N ILE A 234 2.30 -10.08 -19.75
CA ILE A 234 1.17 -10.61 -19.00
C ILE A 234 -0.11 -9.85 -19.33
N THR A 235 -0.86 -10.36 -20.31
CA THR A 235 -2.16 -9.80 -20.67
C THR A 235 -3.18 -10.91 -20.79
N LEU A 236 -4.46 -10.55 -20.70
CA LEU A 236 -5.53 -11.53 -20.79
C LEU A 236 -5.95 -11.85 -22.21
N ARG A 237 -5.03 -11.70 -23.17
CA ARG A 237 -5.29 -12.13 -24.54
C ARG A 237 -4.06 -12.64 -25.28
N ASP A 238 -3.20 -13.33 -24.55
CA ASP A 238 -2.19 -14.20 -25.15
C ASP A 238 -2.46 -15.54 -24.50
N PHE A 239 -3.37 -15.49 -23.52
CA PHE A 239 -3.78 -16.64 -22.77
C PHE A 239 -4.82 -17.45 -23.52
N SER A 240 -4.37 -18.59 -24.03
CA SER A 240 -5.28 -19.60 -24.57
C SER A 240 -5.22 -20.77 -23.62
N PRO A 241 -6.34 -21.04 -22.92
CA PRO A 241 -6.41 -22.12 -21.93
C PRO A 241 -5.81 -23.41 -22.44
N SER A 242 -4.89 -24.00 -21.68
CA SER A 242 -4.10 -25.12 -22.16
C SER A 242 -4.00 -26.23 -21.11
N ARG A 243 -4.52 -27.40 -21.42
CA ARG A 243 -4.33 -28.58 -20.58
C ARG A 243 -2.84 -28.92 -20.53
N GLU A 244 -2.15 -28.64 -21.62
CA GLU A 244 -0.74 -28.97 -21.74
C GLU A 244 0.16 -28.12 -20.84
N ILE A 245 -0.09 -26.81 -20.84
CA ILE A 245 0.61 -25.90 -19.94
C ILE A 245 0.34 -26.28 -18.47
N LEU A 246 -0.94 -26.49 -18.17
CA LEU A 246 -1.38 -26.86 -16.82
C LEU A 246 -0.71 -28.15 -16.33
N LYS A 247 -0.60 -29.11 -17.24
CA LYS A 247 0.06 -30.38 -16.95
C LYS A 247 1.57 -30.18 -16.75
N ASP A 248 2.15 -29.30 -17.55
CA ASP A 248 3.56 -28.97 -17.46
C ASP A 248 3.89 -28.37 -16.09
N ILE A 249 3.11 -27.36 -15.68
CA ILE A 249 3.32 -26.71 -14.39
C ILE A 249 3.13 -27.69 -13.23
N LEU A 250 2.06 -28.49 -13.31
CA LEU A 250 1.73 -29.43 -12.25
C LEU A 250 2.72 -30.58 -12.12
N ARG A 251 3.30 -31.01 -13.24
CA ARG A 251 4.24 -32.12 -13.23
C ARG A 251 5.49 -31.79 -12.42
N VAL A 252 5.80 -30.50 -12.29
CA VAL A 252 6.91 -30.06 -11.45
C VAL A 252 6.40 -29.57 -10.10
N GLY A 253 5.29 -28.85 -10.13
CA GLY A 253 4.73 -28.24 -8.93
C GLY A 253 4.28 -29.20 -7.86
N LEU A 254 3.45 -30.17 -8.23
CA LEU A 254 2.93 -31.15 -7.29
C LEU A 254 4.01 -32.02 -6.62
N PRO A 255 4.93 -32.62 -7.42
CA PRO A 255 5.99 -33.39 -6.78
C PRO A 255 6.91 -32.53 -5.91
N SER A 256 7.06 -31.26 -6.25
CA SER A 256 7.85 -30.34 -5.44
C SER A 256 7.27 -30.21 -4.04
N SER A 257 5.96 -30.09 -3.97
CA SER A 257 5.26 -30.01 -2.68
C SER A 257 5.37 -31.34 -1.93
N LEU A 258 5.29 -32.44 -2.67
CA LEU A 258 5.37 -33.77 -2.08
C LEU A 258 6.76 -34.07 -1.53
N SER A 259 7.79 -33.49 -2.14
CA SER A 259 9.14 -33.62 -1.63
C SER A 259 9.25 -33.01 -0.24
N GLN A 260 8.60 -31.87 -0.04
CA GLN A 260 8.56 -31.20 1.27
C GLN A 260 7.96 -32.11 2.33
N LEU A 261 6.79 -32.67 2.01
CA LEU A 261 6.11 -33.63 2.86
C LEU A 261 7.01 -34.81 3.19
N SER A 262 7.71 -35.31 2.18
CA SER A 262 8.64 -36.42 2.35
C SER A 262 9.75 -36.05 3.35
N MET A 263 10.37 -34.89 3.14
CA MET A 263 11.39 -34.40 4.05
C MET A 263 10.80 -34.15 5.44
N SER A 264 9.53 -33.75 5.46
CA SER A 264 8.81 -33.52 6.70
C SER A 264 8.66 -34.80 7.51
N ILE A 265 8.09 -35.82 6.88
CA ILE A 265 7.87 -37.11 7.52
C ILE A 265 9.18 -37.74 7.97
N ALA A 266 10.24 -37.54 7.18
CA ALA A 266 11.56 -38.07 7.50
C ALA A 266 12.12 -37.43 8.77
N MET A 267 11.89 -36.13 8.93
CA MET A 267 12.33 -35.43 10.13
C MET A 267 11.63 -35.96 11.37
N PHE A 268 10.35 -36.28 11.22
CA PHE A 268 9.56 -36.86 12.30
C PHE A 268 10.11 -38.22 12.70
N PHE A 269 10.49 -39.02 11.72
CA PHE A 269 11.04 -40.34 11.97
C PHE A 269 12.42 -40.27 12.61
N LEU A 270 13.24 -39.33 12.15
CA LEU A 270 14.57 -39.12 12.72
C LEU A 270 14.47 -38.67 14.17
N ASN A 271 13.45 -37.87 14.47
CA ASN A 271 13.18 -37.43 15.83
C ASN A 271 12.88 -38.61 16.74
N SER A 272 12.06 -39.54 16.24
CA SER A 272 11.73 -40.75 16.99
C SER A 272 12.95 -41.63 17.18
N VAL A 273 13.83 -41.64 16.19
CA VAL A 273 15.08 -42.39 16.27
C VAL A 273 15.99 -41.78 17.34
N ALA A 274 16.03 -40.47 17.38
CA ALA A 274 16.83 -39.76 18.39
C ALA A 274 16.31 -39.99 19.80
N ILE A 275 14.99 -40.20 19.92
CA ILE A 275 14.37 -40.52 21.19
C ILE A 275 14.90 -41.84 21.74
N THR A 276 14.90 -42.86 20.88
CA THR A 276 15.41 -44.18 21.24
C THR A 276 16.89 -44.11 21.58
N ALA A 277 17.60 -43.21 20.90
CA ALA A 277 19.04 -43.09 21.05
C ALA A 277 19.47 -42.34 22.32
N GLY A 278 18.93 -41.14 22.51
CA GLY A 278 19.37 -40.30 23.60
C GLY A 278 18.27 -39.68 24.45
N GLY A 279 17.02 -40.01 24.14
CA GLY A 279 15.89 -39.51 24.91
C GLY A 279 15.35 -38.19 24.41
N GLU A 280 14.70 -37.44 25.31
CA GLU A 280 14.07 -36.17 24.96
C GLU A 280 15.10 -35.10 24.60
N ASN A 281 16.20 -35.06 25.34
CA ASN A 281 17.26 -34.10 25.04
C ASN A 281 18.13 -34.55 23.87
N GLY A 282 17.92 -35.79 23.43
CA GLY A 282 18.57 -36.30 22.24
C GLY A 282 17.99 -35.61 21.02
N VAL A 283 16.69 -35.31 21.09
CA VAL A 283 16.02 -34.53 20.06
C VAL A 283 16.52 -33.09 20.10
N ALA A 284 16.74 -32.58 21.31
CA ALA A 284 17.24 -31.23 21.51
C ALA A 284 18.59 -31.03 20.83
N VAL A 285 19.46 -32.03 20.97
CA VAL A 285 20.76 -32.00 20.29
C VAL A 285 20.56 -32.10 18.79
N PHE A 286 19.63 -32.96 18.38
CA PHE A 286 19.32 -33.13 16.97
C PHE A 286 18.71 -31.88 16.36
N THR A 287 17.76 -31.28 17.07
CA THR A 287 17.10 -30.06 16.61
C THR A 287 18.09 -28.93 16.43
N SER A 288 18.97 -28.75 17.41
CA SER A 288 19.99 -27.71 17.34
C SER A 288 20.99 -28.01 16.24
N ALA A 289 21.26 -29.30 16.02
CA ALA A 289 22.25 -29.72 15.02
C ALA A 289 21.88 -29.30 13.60
N TRP A 290 20.71 -29.69 13.12
CA TRP A 290 20.32 -29.37 11.74
C TRP A 290 19.98 -27.90 11.52
N ARG A 291 19.52 -27.23 12.59
CA ARG A 291 19.30 -25.79 12.54
C ARG A 291 20.61 -25.07 12.20
N ILE A 292 21.71 -25.56 12.74
CA ILE A 292 23.04 -25.00 12.50
C ILE A 292 23.50 -25.24 11.04
N THR A 293 23.24 -26.44 10.53
CA THR A 293 23.64 -26.82 9.16
C THR A 293 23.02 -25.92 8.08
N MET A 294 21.90 -25.27 8.42
CA MET A 294 21.23 -24.34 7.52
C MET A 294 22.17 -23.25 7.03
N LEU A 295 23.24 -23.03 7.78
CA LEU A 295 24.33 -22.16 7.36
C LEU A 295 24.88 -22.64 6.03
N GLY A 296 24.85 -23.96 5.84
CA GLY A 296 25.30 -24.56 4.60
C GLY A 296 24.18 -24.84 3.63
N ILE A 297 22.99 -25.18 4.14
CA ILE A 297 21.86 -25.52 3.27
C ILE A 297 21.35 -24.33 2.46
N VAL A 298 21.26 -23.17 3.10
CA VAL A 298 20.77 -21.94 2.46
C VAL A 298 21.47 -21.59 1.12
N PRO A 299 22.81 -21.58 1.09
CA PRO A 299 23.46 -21.33 -0.20
C PRO A 299 23.11 -22.38 -1.26
N ILE A 300 22.98 -23.64 -0.89
CA ILE A 300 22.66 -24.69 -1.86
C ILE A 300 21.24 -24.52 -2.41
N LEU A 301 20.32 -24.06 -1.56
CA LEU A 301 18.95 -23.80 -1.99
C LEU A 301 18.90 -22.72 -3.07
N GLY A 302 19.74 -21.69 -2.89
CA GLY A 302 19.82 -20.61 -3.86
C GLY A 302 20.30 -21.10 -5.22
N MET A 303 21.32 -21.96 -5.20
CA MET A 303 21.89 -22.49 -6.43
C MET A 303 20.90 -23.43 -7.13
N ALA A 304 20.03 -24.06 -6.36
CA ALA A 304 19.04 -24.97 -6.92
C ALA A 304 18.06 -24.22 -7.83
N THR A 305 17.63 -23.04 -7.39
CA THR A 305 16.74 -22.21 -8.17
C THR A 305 17.40 -21.78 -9.49
N ALA A 306 18.67 -21.39 -9.42
CA ALA A 306 19.40 -21.00 -10.61
C ALA A 306 19.64 -22.20 -11.53
N THR A 307 19.98 -23.34 -10.91
CA THR A 307 20.19 -24.58 -11.65
C THR A 307 18.94 -24.97 -12.43
N THR A 308 17.79 -24.84 -11.79
CA THR A 308 16.51 -25.15 -12.42
C THR A 308 16.25 -24.30 -13.66
N SER A 309 16.47 -22.99 -13.54
CA SER A 309 16.23 -22.09 -14.66
C SER A 309 17.28 -22.19 -15.76
N VAL A 310 18.56 -22.37 -15.39
CA VAL A 310 19.61 -22.50 -16.39
C VAL A 310 19.52 -23.83 -17.16
N THR A 311 19.33 -24.93 -16.46
CA THR A 311 19.14 -26.22 -17.12
C THR A 311 17.87 -26.22 -17.95
N GLY A 312 16.84 -25.55 -17.45
CA GLY A 312 15.59 -25.42 -18.18
C GLY A 312 15.78 -24.62 -19.46
N ALA A 313 16.51 -23.52 -19.37
CA ALA A 313 16.82 -22.70 -20.54
C ALA A 313 17.58 -23.49 -21.59
N ALA A 314 18.58 -24.25 -21.15
CA ALA A 314 19.37 -25.08 -22.05
C ALA A 314 18.53 -26.18 -22.67
N TYR A 315 17.62 -26.74 -21.88
CA TYR A 315 16.76 -27.82 -22.35
C TYR A 315 15.83 -27.33 -23.47
N GLY A 316 15.21 -26.17 -23.25
CA GLY A 316 14.32 -25.59 -24.24
C GLY A 316 15.08 -25.20 -25.50
N GLU A 317 16.34 -24.84 -25.33
CA GLU A 317 17.23 -24.51 -26.43
C GLU A 317 17.68 -25.79 -27.16
N ARG A 318 17.33 -26.94 -26.59
CA ARG A 318 17.73 -28.25 -27.10
C ARG A 318 19.26 -28.35 -27.16
N ASN A 319 19.90 -27.87 -26.11
CA ASN A 319 21.36 -27.86 -26.01
C ASN A 319 21.80 -28.68 -24.80
N VAL A 320 21.91 -29.99 -25.00
CA VAL A 320 22.20 -30.92 -23.91
C VAL A 320 23.59 -30.69 -23.30
N GLU A 321 24.55 -30.30 -24.14
CA GLU A 321 25.91 -30.04 -23.68
C GLU A 321 25.97 -28.87 -22.72
N LYS A 322 25.23 -27.82 -23.04
CA LYS A 322 25.13 -26.65 -22.18
C LYS A 322 24.39 -27.04 -20.90
N LEU A 323 23.40 -27.90 -21.05
CA LEU A 323 22.63 -28.42 -19.91
C LEU A 323 23.57 -29.20 -18.99
N GLU A 324 24.39 -30.06 -19.60
CA GLU A 324 25.37 -30.84 -18.85
C GLU A 324 26.38 -29.94 -18.13
N THR A 325 26.90 -28.95 -18.84
CA THR A 325 27.87 -28.01 -18.28
C THR A 325 27.31 -27.28 -17.07
N ALA A 326 26.10 -26.75 -17.19
CA ALA A 326 25.44 -26.03 -16.11
C ALA A 326 25.22 -26.94 -14.91
N TYR A 327 24.71 -28.15 -15.17
CA TYR A 327 24.45 -29.13 -14.14
C TYR A 327 25.69 -29.51 -13.33
N LEU A 328 26.77 -29.84 -14.04
CA LEU A 328 28.03 -30.25 -13.39
C LEU A 328 28.73 -29.10 -12.69
N TYR A 329 28.66 -27.92 -13.29
CA TYR A 329 29.29 -26.73 -12.72
C TYR A 329 28.62 -26.33 -11.41
N ALA A 330 27.30 -26.48 -11.36
CA ALA A 330 26.53 -26.14 -10.17
C ALA A 330 26.88 -27.03 -8.98
N ILE A 331 27.06 -28.33 -9.25
CA ILE A 331 27.48 -29.26 -8.22
C ILE A 331 28.88 -28.91 -7.73
N LYS A 332 29.74 -28.56 -8.68
CA LYS A 332 31.12 -28.21 -8.39
C LYS A 332 31.24 -26.98 -7.48
N ILE A 333 30.49 -25.93 -7.81
CA ILE A 333 30.52 -24.69 -7.04
C ILE A 333 29.86 -24.86 -5.66
N ALA A 334 28.72 -25.55 -5.64
CA ALA A 334 28.02 -25.81 -4.38
C ALA A 334 28.87 -26.66 -3.44
N PHE A 335 29.56 -27.64 -4.00
CA PHE A 335 30.43 -28.52 -3.24
C PHE A 335 31.58 -27.75 -2.58
N MET A 336 32.16 -26.81 -3.32
CA MET A 336 33.25 -25.98 -2.79
C MET A 336 32.75 -25.01 -1.73
N ILE A 337 31.55 -24.47 -1.94
CA ILE A 337 30.92 -23.58 -0.96
C ILE A 337 30.66 -24.33 0.34
N GLU A 338 30.07 -25.53 0.23
CA GLU A 338 29.81 -26.37 1.39
C GLU A 338 31.08 -26.74 2.14
N LEU A 339 32.13 -27.04 1.38
CA LEU A 339 33.43 -27.43 1.93
C LEU A 339 33.92 -26.40 2.94
N ALA A 340 33.83 -25.13 2.58
CA ALA A 340 34.19 -24.03 3.47
C ALA A 340 33.27 -23.97 4.70
N VAL A 341 31.96 -23.95 4.44
CA VAL A 341 30.96 -23.94 5.50
C VAL A 341 31.17 -25.04 6.53
N VAL A 342 31.39 -26.27 6.05
CA VAL A 342 31.55 -27.43 6.92
C VAL A 342 32.86 -27.42 7.71
N ALA A 343 33.95 -27.13 7.01
CA ALA A 343 35.23 -26.92 7.65
C ALA A 343 35.10 -25.87 8.75
N PHE A 344 34.35 -24.82 8.44
CA PHE A 344 34.13 -23.70 9.38
C PHE A 344 33.31 -24.11 10.61
N ILE A 345 32.19 -24.79 10.39
CA ILE A 345 31.34 -25.24 11.49
C ILE A 345 32.09 -26.21 12.41
N MET A 346 32.89 -27.08 11.82
CA MET A 346 33.71 -28.02 12.58
C MET A 346 34.76 -27.30 13.45
N LEU A 347 35.42 -26.31 12.87
CA LEU A 347 36.47 -25.58 13.56
C LEU A 347 35.97 -24.74 14.73
N PHE A 348 34.76 -24.21 14.59
CA PHE A 348 34.20 -23.37 15.63
C PHE A 348 32.97 -23.99 16.27
N ALA A 349 32.88 -25.32 16.24
CA ALA A 349 31.79 -26.03 16.89
C ALA A 349 31.64 -25.71 18.38
N PRO A 350 32.75 -25.65 19.13
CA PRO A 350 32.55 -25.21 20.52
C PRO A 350 31.92 -23.82 20.63
N GLN A 351 32.22 -22.90 19.72
CA GLN A 351 31.67 -21.54 19.79
C GLN A 351 30.21 -21.46 19.31
N VAL A 352 29.84 -22.26 18.33
CA VAL A 352 28.49 -22.23 17.80
C VAL A 352 27.53 -22.88 18.77
N ALA A 353 27.83 -24.12 19.16
CA ALA A 353 27.08 -24.81 20.21
C ALA A 353 26.93 -23.93 21.46
N TYR A 354 28.02 -23.27 21.83
CA TYR A 354 28.11 -22.38 23.00
C TYR A 354 26.95 -21.39 23.09
N LEU A 355 26.74 -20.62 22.03
CA LEU A 355 25.68 -19.61 21.98
C LEU A 355 24.38 -20.12 22.59
N PHE A 356 23.83 -21.16 21.97
CA PHE A 356 22.57 -21.79 22.36
C PHE A 356 22.67 -22.37 23.77
N THR A 357 23.60 -23.30 23.96
CA THR A 357 23.73 -24.10 25.19
C THR A 357 23.97 -23.25 26.43
N TYR A 358 24.97 -22.38 26.38
CA TYR A 358 25.14 -21.44 27.48
C TYR A 358 23.85 -20.70 27.68
N SER A 359 23.37 -20.09 26.60
CA SER A 359 22.29 -19.10 26.66
C SER A 359 21.22 -19.53 27.64
N GLU A 360 20.78 -20.77 27.53
CA GLU A 360 19.98 -21.33 28.59
C GLU A 360 20.89 -22.07 29.55
N SER A 361 21.24 -21.40 30.63
CA SER A 361 22.21 -21.89 31.60
C SER A 361 21.75 -23.16 32.31
N ALA A 362 20.44 -23.27 32.54
CA ALA A 362 19.88 -24.39 33.29
C ALA A 362 19.98 -25.73 32.55
N GLN A 363 19.70 -25.75 31.26
CA GLN A 363 19.94 -26.97 30.48
C GLN A 363 21.32 -26.96 29.85
N VAL A 364 21.94 -28.14 29.78
CA VAL A 364 23.25 -28.29 29.16
C VAL A 364 23.31 -29.55 28.31
N ILE A 365 23.62 -29.37 27.04
CA ILE A 365 23.74 -30.46 26.08
C ILE A 365 24.91 -30.21 25.14
N LYS A 366 25.79 -29.28 25.51
CA LYS A 366 26.91 -28.91 24.64
C LYS A 366 27.84 -30.08 24.38
N GLY A 367 27.99 -30.94 25.37
CA GLY A 367 28.87 -32.09 25.27
C GLY A 367 28.53 -33.01 24.11
N ASP A 368 27.24 -33.05 23.77
CA ASP A 368 26.75 -33.89 22.68
C ASP A 368 26.54 -33.10 21.39
N LEU A 369 26.13 -31.84 21.53
CA LEU A 369 25.97 -30.98 20.36
C LEU A 369 27.31 -30.76 19.65
N ILE A 370 28.36 -30.49 20.45
CA ILE A 370 29.71 -30.32 19.92
C ILE A 370 30.16 -31.56 19.16
N SER A 371 29.92 -32.74 19.72
CA SER A 371 30.15 -34.01 19.03
C SER A 371 29.35 -34.08 17.73
N ALA A 372 28.09 -33.69 17.81
CA ALA A 372 27.20 -33.72 16.66
C ALA A 372 27.64 -32.75 15.57
N LEU A 373 28.27 -31.65 15.97
CA LEU A 373 28.77 -30.66 15.02
C LEU A 373 30.09 -31.07 14.39
N ARG A 374 30.65 -32.17 14.87
CA ARG A 374 31.87 -32.71 14.28
C ARG A 374 31.59 -33.94 13.43
N THR A 375 30.31 -34.30 13.30
CA THR A 375 29.91 -35.48 12.55
C THR A 375 28.84 -35.15 11.51
N LEU A 376 27.73 -34.59 11.96
CA LEU A 376 26.60 -34.31 11.09
C LEU A 376 26.89 -33.39 9.88
N PRO A 377 27.56 -32.24 10.10
CA PRO A 377 27.79 -31.31 8.98
C PRO A 377 28.38 -31.94 7.72
N VAL A 378 29.14 -33.03 7.87
CA VAL A 378 29.72 -33.73 6.73
C VAL A 378 28.69 -34.02 5.63
N PHE A 379 27.42 -34.19 6.01
CA PHE A 379 26.36 -34.43 5.03
C PHE A 379 26.18 -33.28 4.04
N LEU A 380 26.64 -32.09 4.42
CA LEU A 380 26.49 -30.90 3.59
C LEU A 380 27.28 -30.96 2.28
N VAL A 381 28.43 -31.64 2.28
CA VAL A 381 29.24 -31.73 1.05
C VAL A 381 28.69 -32.74 0.04
N LEU A 382 27.72 -33.54 0.48
CA LEU A 382 27.11 -34.55 -0.38
C LEU A 382 25.70 -34.13 -0.82
N THR A 383 25.15 -33.15 -0.11
CA THR A 383 23.85 -32.56 -0.46
C THR A 383 23.76 -31.99 -1.90
N PRO A 384 24.82 -31.30 -2.38
CA PRO A 384 24.74 -30.76 -3.73
C PRO A 384 24.41 -31.80 -4.79
N PHE A 385 24.94 -33.01 -4.62
CA PHE A 385 24.74 -34.08 -5.59
C PHE A 385 23.26 -34.47 -5.71
N GLY A 386 22.55 -34.51 -4.59
CA GLY A 386 21.14 -34.80 -4.62
C GLY A 386 20.32 -33.58 -5.02
N MET A 387 20.71 -32.40 -4.55
CA MET A 387 19.89 -31.22 -4.76
C MET A 387 20.03 -30.57 -6.13
N MET A 388 21.22 -30.56 -6.71
CA MET A 388 21.37 -30.06 -8.08
C MET A 388 20.72 -30.99 -9.09
N THR A 389 20.83 -32.30 -8.84
CA THR A 389 20.19 -33.30 -9.67
C THR A 389 18.68 -33.09 -9.63
N SER A 390 18.16 -32.87 -8.43
CA SER A 390 16.74 -32.61 -8.25
C SER A 390 16.32 -31.33 -8.94
N ALA A 391 17.14 -30.29 -8.81
CA ALA A 391 16.87 -29.02 -9.47
C ALA A 391 16.88 -29.18 -10.98
N MET A 392 17.79 -30.01 -11.48
CA MET A 392 17.91 -30.24 -12.92
C MET A 392 16.69 -31.00 -13.46
N PHE A 393 16.20 -31.97 -12.70
CA PHE A 393 15.00 -32.71 -13.05
C PHE A 393 13.81 -31.76 -13.17
N GLN A 394 13.72 -30.82 -12.22
CA GLN A 394 12.68 -29.80 -12.24
C GLN A 394 12.85 -28.89 -13.45
N GLY A 395 14.11 -28.57 -13.77
CA GLY A 395 14.44 -27.75 -14.92
C GLY A 395 13.95 -28.31 -16.25
N ILE A 396 14.09 -29.61 -16.44
CA ILE A 396 13.66 -30.24 -17.69
C ILE A 396 12.19 -30.65 -17.63
N GLY A 397 11.55 -30.37 -16.50
CA GLY A 397 10.12 -30.59 -16.38
C GLY A 397 9.71 -31.97 -15.90
N GLU A 398 10.65 -32.73 -15.35
CA GLU A 398 10.35 -34.08 -14.88
C GLU A 398 10.39 -34.16 -13.36
N GLY A 399 9.39 -33.56 -12.72
CA GLY A 399 9.33 -33.46 -11.27
C GLY A 399 9.18 -34.76 -10.51
N GLU A 400 8.55 -35.77 -11.14
CA GLU A 400 8.34 -37.05 -10.48
C GLU A 400 9.68 -37.70 -10.14
N LYS A 401 10.67 -37.49 -11.00
CA LYS A 401 12.02 -38.03 -10.78
C LYS A 401 12.69 -37.34 -9.60
N SER A 402 12.45 -36.03 -9.47
CA SER A 402 12.95 -35.27 -8.34
C SER A 402 12.37 -35.77 -7.02
N LEU A 403 11.07 -36.04 -7.04
CA LEU A 403 10.36 -36.57 -5.87
C LEU A 403 10.86 -37.96 -5.49
N ILE A 404 11.04 -38.81 -6.50
CA ILE A 404 11.52 -40.17 -6.29
C ILE A 404 12.89 -40.17 -5.63
N LEU A 405 13.77 -39.29 -6.09
CA LEU A 405 15.10 -39.14 -5.51
C LEU A 405 15.04 -38.67 -4.06
N THR A 406 14.15 -37.72 -3.78
CA THR A 406 14.00 -37.16 -2.44
C THR A 406 13.51 -38.22 -1.44
N ILE A 407 12.51 -38.98 -1.87
CA ILE A 407 11.99 -40.09 -1.06
C ILE A 407 13.09 -41.10 -0.78
N PHE A 408 13.86 -41.46 -1.80
CA PHE A 408 14.95 -42.41 -1.66
C PHE A 408 16.00 -41.89 -0.66
N ARG A 409 16.33 -40.61 -0.73
CA ARG A 409 17.31 -40.05 0.17
CA ARG A 409 17.30 -40.03 0.17
C ARG A 409 16.78 -39.96 1.60
N THR A 410 15.68 -39.23 1.77
CA THR A 410 15.15 -38.93 3.09
C THR A 410 14.48 -40.12 3.80
N LEU A 411 13.43 -40.66 3.19
CA LEU A 411 12.66 -41.73 3.83
C LEU A 411 13.39 -43.08 3.89
N VAL A 412 14.13 -43.42 2.85
CA VAL A 412 14.79 -44.72 2.79
C VAL A 412 16.21 -44.73 3.34
N MET A 413 17.10 -43.94 2.74
CA MET A 413 18.52 -43.96 3.14
C MET A 413 18.84 -43.35 4.50
N GLN A 414 18.50 -42.09 4.72
CA GLN A 414 18.77 -41.40 5.98
C GLN A 414 18.06 -42.04 7.18
N VAL A 415 16.74 -42.23 7.06
CA VAL A 415 15.95 -42.85 8.11
C VAL A 415 16.40 -44.29 8.33
N GLY A 416 16.60 -45.02 7.23
CA GLY A 416 17.04 -46.40 7.29
C GLY A 416 18.38 -46.60 7.99
N PHE A 417 19.38 -45.81 7.63
CA PHE A 417 20.70 -45.94 8.21
C PHE A 417 20.74 -45.46 9.67
N ALA A 418 20.04 -44.38 9.96
CA ALA A 418 19.95 -43.86 11.33
C ALA A 418 19.27 -44.90 12.23
N TYR A 419 18.18 -45.48 11.74
CA TYR A 419 17.44 -46.51 12.46
C TYR A 419 18.32 -47.71 12.80
N ILE A 420 19.00 -48.25 11.78
CA ILE A 420 19.80 -49.46 11.91
C ILE A 420 20.97 -49.29 12.88
N PHE A 421 21.69 -48.17 12.76
CA PHE A 421 22.83 -47.90 13.64
C PHE A 421 22.44 -47.79 15.11
N VAL A 422 21.33 -47.09 15.37
CA VAL A 422 20.83 -46.94 16.72
C VAL A 422 20.38 -48.27 17.32
N HIS A 423 19.73 -49.10 16.50
CA HIS A 423 19.16 -50.34 17.00
C HIS A 423 20.13 -51.52 17.08
N TYR A 424 20.99 -51.66 16.07
CA TYR A 424 21.81 -52.86 15.94
C TYR A 424 23.30 -52.63 16.21
N THR A 425 23.63 -51.44 16.73
CA THR A 425 25.02 -51.12 17.06
C THR A 425 25.17 -50.43 18.41
N THR A 426 26.43 -50.18 18.79
CA THR A 426 26.79 -49.55 20.05
C THR A 426 26.86 -48.02 19.88
N LEU A 427 26.82 -47.57 18.62
CA LEU A 427 26.96 -46.16 18.25
C LEU A 427 26.12 -45.17 19.07
N GLY A 428 24.90 -45.54 19.42
CA GLY A 428 24.06 -44.68 20.23
C GLY A 428 23.58 -43.43 19.52
N LEU A 429 23.38 -42.35 20.28
CA LEU A 429 22.93 -41.07 19.74
C LEU A 429 23.77 -40.60 18.56
N ARG A 430 25.09 -40.74 18.69
CA ARG A 430 26.02 -40.40 17.63
C ARG A 430 25.74 -41.23 16.37
N GLY A 431 25.13 -42.40 16.55
CA GLY A 431 24.72 -43.24 15.44
C GLY A 431 23.69 -42.58 14.53
N VAL A 432 22.87 -41.70 15.10
CA VAL A 432 21.90 -40.95 14.29
C VAL A 432 22.63 -40.07 13.27
N TRP A 433 23.67 -39.37 13.72
CA TRP A 433 24.43 -38.50 12.83
C TRP A 433 25.19 -39.31 11.77
N ILE A 434 25.77 -40.44 12.19
CA ILE A 434 26.50 -41.31 11.27
C ILE A 434 25.56 -41.87 10.22
N GLY A 435 24.39 -42.33 10.65
CA GLY A 435 23.41 -42.89 9.73
C GLY A 435 22.96 -41.91 8.67
N ILE A 436 22.68 -40.68 9.07
CA ILE A 436 22.27 -39.63 8.15
C ILE A 436 23.34 -39.34 7.11
N VAL A 437 24.59 -39.22 7.56
CA VAL A 437 25.72 -38.96 6.66
C VAL A 437 25.92 -40.11 5.66
N ILE A 438 25.97 -41.34 6.18
CA ILE A 438 26.14 -42.51 5.34
C ILE A 438 24.99 -42.65 4.35
N GLY A 439 23.77 -42.47 4.83
CA GLY A 439 22.59 -42.52 3.98
C GLY A 439 22.64 -41.47 2.89
N ASN A 440 23.13 -40.29 3.25
CA ASN A 440 23.30 -39.20 2.29
C ASN A 440 24.36 -39.54 1.26
N MET A 441 25.40 -40.25 1.70
CA MET A 441 26.51 -40.63 0.84
C MET A 441 26.03 -41.56 -0.28
N VAL A 442 25.18 -42.52 0.09
CA VAL A 442 24.62 -43.45 -0.88
C VAL A 442 23.66 -42.73 -1.83
N ALA A 443 22.83 -41.86 -1.27
CA ALA A 443 21.87 -41.09 -2.07
C ALA A 443 22.56 -40.12 -3.03
N ALA A 444 23.70 -39.59 -2.60
CA ALA A 444 24.49 -38.70 -3.45
C ALA A 444 24.98 -39.45 -4.69
N ILE A 445 25.46 -40.67 -4.46
CA ILE A 445 25.92 -41.53 -5.54
C ILE A 445 24.78 -41.84 -6.51
N VAL A 446 23.63 -42.25 -5.97
CA VAL A 446 22.45 -42.54 -6.77
C VAL A 446 22.00 -41.31 -7.56
N GLY A 447 21.94 -40.17 -6.90
CA GLY A 447 21.53 -38.93 -7.54
C GLY A 447 22.44 -38.51 -8.69
N PHE A 448 23.75 -38.55 -8.46
CA PHE A 448 24.72 -38.10 -9.46
C PHE A 448 24.71 -38.99 -10.70
N LEU A 449 24.71 -40.30 -10.48
CA LEU A 449 24.69 -41.25 -11.58
C LEU A 449 23.40 -41.13 -12.38
N TRP A 450 22.30 -40.93 -11.67
CA TRP A 450 20.99 -40.77 -12.31
C TRP A 450 20.92 -39.49 -13.13
N GLY A 451 21.40 -38.38 -12.56
CA GLY A 451 21.42 -37.11 -13.26
C GLY A 451 22.23 -37.18 -14.54
N ARG A 452 23.46 -37.67 -14.44
CA ARG A 452 24.33 -37.83 -15.61
C ARG A 452 23.75 -38.80 -16.62
N MET A 453 23.07 -39.83 -16.13
CA MET A 453 22.42 -40.82 -16.97
C MET A 453 21.30 -40.17 -17.76
N ARG A 454 20.53 -39.33 -17.09
CA ARG A 454 19.40 -38.65 -17.71
C ARG A 454 19.87 -37.67 -18.77
N ILE A 455 20.94 -36.94 -18.46
CA ILE A 455 21.50 -35.97 -19.39
C ILE A 455 22.02 -36.66 -20.66
N SER A 456 22.81 -37.71 -20.47
CA SER A 456 23.39 -38.43 -21.58
C SER A 456 22.34 -39.08 -22.48
N ALA A 457 21.21 -39.46 -21.91
CA ALA A 457 20.12 -40.03 -22.68
C ALA A 457 19.48 -38.97 -23.58
N LEU A 458 19.57 -37.72 -23.16
CA LEU A 458 19.07 -36.60 -23.96
C LEU A 458 19.94 -36.33 -25.18
N LYS A 459 21.25 -36.53 -25.01
CA LYS A 459 22.21 -36.47 -26.11
C LYS A 459 21.82 -37.43 -27.22
N LYS A 460 21.64 -38.69 -26.83
CA LYS A 460 21.16 -39.74 -27.73
C LYS A 460 19.90 -39.31 -28.45
N THR A 461 18.94 -38.79 -27.69
CA THR A 461 17.67 -38.35 -28.25
C THR A 461 17.83 -37.19 -29.26
N SER A 462 18.59 -36.15 -28.89
CA SER A 462 18.81 -35.01 -29.80
C SER A 462 19.47 -35.45 -31.10
N ALA A 463 20.36 -36.42 -31.01
CA ALA A 463 20.96 -37.04 -32.19
C ALA A 463 19.94 -37.90 -32.91
N GLU B 10 17.10 1.31 46.19
CA GLU B 10 17.29 1.72 44.80
C GLU B 10 16.85 0.62 43.84
N LYS B 11 16.14 1.00 42.78
CA LYS B 11 15.72 0.04 41.77
C LYS B 11 16.90 -0.37 40.91
N THR B 12 16.68 -1.39 40.08
CA THR B 12 17.72 -1.85 39.16
C THR B 12 17.09 -2.53 37.95
N THR B 13 17.82 -2.54 36.84
CA THR B 13 17.35 -3.20 35.64
C THR B 13 18.30 -4.34 35.29
N LYS B 14 17.89 -5.17 34.35
CA LYS B 14 18.73 -6.29 33.92
C LYS B 14 19.99 -5.80 33.22
N GLY B 15 19.96 -4.58 32.71
CA GLY B 15 21.11 -3.99 32.06
C GLY B 15 22.11 -3.46 33.08
N VAL B 16 21.59 -2.92 34.18
CA VAL B 16 22.44 -2.43 35.26
C VAL B 16 23.08 -3.59 36.02
N GLN B 17 22.32 -4.67 36.20
CA GLN B 17 22.85 -5.87 36.82
C GLN B 17 24.01 -6.45 36.03
N LEU B 18 23.90 -6.42 34.70
CA LEU B 18 24.99 -6.84 33.83
C LEU B 18 26.21 -5.95 34.06
N LEU B 19 25.96 -4.65 34.17
CA LEU B 19 27.02 -3.67 34.34
C LEU B 19 27.75 -3.83 35.67
N ARG B 20 27.05 -4.34 36.66
CA ARG B 20 27.61 -4.51 38.00
C ARG B 20 28.01 -5.96 38.28
N GLY B 21 27.67 -6.84 37.34
CA GLY B 21 27.96 -8.26 37.50
C GLY B 21 29.34 -8.64 37.01
N ASP B 22 29.48 -9.89 36.58
CA ASP B 22 30.75 -10.38 36.06
C ASP B 22 31.14 -9.63 34.79
N PRO B 23 32.36 -9.09 34.77
CA PRO B 23 32.86 -8.27 33.66
C PRO B 23 32.90 -9.03 32.33
N LYS B 24 33.33 -10.28 32.35
CA LYS B 24 33.40 -11.09 31.15
C LYS B 24 32.02 -11.36 30.57
N LYS B 25 31.07 -11.66 31.45
CA LYS B 25 29.69 -11.87 31.04
C LYS B 25 29.11 -10.57 30.48
N ALA B 26 29.52 -9.46 31.08
CA ALA B 26 29.07 -8.14 30.64
C ALA B 26 29.57 -7.82 29.23
N ILE B 27 30.84 -8.10 28.98
CA ILE B 27 31.44 -7.86 27.66
C ILE B 27 30.70 -8.64 26.57
N VAL B 28 30.37 -9.89 26.85
CA VAL B 28 29.71 -10.74 25.86
C VAL B 28 28.28 -10.29 25.58
N ARG B 29 27.50 -10.08 26.63
CA ARG B 29 26.08 -9.77 26.48
C ARG B 29 25.81 -8.34 26.02
N LEU B 30 26.80 -7.46 26.15
CA LEU B 30 26.65 -6.07 25.73
C LEU B 30 27.19 -5.81 24.33
N SER B 31 28.18 -6.59 23.91
CA SER B 31 28.80 -6.37 22.61
C SER B 31 28.00 -7.02 21.48
N ILE B 32 27.49 -8.21 21.72
CA ILE B 32 26.72 -8.96 20.71
C ILE B 32 25.55 -8.19 20.09
N PRO B 33 24.69 -7.55 20.93
CA PRO B 33 23.62 -6.76 20.30
C PRO B 33 24.16 -5.60 19.47
N MET B 34 25.29 -5.04 19.89
CA MET B 34 25.89 -3.93 19.16
C MET B 34 26.52 -4.37 17.85
N MET B 35 27.08 -5.59 17.84
CA MET B 35 27.62 -6.16 16.61
C MET B 35 26.50 -6.33 15.58
N ILE B 36 25.36 -6.83 16.05
CA ILE B 36 24.20 -7.03 15.19
C ILE B 36 23.67 -5.70 14.64
N GLY B 37 23.54 -4.72 15.53
CA GLY B 37 23.10 -3.39 15.13
C GLY B 37 24.02 -2.76 14.08
N MET B 38 25.32 -2.84 14.34
CA MET B 38 26.31 -2.28 13.44
C MET B 38 26.41 -3.08 12.15
N SER B 39 26.12 -4.36 12.23
CA SER B 39 26.06 -5.21 11.04
C SER B 39 24.98 -4.72 10.07
N VAL B 40 23.82 -4.37 10.60
CA VAL B 40 22.72 -3.85 9.79
C VAL B 40 23.06 -2.47 9.23
N GLN B 41 23.68 -1.63 10.05
CA GLN B 41 24.14 -0.31 9.62
C GLN B 41 25.13 -0.44 8.46
N THR B 42 26.04 -1.41 8.58
CA THR B 42 27.04 -1.66 7.54
C THR B 42 26.39 -2.17 6.26
N LEU B 43 25.42 -3.07 6.42
CA LEU B 43 24.66 -3.58 5.29
C LEU B 43 23.89 -2.46 4.58
N TYR B 44 23.41 -1.48 5.35
CA TYR B 44 22.75 -0.32 4.76
C TYR B 44 23.73 0.46 3.90
N ASN B 45 24.91 0.75 4.45
CA ASN B 45 25.94 1.48 3.75
C ASN B 45 26.32 0.82 2.43
N LEU B 46 26.48 -0.49 2.48
CA LEU B 46 26.87 -1.28 1.32
C LEU B 46 25.80 -1.21 0.25
N ALA B 47 24.55 -1.41 0.66
CA ALA B 47 23.42 -1.36 -0.26
C ALA B 47 23.26 0.03 -0.88
N ASP B 48 23.37 1.07 -0.05
CA ASP B 48 23.22 2.44 -0.53
C ASP B 48 24.28 2.79 -1.55
N GLY B 49 25.51 2.33 -1.33
CA GLY B 49 26.58 2.57 -2.28
C GLY B 49 26.30 1.92 -3.62
N ILE B 50 25.62 0.78 -3.59
CA ILE B 50 25.25 0.07 -4.81
C ILE B 50 24.11 0.79 -5.57
N TRP B 51 23.08 1.20 -4.85
CA TRP B 51 21.94 1.88 -5.46
C TRP B 51 22.38 3.18 -6.15
N VAL B 52 23.27 3.92 -5.50
CA VAL B 52 23.75 5.18 -6.04
C VAL B 52 24.65 4.97 -7.26
N SER B 53 25.39 3.86 -7.25
CA SER B 53 26.34 3.57 -8.32
C SER B 53 25.68 3.41 -9.68
N GLY B 54 24.37 3.15 -9.68
CA GLY B 54 23.63 2.97 -10.92
C GLY B 54 22.83 4.19 -11.33
N LEU B 55 23.27 5.37 -10.90
CA LEU B 55 22.53 6.59 -11.17
C LEU B 55 23.19 7.50 -12.21
N GLY B 56 24.52 7.50 -12.25
CA GLY B 56 25.23 8.32 -13.21
C GLY B 56 26.38 9.09 -12.61
N PRO B 57 27.19 9.74 -13.47
CA PRO B 57 28.37 10.52 -13.06
C PRO B 57 28.02 11.67 -12.13
N GLU B 58 26.99 12.43 -12.48
CA GLU B 58 26.60 13.60 -11.70
C GLU B 58 26.18 13.24 -10.28
N SER B 59 25.41 12.17 -10.15
CA SER B 59 24.97 11.70 -8.84
C SER B 59 26.14 11.17 -8.03
N LEU B 60 27.07 10.50 -8.71
CA LEU B 60 28.25 9.95 -8.05
C LEU B 60 29.17 11.06 -7.58
N ALA B 61 29.30 12.10 -8.40
CA ALA B 61 30.10 13.26 -8.05
C ALA B 61 29.47 14.06 -6.91
N ALA B 62 28.14 14.05 -6.86
CA ALA B 62 27.41 14.74 -5.80
C ALA B 62 27.68 14.07 -4.45
N VAL B 63 27.77 12.74 -4.47
CA VAL B 63 28.07 11.96 -3.28
C VAL B 63 29.38 12.38 -2.63
N GLY B 64 30.41 12.57 -3.46
CA GLY B 64 31.71 12.99 -2.96
C GLY B 64 31.69 14.35 -2.31
N LEU B 65 30.68 15.14 -2.64
CA LEU B 65 30.55 16.49 -2.07
C LEU B 65 29.87 16.49 -0.70
N PHE B 66 28.75 15.78 -0.56
CA PHE B 66 28.03 15.80 0.70
C PHE B 66 28.50 14.75 1.72
N PHE B 67 29.29 13.78 1.26
CA PHE B 67 29.78 12.72 2.14
C PHE B 67 30.60 13.21 3.34
N PRO B 68 31.58 14.11 3.12
CA PRO B 68 32.31 14.61 4.29
C PRO B 68 31.42 15.40 5.24
N VAL B 69 30.35 15.99 4.72
CA VAL B 69 29.37 16.69 5.56
C VAL B 69 28.59 15.68 6.38
N PHE B 70 28.13 14.62 5.72
CA PHE B 70 27.38 13.55 6.37
C PHE B 70 28.20 12.88 7.47
N MET B 71 29.49 12.69 7.22
CA MET B 71 30.38 12.10 8.20
C MET B 71 30.56 13.04 9.38
N GLY B 72 30.62 14.34 9.11
CA GLY B 72 30.74 15.34 10.15
C GLY B 72 29.55 15.34 11.09
N ILE B 73 28.36 15.17 10.53
CA ILE B 73 27.14 15.11 11.31
C ILE B 73 27.14 13.89 12.23
N ILE B 74 27.46 12.73 11.65
CA ILE B 74 27.50 11.48 12.40
C ILE B 74 28.58 11.50 13.48
N ALA B 75 29.76 12.01 13.14
CA ALA B 75 30.87 12.09 14.08
C ALA B 75 30.50 12.91 15.30
N LEU B 76 29.84 14.04 15.07
CA LEU B 76 29.38 14.89 16.17
C LEU B 76 28.28 14.20 16.95
N ALA B 77 27.35 13.57 16.24
CA ALA B 77 26.23 12.90 16.88
C ALA B 77 26.69 11.70 17.72
N ALA B 78 27.44 10.81 17.09
CA ALA B 78 27.94 9.61 17.79
C ALA B 78 28.89 9.99 18.90
N GLY B 79 29.64 11.08 18.70
CA GLY B 79 30.56 11.58 19.70
C GLY B 79 29.85 11.97 20.98
N LEU B 80 28.76 12.70 20.85
CA LEU B 80 27.97 13.10 22.01
C LEU B 80 27.37 11.87 22.68
N GLY B 81 27.00 10.88 21.88
CA GLY B 81 26.46 9.64 22.39
C GLY B 81 27.45 8.86 23.23
N VAL B 82 28.69 8.81 22.78
CA VAL B 82 29.75 8.10 23.49
C VAL B 82 30.05 8.75 24.83
N GLY B 83 30.16 10.08 24.82
CA GLY B 83 30.39 10.84 26.04
C GLY B 83 29.24 10.66 27.01
N THR B 84 28.04 10.57 26.46
CA THR B 84 26.84 10.32 27.27
C THR B 84 26.89 8.93 27.88
N SER B 85 27.26 7.96 27.06
CA SER B 85 27.27 6.56 27.47
C SER B 85 28.30 6.29 28.58
N SER B 86 29.47 6.89 28.44
CA SER B 86 30.56 6.65 29.40
C SER B 86 30.30 7.35 30.72
N ALA B 87 29.77 8.57 30.64
CA ALA B 87 29.45 9.34 31.84
C ALA B 87 28.37 8.64 32.67
N ILE B 88 27.35 8.11 31.99
CA ILE B 88 26.27 7.41 32.68
C ILE B 88 26.77 6.13 33.32
N ALA B 89 27.57 5.36 32.57
CA ALA B 89 28.09 4.09 33.05
C ALA B 89 28.95 4.26 34.31
N ARG B 90 29.68 5.37 34.38
CA ARG B 90 30.52 5.65 35.55
C ARG B 90 29.69 5.99 36.79
N ARG B 91 28.58 6.68 36.59
CA ARG B 91 27.70 7.03 37.70
C ARG B 91 27.01 5.80 38.26
N ILE B 92 26.60 4.90 37.36
CA ILE B 92 25.92 3.67 37.75
C ILE B 92 26.86 2.76 38.54
N GLY B 93 28.10 2.66 38.08
CA GLY B 93 29.10 1.90 38.79
C GLY B 93 29.37 2.48 40.16
N ALA B 94 29.37 3.81 40.24
CA ALA B 94 29.59 4.51 41.49
C ALA B 94 28.30 4.58 42.31
N ARG B 95 27.25 3.94 41.82
CA ARG B 95 25.93 3.96 42.44
C ARG B 95 25.44 5.37 42.69
N ASP B 96 25.71 6.26 41.74
CA ASP B 96 25.26 7.64 41.81
C ASP B 96 24.04 7.81 40.90
N LYS B 97 22.86 7.51 41.44
CA LYS B 97 21.61 7.54 40.69
C LYS B 97 21.29 8.94 40.19
N GLU B 98 21.43 9.93 41.08
CA GLU B 98 21.14 11.32 40.74
C GLU B 98 22.11 11.83 39.68
N GLY B 99 23.34 11.30 39.70
CA GLY B 99 24.34 11.68 38.73
C GLY B 99 24.01 11.16 37.35
N ALA B 100 23.62 9.89 37.27
CA ALA B 100 23.27 9.27 36.01
C ALA B 100 22.07 9.98 35.37
N ASP B 101 21.09 10.33 36.19
CA ASP B 101 19.91 11.04 35.71
C ASP B 101 20.29 12.42 35.18
N ASN B 102 21.17 13.10 35.92
CA ASN B 102 21.55 14.47 35.56
C ASN B 102 22.35 14.51 34.25
N VAL B 103 23.13 13.47 34.01
CA VAL B 103 23.89 13.36 32.77
C VAL B 103 22.95 13.10 31.59
N ALA B 104 21.99 12.20 31.79
CA ALA B 104 21.01 11.86 30.77
C ALA B 104 20.19 13.07 30.34
N VAL B 105 19.74 13.86 31.31
CA VAL B 105 18.97 15.06 31.03
C VAL B 105 19.83 16.11 30.32
N HIS B 106 21.08 16.25 30.78
CA HIS B 106 22.03 17.18 30.15
C HIS B 106 22.28 16.82 28.70
N SER B 107 22.50 15.53 28.43
CA SER B 107 22.81 15.06 27.08
C SER B 107 21.64 15.28 26.12
N LEU B 108 20.42 15.08 26.62
CA LEU B 108 19.23 15.32 25.81
C LEU B 108 19.09 16.80 25.45
N ILE B 109 19.41 17.67 26.40
CA ILE B 109 19.40 19.11 26.16
C ILE B 109 20.52 19.46 25.17
N LEU B 110 21.68 18.84 25.35
CA LEU B 110 22.80 19.04 24.44
C LEU B 110 22.49 18.53 23.04
N SER B 111 21.62 17.53 22.95
CA SER B 111 21.25 16.96 21.65
C SER B 111 20.51 18.00 20.82
N LEU B 112 19.70 18.82 21.49
CA LEU B 112 18.98 19.89 20.80
C LEU B 112 19.93 21.03 20.45
N ILE B 113 20.78 21.42 21.41
CA ILE B 113 21.73 22.50 21.20
C ILE B 113 22.69 22.18 20.06
N LEU B 114 23.21 20.95 20.05
CA LEU B 114 24.12 20.51 19.01
C LEU B 114 23.42 20.41 17.66
N GLY B 115 22.21 19.85 17.67
CA GLY B 115 21.44 19.69 16.46
C GLY B 115 21.10 21.02 15.81
N VAL B 116 20.74 22.00 16.63
CA VAL B 116 20.42 23.34 16.15
C VAL B 116 21.68 24.04 15.65
N THR B 117 22.78 23.86 16.38
CA THR B 117 24.06 24.48 16.03
C THR B 117 24.54 24.03 14.65
N ILE B 118 24.46 22.73 14.39
CA ILE B 118 24.85 22.17 13.11
C ILE B 118 24.05 22.77 11.96
N THR B 119 22.73 22.83 12.14
CA THR B 119 21.84 23.37 11.12
C THR B 119 22.13 24.83 10.82
N ILE B 120 22.22 25.64 11.88
CA ILE B 120 22.40 27.08 11.74
C ILE B 120 23.75 27.46 11.13
N THR B 121 24.80 26.73 11.49
CA THR B 121 26.14 27.05 11.04
C THR B 121 26.48 26.50 9.65
N MET B 122 25.94 25.32 9.31
CA MET B 122 26.31 24.64 8.07
C MET B 122 25.49 25.02 6.84
N LEU B 123 24.19 25.27 7.03
CA LEU B 123 23.32 25.66 5.91
C LEU B 123 23.80 26.86 5.08
N PRO B 124 24.28 27.94 5.74
CA PRO B 124 24.79 29.05 4.93
C PRO B 124 26.19 28.80 4.37
N ALA B 125 26.81 27.69 4.75
CA ALA B 125 28.21 27.46 4.40
C ALA B 125 28.41 26.43 3.28
N ILE B 126 27.44 25.55 3.09
CA ILE B 126 27.60 24.44 2.14
C ILE B 126 27.77 24.86 0.68
N ASP B 127 27.17 25.99 0.31
CA ASP B 127 27.30 26.48 -1.06
C ASP B 127 28.74 26.86 -1.37
N SER B 128 29.40 27.50 -0.41
CA SER B 128 30.78 27.91 -0.58
C SER B 128 31.73 26.72 -0.51
N LEU B 129 31.48 25.83 0.43
CA LEU B 129 32.33 24.65 0.62
C LEU B 129 32.32 23.72 -0.59
N PHE B 130 31.14 23.54 -1.18
CA PHE B 130 30.98 22.65 -2.33
C PHE B 130 31.67 23.20 -3.58
N ARG B 131 31.74 24.53 -3.69
CA ARG B 131 32.29 25.16 -4.89
C ARG B 131 33.75 25.55 -4.73
N SER B 132 34.27 25.51 -3.51
CA SER B 132 35.66 25.86 -3.25
C SER B 132 36.61 24.83 -3.86
N MET B 133 36.14 23.59 -3.95
CA MET B 133 36.94 22.50 -4.49
C MET B 133 37.08 22.63 -6.01
N GLY B 134 36.11 23.28 -6.63
CA GLY B 134 36.11 23.46 -8.08
C GLY B 134 34.92 22.79 -8.74
N ALA B 135 34.03 22.21 -7.93
CA ALA B 135 32.84 21.54 -8.42
C ALA B 135 31.91 22.52 -9.12
N LYS B 136 31.19 22.04 -10.13
CA LYS B 136 30.34 22.91 -10.94
C LYS B 136 29.18 22.14 -11.57
N GLY B 137 28.02 22.80 -11.64
CA GLY B 137 26.89 22.26 -12.37
C GLY B 137 25.88 21.47 -11.56
N GLU B 138 25.41 20.37 -12.15
CA GLU B 138 24.35 19.55 -11.57
C GLU B 138 24.79 18.87 -10.27
N ALA B 139 26.05 18.43 -10.24
CA ALA B 139 26.59 17.74 -9.07
C ALA B 139 26.50 18.60 -7.81
N VAL B 140 26.73 19.90 -7.97
CA VAL B 140 26.65 20.83 -6.84
C VAL B 140 25.19 21.00 -6.40
N GLU B 141 24.30 21.10 -7.38
CA GLU B 141 22.88 21.26 -7.09
C GLU B 141 22.31 20.03 -6.37
N LEU B 142 22.72 18.84 -6.80
CA LEU B 142 22.28 17.61 -6.15
C LEU B 142 22.86 17.51 -4.74
N ALA B 143 24.12 17.92 -4.60
CA ALA B 143 24.80 17.88 -3.31
C ALA B 143 24.17 18.85 -2.31
N ILE B 144 23.77 20.02 -2.79
CA ILE B 144 23.11 21.01 -1.95
C ILE B 144 21.77 20.50 -1.42
N GLU B 145 20.99 19.91 -2.30
CA GLU B 145 19.69 19.37 -1.92
C GLU B 145 19.84 18.21 -0.93
N TYR B 146 20.83 17.37 -1.18
CA TYR B 146 21.08 16.22 -0.31
C TYR B 146 21.56 16.69 1.06
N ALA B 147 22.51 17.61 1.07
CA ALA B 147 23.08 18.11 2.32
C ALA B 147 22.06 18.87 3.15
N ARG B 148 21.19 19.63 2.49
CA ARG B 148 20.16 20.41 3.16
C ARG B 148 19.25 19.52 4.01
N VAL B 149 18.85 18.38 3.45
CA VAL B 149 17.95 17.45 4.13
C VAL B 149 18.52 16.95 5.46
N LEU B 150 19.77 16.49 5.43
CA LEU B 150 20.39 15.90 6.61
C LEU B 150 20.85 16.94 7.62
N LEU B 151 21.26 18.11 7.13
CA LEU B 151 21.67 19.21 8.00
C LEU B 151 20.47 19.82 8.73
N ALA B 152 19.35 19.91 8.02
CA ALA B 152 18.12 20.44 8.61
C ALA B 152 17.57 19.48 9.67
N GLY B 153 17.64 18.19 9.37
CA GLY B 153 17.17 17.17 10.29
C GLY B 153 18.28 16.63 11.17
N ALA B 154 19.32 17.43 11.36
CA ALA B 154 20.47 17.03 12.16
C ALA B 154 20.10 16.73 13.60
N PHE B 155 19.14 17.47 14.14
CA PHE B 155 18.67 17.24 15.51
C PHE B 155 18.15 15.83 15.70
N ILE B 156 17.40 15.34 14.72
CA ILE B 156 16.83 13.99 14.78
C ILE B 156 17.94 12.96 14.89
N ILE B 157 19.00 13.15 14.12
CA ILE B 157 20.15 12.25 14.11
C ILE B 157 20.87 12.26 15.46
N VAL B 158 21.14 13.46 15.97
CA VAL B 158 21.82 13.61 17.25
C VAL B 158 20.98 13.04 18.39
N PHE B 159 19.67 13.28 18.33
CA PHE B 159 18.74 12.77 19.33
C PHE B 159 18.75 11.24 19.37
N ASN B 160 18.76 10.62 18.20
CA ASN B 160 18.81 9.17 18.12
C ASN B 160 20.10 8.59 18.68
N ASN B 161 21.20 9.28 18.46
CA ASN B 161 22.49 8.84 18.98
C ASN B 161 22.62 9.03 20.49
N VAL B 162 22.06 10.14 20.99
CA VAL B 162 22.08 10.40 22.43
C VAL B 162 21.22 9.37 23.17
N GLY B 163 20.02 9.11 22.64
CA GLY B 163 19.15 8.09 23.20
C GLY B 163 19.80 6.72 23.17
N ASN B 164 20.52 6.45 22.08
CA ASN B 164 21.27 5.21 21.94
C ASN B 164 22.35 5.11 23.01
N GLY B 165 23.04 6.22 23.26
CA GLY B 165 24.09 6.28 24.26
C GLY B 165 23.56 6.10 25.68
N ILE B 166 22.39 6.68 25.96
CA ILE B 166 21.77 6.54 27.27
C ILE B 166 21.44 5.08 27.55
N LEU B 167 20.85 4.42 26.55
CA LEU B 167 20.52 3.01 26.66
C LEU B 167 21.77 2.17 26.86
N ARG B 168 22.81 2.49 26.10
CA ARG B 168 24.08 1.78 26.17
C ARG B 168 24.75 1.98 27.53
N GLY B 169 24.64 3.19 28.06
CA GLY B 169 25.25 3.54 29.32
C GLY B 169 24.70 2.77 30.52
N GLU B 170 23.47 2.29 30.40
CA GLU B 170 22.85 1.54 31.49
C GLU B 170 22.70 0.06 31.18
N GLY B 171 23.54 -0.44 30.29
CA GLY B 171 23.59 -1.87 29.98
C GLY B 171 22.43 -2.36 29.15
N ASP B 172 21.65 -1.42 28.60
CA ASP B 172 20.52 -1.77 27.76
C ASP B 172 20.95 -1.80 26.30
N ALA B 173 21.91 -2.65 25.98
CA ALA B 173 22.40 -2.79 24.62
C ALA B 173 21.33 -3.41 23.71
N ASN B 174 20.43 -4.19 24.31
CA ASN B 174 19.36 -4.82 23.55
C ASN B 174 18.46 -3.83 22.82
N ARG B 175 18.04 -2.77 23.50
CA ARG B 175 17.17 -1.78 22.87
C ARG B 175 17.94 -0.78 22.01
N ALA B 176 19.20 -0.56 22.36
CA ALA B 176 20.10 0.20 21.51
C ALA B 176 20.21 -0.50 20.17
N MET B 177 20.34 -1.82 20.22
CA MET B 177 20.38 -2.65 19.01
C MET B 177 19.10 -2.52 18.20
N LEU B 178 17.96 -2.63 18.88
CA LEU B 178 16.66 -2.58 18.22
C LEU B 178 16.47 -1.25 17.49
N ALA B 179 16.86 -0.15 18.14
CA ALA B 179 16.76 1.18 17.55
C ALA B 179 17.61 1.31 16.30
N MET B 180 18.78 0.67 16.30
CA MET B 180 19.67 0.72 15.15
C MET B 180 19.13 -0.12 13.99
N VAL B 181 18.70 -1.33 14.29
CA VAL B 181 18.12 -2.22 13.28
C VAL B 181 16.85 -1.61 12.70
N LEU B 182 16.05 -0.98 13.56
CA LEU B 182 14.86 -0.28 13.12
C LEU B 182 15.19 0.80 12.10
N GLY B 183 16.18 1.62 12.42
CA GLY B 183 16.58 2.71 11.55
C GLY B 183 17.23 2.26 10.26
N SER B 184 18.24 1.39 10.38
CA SER B 184 18.99 0.95 9.22
C SER B 184 18.19 -0.04 8.36
N GLY B 185 17.42 -0.90 9.03
CA GLY B 185 16.60 -1.86 8.33
C GLY B 185 15.52 -1.19 7.51
N LEU B 186 14.92 -0.14 8.08
CA LEU B 186 13.90 0.63 7.38
C LEU B 186 14.54 1.41 6.24
N ASN B 187 15.74 1.95 6.49
CA ASN B 187 16.45 2.71 5.46
C ASN B 187 16.85 1.82 4.28
N ILE B 188 17.17 0.56 4.58
CA ILE B 188 17.48 -0.41 3.54
C ILE B 188 16.28 -0.64 2.62
N VAL B 189 15.11 -0.79 3.23
CA VAL B 189 13.88 -0.97 2.47
C VAL B 189 13.50 0.28 1.67
N LEU B 190 13.59 1.45 2.32
CA LEU B 190 13.14 2.70 1.71
C LEU B 190 14.07 3.20 0.60
N ASP B 191 15.34 2.82 0.68
CA ASP B 191 16.36 3.33 -0.25
C ASP B 191 16.01 3.14 -1.73
N PRO B 192 15.83 1.88 -2.20
CA PRO B 192 15.56 1.76 -3.63
C PRO B 192 14.14 2.22 -3.99
N ILE B 193 13.25 2.22 -3.01
CA ILE B 193 11.89 2.68 -3.24
C ILE B 193 11.87 4.17 -3.54
N PHE B 194 12.62 4.94 -2.76
CA PHE B 194 12.70 6.39 -2.97
C PHE B 194 13.50 6.75 -4.21
N ILE B 195 14.67 6.14 -4.36
CA ILE B 195 15.57 6.47 -5.45
C ILE B 195 15.00 6.06 -6.82
N TYR B 196 14.55 4.82 -6.93
CA TYR B 196 14.13 4.28 -8.21
C TYR B 196 12.62 4.21 -8.38
N THR B 197 11.97 3.48 -7.48
CA THR B 197 10.53 3.26 -7.58
C THR B 197 9.76 4.58 -7.61
N LEU B 198 10.14 5.51 -6.73
CA LEU B 198 9.44 6.80 -6.64
C LEU B 198 10.12 7.89 -7.46
N GLY B 199 11.25 7.54 -8.08
CA GLY B 199 11.90 8.41 -9.05
C GLY B 199 12.57 9.66 -8.52
N PHE B 200 13.02 9.63 -7.27
CA PHE B 200 13.67 10.78 -6.67
C PHE B 200 15.12 10.96 -7.15
N GLY B 201 15.73 9.87 -7.60
CA GLY B 201 17.14 9.92 -7.93
C GLY B 201 17.95 9.89 -6.65
N VAL B 202 19.17 10.43 -6.71
CA VAL B 202 20.12 10.34 -5.61
C VAL B 202 19.65 10.98 -4.30
N VAL B 203 18.88 12.08 -4.39
CA VAL B 203 18.41 12.75 -3.17
C VAL B 203 17.33 11.94 -2.46
N GLY B 204 16.81 10.92 -3.14
CA GLY B 204 15.87 10.00 -2.54
C GLY B 204 16.49 9.31 -1.34
N ALA B 205 17.79 9.08 -1.40
CA ALA B 205 18.53 8.44 -0.32
C ALA B 205 18.58 9.32 0.92
N ALA B 206 18.59 10.63 0.71
CA ALA B 206 18.59 11.57 1.82
C ALA B 206 17.26 11.54 2.56
N TYR B 207 16.17 11.54 1.80
CA TYR B 207 14.83 11.50 2.38
C TYR B 207 14.53 10.15 3.01
N ALA B 208 15.02 9.08 2.38
CA ALA B 208 14.88 7.73 2.92
C ALA B 208 15.52 7.65 4.31
N THR B 209 16.69 8.27 4.44
CA THR B 209 17.39 8.32 5.72
C THR B 209 16.65 9.18 6.74
N LEU B 210 16.19 10.36 6.32
CA LEU B 210 15.46 11.26 7.21
C LEU B 210 14.21 10.60 7.81
N LEU B 211 13.43 9.95 6.95
CA LEU B 211 12.23 9.24 7.41
C LEU B 211 12.59 8.11 8.38
N SER B 212 13.67 7.39 8.08
CA SER B 212 14.13 6.31 8.93
C SER B 212 14.53 6.82 10.31
N MET B 213 15.18 7.99 10.32
CA MET B 213 15.55 8.63 11.56
C MET B 213 14.34 9.10 12.36
N VAL B 214 13.32 9.60 11.65
CA VAL B 214 12.08 10.06 12.29
C VAL B 214 11.35 8.91 12.98
N VAL B 215 11.16 7.81 12.26
CA VAL B 215 10.53 6.62 12.83
C VAL B 215 11.30 6.10 14.05
N THR B 216 12.62 6.05 13.94
CA THR B 216 13.48 5.62 15.04
C THR B 216 13.30 6.52 16.26
N SER B 217 13.14 7.82 16.02
CA SER B 217 13.01 8.79 17.09
C SER B 217 11.68 8.67 17.83
N LEU B 218 10.64 8.23 17.12
CA LEU B 218 9.35 7.96 17.74
C LEU B 218 9.50 6.89 18.83
N PHE B 219 10.26 5.85 18.53
CA PHE B 219 10.45 4.75 19.47
C PHE B 219 11.39 5.12 20.61
N ILE B 220 12.39 5.94 20.32
CA ILE B 220 13.29 6.42 21.36
C ILE B 220 12.59 7.40 22.31
N ALA B 221 11.80 8.31 21.74
CA ALA B 221 11.00 9.24 22.55
C ALA B 221 9.99 8.46 23.38
N TYR B 222 9.43 7.39 22.81
CA TYR B 222 8.46 6.55 23.50
C TYR B 222 9.06 5.87 24.73
N TRP B 223 10.24 5.27 24.55
CA TRP B 223 10.94 4.61 25.64
C TRP B 223 11.39 5.61 26.71
N LEU B 224 12.00 6.70 26.27
CA LEU B 224 12.58 7.69 27.19
C LEU B 224 11.53 8.49 27.97
N PHE B 225 10.47 8.92 27.28
CA PHE B 225 9.56 9.90 27.84
C PHE B 225 8.16 9.37 28.22
N VAL B 226 7.73 8.30 27.57
CA VAL B 226 6.40 7.74 27.83
C VAL B 226 6.45 6.48 28.67
N LYS B 227 7.05 5.43 28.13
CA LYS B 227 7.13 4.15 28.83
C LYS B 227 7.97 4.28 30.10
N ARG B 228 9.08 5.00 29.97
CA ARG B 228 9.92 5.37 31.13
C ARG B 228 10.38 4.16 31.94
N ASP B 229 10.71 3.06 31.25
CA ASP B 229 11.16 1.86 31.93
C ASP B 229 12.68 1.71 31.86
N THR B 230 13.36 2.83 31.62
CA THR B 230 14.82 2.86 31.66
C THR B 230 15.27 2.94 33.11
N TYR B 231 16.54 2.63 33.36
CA TYR B 231 17.09 2.75 34.71
C TYR B 231 17.14 4.21 35.14
N VAL B 232 17.69 5.06 34.27
CA VAL B 232 17.77 6.48 34.57
C VAL B 232 16.39 7.13 34.61
N ASP B 233 16.28 8.23 35.36
CA ASP B 233 15.05 8.98 35.45
C ASP B 233 15.20 10.30 34.70
N ILE B 234 14.50 10.45 33.58
CA ILE B 234 14.57 11.67 32.79
C ILE B 234 13.49 12.65 33.25
N THR B 235 13.87 13.49 34.21
CA THR B 235 13.03 14.55 34.72
C THR B 235 13.89 15.76 35.03
N LEU B 236 13.21 16.83 35.41
CA LEU B 236 13.85 18.10 35.74
C LEU B 236 14.10 18.12 37.25
N ARG B 237 13.51 17.13 37.91
CA ARG B 237 13.72 16.85 39.34
C ARG B 237 15.19 16.62 39.69
N ASP B 238 15.89 15.86 38.85
CA ASP B 238 17.30 15.58 39.08
C ASP B 238 18.20 16.56 38.32
N PHE B 239 17.59 17.39 37.48
CA PHE B 239 18.35 18.30 36.63
C PHE B 239 18.69 19.65 37.25
N SER B 240 19.97 19.84 37.53
CA SER B 240 20.51 21.15 37.86
C SER B 240 21.71 21.35 36.95
N PRO B 241 21.67 22.40 36.12
CA PRO B 241 22.75 22.68 35.17
C PRO B 241 24.11 22.67 35.85
N SER B 242 25.03 21.89 35.32
CA SER B 242 26.30 21.61 35.99
C SER B 242 27.47 21.73 35.04
N ARG B 243 28.47 22.51 35.44
CA ARG B 243 29.71 22.65 34.69
C ARG B 243 30.47 21.33 34.70
N GLU B 244 30.38 20.60 35.80
CA GLU B 244 31.08 19.33 35.95
C GLU B 244 30.49 18.25 35.05
N ILE B 245 29.16 18.17 35.01
CA ILE B 245 28.47 17.22 34.14
C ILE B 245 28.77 17.54 32.69
N LEU B 246 28.73 18.82 32.35
CA LEU B 246 29.01 19.29 30.99
C LEU B 246 30.44 18.94 30.59
N LYS B 247 31.38 19.15 31.50
CA LYS B 247 32.78 18.82 31.25
C LYS B 247 32.96 17.32 31.09
N ASP B 248 32.29 16.55 31.96
CA ASP B 248 32.42 15.09 31.96
C ASP B 248 31.95 14.48 30.64
N ILE B 249 30.88 15.02 30.08
CA ILE B 249 30.35 14.54 28.81
C ILE B 249 31.25 14.93 27.64
N LEU B 250 31.70 16.18 27.63
CA LEU B 250 32.46 16.72 26.51
C LEU B 250 33.91 16.22 26.46
N ARG B 251 34.46 15.83 27.61
CA ARG B 251 35.83 15.35 27.66
C ARG B 251 36.00 14.05 26.88
N VAL B 252 34.92 13.28 26.78
CA VAL B 252 34.92 12.08 25.96
C VAL B 252 34.24 12.37 24.63
N GLY B 253 33.21 13.21 24.66
CA GLY B 253 32.43 13.52 23.48
C GLY B 253 33.18 14.21 22.36
N LEU B 254 33.83 15.32 22.68
CA LEU B 254 34.54 16.10 21.66
C LEU B 254 35.73 15.37 21.01
N PRO B 255 36.61 14.74 21.81
CA PRO B 255 37.70 14.00 21.16
C PRO B 255 37.21 12.81 20.34
N SER B 256 36.07 12.24 20.72
CA SER B 256 35.49 11.13 19.97
C SER B 256 35.11 11.58 18.57
N SER B 257 34.55 12.78 18.46
CA SER B 257 34.21 13.36 17.16
C SER B 257 35.49 13.64 16.38
N LEU B 258 36.52 14.11 17.07
CA LEU B 258 37.79 14.43 16.45
C LEU B 258 38.52 13.16 16.01
N SER B 259 38.35 12.08 16.75
CA SER B 259 38.94 10.80 16.40
C SER B 259 38.34 10.28 15.09
N GLN B 260 37.03 10.41 14.96
CA GLN B 260 36.33 10.00 13.75
C GLN B 260 36.71 10.93 12.59
N LEU B 261 36.95 12.18 12.92
CA LEU B 261 37.42 13.15 11.93
C LEU B 261 38.83 12.80 11.49
N SER B 262 39.63 12.32 12.44
CA SER B 262 40.99 11.89 12.15
C SER B 262 41.00 10.68 11.23
N MET B 263 40.03 9.80 11.42
CA MET B 263 39.90 8.61 10.58
C MET B 263 39.46 8.97 9.16
N SER B 264 38.70 10.05 9.05
CA SER B 264 38.21 10.52 7.76
C SER B 264 39.33 11.17 6.96
N ILE B 265 40.13 12.01 7.63
CA ILE B 265 41.25 12.68 7.00
C ILE B 265 42.29 11.66 6.55
N ALA B 266 42.52 10.65 7.38
CA ALA B 266 43.49 9.60 7.05
C ALA B 266 43.02 8.77 5.87
N MET B 267 41.71 8.54 5.78
CA MET B 267 41.14 7.76 4.69
C MET B 267 41.26 8.52 3.37
N PHE B 268 41.21 9.85 3.47
CA PHE B 268 41.36 10.70 2.29
C PHE B 268 42.80 10.74 1.82
N PHE B 269 43.73 10.84 2.77
CA PHE B 269 45.15 10.86 2.45
C PHE B 269 45.62 9.53 1.88
N LEU B 270 45.04 8.44 2.37
CA LEU B 270 45.37 7.11 1.85
C LEU B 270 44.91 6.96 0.40
N ASN B 271 43.87 7.70 0.04
CA ASN B 271 43.39 7.71 -1.34
C ASN B 271 44.41 8.36 -2.27
N SER B 272 44.86 9.57 -1.90
CA SER B 272 45.84 10.30 -2.68
C SER B 272 47.17 9.54 -2.76
N VAL B 273 47.48 8.79 -1.71
CA VAL B 273 48.66 7.95 -1.71
C VAL B 273 48.48 6.78 -2.68
N ALA B 274 47.26 6.25 -2.73
CA ALA B 274 46.94 5.16 -3.64
C ALA B 274 46.92 5.64 -5.10
N ILE B 275 46.65 6.93 -5.29
CA ILE B 275 46.74 7.54 -6.61
C ILE B 275 48.19 7.53 -7.10
N THR B 276 49.11 7.92 -6.24
CA THR B 276 50.52 8.00 -6.62
C THR B 276 51.04 6.62 -7.00
N ALA B 277 50.69 5.61 -6.20
CA ALA B 277 51.17 4.25 -6.42
C ALA B 277 50.54 3.55 -7.62
N GLY B 278 49.24 3.72 -7.80
CA GLY B 278 48.53 2.99 -8.84
C GLY B 278 47.63 3.82 -9.72
N GLY B 279 47.60 5.14 -9.52
CA GLY B 279 46.69 5.97 -10.28
C GLY B 279 45.25 5.69 -9.90
N GLU B 280 44.36 5.86 -10.86
CA GLU B 280 42.93 5.70 -10.61
C GLU B 280 42.54 4.24 -10.37
N ASN B 281 43.34 3.30 -10.88
CA ASN B 281 43.13 1.89 -10.59
C ASN B 281 43.42 1.59 -9.12
N GLY B 282 44.47 2.21 -8.60
CA GLY B 282 44.88 2.04 -7.22
C GLY B 282 43.81 2.48 -6.24
N VAL B 283 43.11 3.56 -6.59
CA VAL B 283 42.01 4.05 -5.78
C VAL B 283 40.89 3.02 -5.74
N ALA B 284 40.59 2.45 -6.91
CA ALA B 284 39.55 1.44 -7.03
C ALA B 284 39.89 0.20 -6.22
N VAL B 285 41.15 -0.20 -6.26
CA VAL B 285 41.60 -1.35 -5.49
C VAL B 285 41.50 -1.08 -3.99
N PHE B 286 42.06 0.05 -3.56
CA PHE B 286 42.06 0.43 -2.16
C PHE B 286 40.65 0.62 -1.60
N THR B 287 39.82 1.38 -2.31
CA THR B 287 38.46 1.63 -1.87
C THR B 287 37.65 0.35 -1.80
N SER B 288 38.00 -0.61 -2.64
CA SER B 288 37.37 -1.93 -2.58
C SER B 288 38.04 -2.77 -1.49
N ALA B 289 39.32 -2.51 -1.25
CA ALA B 289 40.07 -3.25 -0.25
C ALA B 289 39.55 -3.00 1.16
N TRP B 290 39.44 -1.72 1.54
CA TRP B 290 38.98 -1.39 2.88
C TRP B 290 37.49 -1.67 3.05
N ARG B 291 36.70 -1.51 1.99
CA ARG B 291 35.28 -1.82 2.03
C ARG B 291 35.01 -3.31 2.24
N ILE B 292 36.08 -4.10 2.24
CA ILE B 292 36.00 -5.52 2.56
C ILE B 292 36.60 -5.76 3.95
N THR B 293 37.68 -5.04 4.26
CA THR B 293 38.36 -5.21 5.53
C THR B 293 37.71 -4.40 6.66
N MET B 294 37.20 -3.21 6.31
CA MET B 294 36.52 -2.38 7.30
C MET B 294 35.10 -2.91 7.56
N LEU B 295 34.77 -4.01 6.90
CA LEU B 295 33.57 -4.77 7.21
C LEU B 295 33.91 -5.74 8.34
N GLY B 296 35.18 -6.09 8.44
CA GLY B 296 35.66 -6.99 9.46
C GLY B 296 35.90 -6.31 10.79
N ILE B 297 35.86 -4.98 10.79
CA ILE B 297 36.02 -4.21 12.03
C ILE B 297 34.70 -4.10 12.78
N VAL B 298 33.62 -4.52 12.12
CA VAL B 298 32.28 -4.46 12.73
C VAL B 298 32.18 -5.16 14.09
N PRO B 299 32.70 -6.40 14.21
CA PRO B 299 32.70 -7.00 15.56
C PRO B 299 33.54 -6.19 16.56
N ILE B 300 34.66 -5.62 16.11
CA ILE B 300 35.53 -4.85 17.00
C ILE B 300 34.83 -3.59 17.49
N LEU B 301 34.10 -2.92 16.58
CA LEU B 301 33.36 -1.72 16.94
C LEU B 301 32.31 -1.99 18.01
N GLY B 302 31.67 -3.15 17.91
CA GLY B 302 30.65 -3.54 18.88
C GLY B 302 31.24 -3.80 20.24
N MET B 303 32.42 -4.40 20.29
CA MET B 303 33.09 -4.69 21.55
C MET B 303 33.68 -3.45 22.18
N ALA B 304 33.93 -2.43 21.36
CA ALA B 304 34.46 -1.17 21.85
C ALA B 304 33.43 -0.44 22.72
N THR B 305 32.18 -0.44 22.27
CA THR B 305 31.09 0.20 23.01
C THR B 305 30.83 -0.53 24.33
N ALA B 306 30.93 -1.86 24.31
CA ALA B 306 30.77 -2.66 25.52
C ALA B 306 31.92 -2.40 26.48
N THR B 307 33.14 -2.36 25.95
CA THR B 307 34.33 -2.10 26.76
C THR B 307 34.23 -0.77 27.50
N THR B 308 33.78 0.26 26.79
CA THR B 308 33.61 1.60 27.38
C THR B 308 32.63 1.57 28.54
N SER B 309 31.51 0.88 28.34
CA SER B 309 30.46 0.81 29.36
C SER B 309 30.91 0.02 30.59
N VAL B 310 31.52 -1.14 30.36
CA VAL B 310 31.92 -2.01 31.46
C VAL B 310 33.11 -1.45 32.25
N THR B 311 34.13 -0.97 31.53
CA THR B 311 35.28 -0.36 32.17
C THR B 311 34.87 0.93 32.88
N GLY B 312 33.89 1.61 32.33
CA GLY B 312 33.34 2.81 32.94
C GLY B 312 32.63 2.49 34.24
N ALA B 313 31.87 1.39 34.23
CA ALA B 313 31.18 0.93 35.42
C ALA B 313 32.17 0.50 36.49
N ALA B 314 33.19 -0.25 36.08
CA ALA B 314 34.21 -0.72 37.00
C ALA B 314 35.00 0.44 37.59
N TYR B 315 35.20 1.47 36.77
CA TYR B 315 35.90 2.68 37.23
C TYR B 315 35.05 3.41 38.27
N GLY B 316 33.74 3.31 38.12
CA GLY B 316 32.81 3.92 39.06
C GLY B 316 32.86 3.21 40.41
N GLU B 317 32.99 1.89 40.37
CA GLU B 317 33.08 1.08 41.58
C GLU B 317 34.47 1.21 42.19
N ARG B 318 35.37 1.91 41.50
CA ARG B 318 36.77 2.03 41.89
C ARG B 318 37.40 0.64 42.02
N ASN B 319 37.05 -0.23 41.08
CA ASN B 319 37.55 -1.60 41.04
C ASN B 319 38.43 -1.82 39.80
N VAL B 320 39.72 -1.56 39.96
CA VAL B 320 40.68 -1.63 38.84
C VAL B 320 40.89 -3.05 38.32
N GLU B 321 40.94 -4.02 39.23
CA GLU B 321 41.05 -5.42 38.84
C GLU B 321 39.92 -5.83 37.90
N LYS B 322 38.74 -5.27 38.14
CA LYS B 322 37.57 -5.55 37.32
C LYS B 322 37.68 -4.83 35.97
N LEU B 323 38.16 -3.59 36.02
CA LEU B 323 38.35 -2.78 34.82
C LEU B 323 39.33 -3.47 33.87
N GLU B 324 40.45 -3.90 34.44
CA GLU B 324 41.51 -4.58 33.69
C GLU B 324 41.04 -5.90 33.09
N THR B 325 40.32 -6.69 33.89
CA THR B 325 39.79 -7.97 33.42
C THR B 325 38.87 -7.79 32.22
N ALA B 326 38.00 -6.78 32.31
CA ALA B 326 37.10 -6.44 31.21
C ALA B 326 37.90 -5.98 29.99
N TYR B 327 38.84 -5.07 30.23
CA TYR B 327 39.71 -4.55 29.18
C TYR B 327 40.46 -5.66 28.45
N LEU B 328 41.08 -6.56 29.22
CA LEU B 328 41.88 -7.64 28.64
C LEU B 328 41.03 -8.70 27.98
N TYR B 329 39.85 -8.97 28.53
CA TYR B 329 38.96 -9.97 27.97
C TYR B 329 38.41 -9.53 26.62
N ALA B 330 38.11 -8.24 26.50
CA ALA B 330 37.59 -7.69 25.25
C ALA B 330 38.63 -7.80 24.13
N ILE B 331 39.88 -7.51 24.46
CA ILE B 331 41.00 -7.64 23.52
C ILE B 331 41.12 -9.10 23.05
N LYS B 332 41.06 -10.01 24.01
CA LYS B 332 41.18 -11.44 23.72
C LYS B 332 40.09 -11.96 22.78
N ILE B 333 38.84 -11.60 23.08
CA ILE B 333 37.71 -12.06 22.26
C ILE B 333 37.77 -11.46 20.86
N ALA B 334 38.03 -10.16 20.79
CA ALA B 334 38.11 -9.48 19.50
C ALA B 334 39.24 -10.04 18.65
N PHE B 335 40.35 -10.36 19.29
CA PHE B 335 41.53 -10.90 18.61
C PHE B 335 41.22 -12.24 17.93
N MET B 336 40.50 -13.10 18.64
CA MET B 336 40.17 -14.43 18.11
C MET B 336 39.13 -14.35 16.99
N ILE B 337 38.21 -13.39 17.10
CA ILE B 337 37.25 -13.13 16.03
C ILE B 337 38.00 -12.70 14.77
N GLU B 338 38.89 -11.73 14.92
CA GLU B 338 39.66 -11.20 13.81
C GLU B 338 40.54 -12.26 13.14
N LEU B 339 41.09 -13.17 13.93
CA LEU B 339 41.93 -14.24 13.43
C LEU B 339 41.14 -15.07 12.41
N ALA B 340 39.89 -15.37 12.74
CA ALA B 340 38.99 -16.10 11.84
C ALA B 340 38.62 -15.28 10.60
N VAL B 341 38.24 -14.02 10.81
CA VAL B 341 37.87 -13.12 9.72
C VAL B 341 39.02 -12.96 8.71
N VAL B 342 40.23 -12.75 9.21
CA VAL B 342 41.40 -12.57 8.36
C VAL B 342 41.71 -13.83 7.54
N ALA B 343 41.66 -14.99 8.19
CA ALA B 343 41.86 -16.27 7.52
C ALA B 343 40.86 -16.46 6.40
N PHE B 344 39.59 -16.18 6.67
CA PHE B 344 38.52 -16.31 5.68
C PHE B 344 38.73 -15.40 4.47
N ILE B 345 39.02 -14.13 4.72
CA ILE B 345 39.22 -13.15 3.66
C ILE B 345 40.41 -13.54 2.76
N MET B 346 41.51 -13.97 3.38
CA MET B 346 42.69 -14.36 2.64
C MET B 346 42.48 -15.67 1.86
N LEU B 347 41.85 -16.65 2.50
CA LEU B 347 41.58 -17.92 1.85
C LEU B 347 40.68 -17.79 0.63
N PHE B 348 39.68 -16.92 0.71
CA PHE B 348 38.68 -16.81 -0.33
C PHE B 348 38.70 -15.45 -1.03
N ALA B 349 39.88 -14.85 -1.08
CA ALA B 349 40.08 -13.57 -1.76
C ALA B 349 39.60 -13.50 -3.22
N PRO B 350 39.89 -14.53 -4.04
CA PRO B 350 39.39 -14.46 -5.42
C PRO B 350 37.86 -14.38 -5.46
N GLN B 351 37.22 -15.15 -4.59
CA GLN B 351 35.77 -15.22 -4.57
C GLN B 351 35.16 -13.95 -3.99
N VAL B 352 35.77 -13.41 -2.94
CA VAL B 352 35.33 -12.16 -2.36
C VAL B 352 35.50 -11.00 -3.34
N ALA B 353 36.65 -10.99 -4.02
CA ALA B 353 36.93 -9.95 -5.01
C ALA B 353 35.94 -10.00 -6.17
N TYR B 354 35.48 -11.20 -6.51
CA TYR B 354 34.51 -11.38 -7.58
C TYR B 354 33.20 -10.66 -7.25
N LEU B 355 32.78 -10.76 -5.99
CA LEU B 355 31.56 -10.11 -5.54
C LEU B 355 31.66 -8.59 -5.59
N PHE B 356 32.89 -8.09 -5.47
CA PHE B 356 33.12 -6.64 -5.51
C PHE B 356 33.63 -6.19 -6.88
N THR B 357 33.63 -7.09 -7.85
CA THR B 357 34.01 -6.75 -9.21
C THR B 357 33.00 -7.27 -10.22
N TYR B 358 31.75 -6.82 -10.09
CA TYR B 358 30.68 -7.21 -11.00
C TYR B 358 30.81 -6.50 -12.33
N SER B 359 31.34 -5.29 -12.30
CA SER B 359 31.52 -4.49 -13.51
C SER B 359 32.47 -5.18 -14.48
N GLU B 360 32.12 -5.17 -15.76
CA GLU B 360 32.90 -5.86 -16.78
C GLU B 360 34.15 -5.07 -17.14
N SER B 361 34.25 -3.85 -16.62
CA SER B 361 35.43 -3.02 -16.84
C SER B 361 36.25 -2.92 -15.55
N ALA B 362 35.74 -3.53 -14.48
CA ALA B 362 36.44 -3.55 -13.21
C ALA B 362 37.33 -4.78 -13.10
N GLN B 363 37.54 -5.46 -14.23
CA GLN B 363 38.40 -6.62 -14.29
C GLN B 363 39.86 -6.19 -14.31
N VAL B 364 40.08 -4.90 -14.55
CA VAL B 364 41.42 -4.34 -14.63
C VAL B 364 42.07 -4.23 -13.24
N ILE B 365 41.25 -4.34 -12.21
CA ILE B 365 41.75 -4.26 -10.83
C ILE B 365 41.55 -5.57 -10.10
N LYS B 366 41.10 -6.59 -10.83
CA LYS B 366 40.81 -7.90 -10.26
C LYS B 366 42.06 -8.53 -9.64
N GLY B 367 43.14 -8.57 -10.40
CA GLY B 367 44.38 -9.18 -9.94
C GLY B 367 45.02 -8.43 -8.78
N ASP B 368 44.91 -7.11 -8.81
CA ASP B 368 45.50 -6.26 -7.77
C ASP B 368 44.71 -6.33 -6.47
N LEU B 369 43.38 -6.38 -6.59
CA LEU B 369 42.51 -6.46 -5.42
C LEU B 369 42.71 -7.77 -4.66
N ILE B 370 42.96 -8.84 -5.40
CA ILE B 370 43.19 -10.15 -4.79
C ILE B 370 44.45 -10.15 -3.93
N SER B 371 45.54 -9.63 -4.48
CA SER B 371 46.80 -9.55 -3.75
C SER B 371 46.70 -8.61 -2.56
N ALA B 372 45.80 -7.62 -2.67
CA ALA B 372 45.56 -6.68 -1.59
C ALA B 372 44.82 -7.36 -0.44
N LEU B 373 43.95 -8.31 -0.77
CA LEU B 373 43.19 -9.05 0.24
C LEU B 373 44.04 -10.15 0.84
N ARG B 374 45.24 -10.32 0.32
CA ARG B 374 46.19 -11.31 0.82
C ARG B 374 47.30 -10.64 1.63
N THR B 375 47.23 -9.33 1.77
CA THR B 375 48.24 -8.56 2.49
C THR B 375 47.59 -7.65 3.53
N LEU B 376 46.76 -6.72 3.06
CA LEU B 376 46.13 -5.73 3.92
C LEU B 376 45.36 -6.27 5.15
N PRO B 377 44.44 -7.24 4.96
CA PRO B 377 43.59 -7.64 6.09
C PRO B 377 44.31 -8.04 7.38
N VAL B 378 45.61 -8.32 7.29
CA VAL B 378 46.41 -8.67 8.48
C VAL B 378 46.29 -7.63 9.60
N PHE B 379 46.18 -6.35 9.23
CA PHE B 379 46.06 -5.25 10.21
C PHE B 379 44.87 -5.40 11.17
N LEU B 380 43.83 -6.10 10.71
CA LEU B 380 42.64 -6.35 11.51
C LEU B 380 42.97 -7.05 12.82
N VAL B 381 44.00 -7.88 12.80
CA VAL B 381 44.37 -8.69 13.95
C VAL B 381 45.05 -7.84 15.03
N LEU B 382 45.72 -6.78 14.59
CA LEU B 382 46.39 -5.84 15.49
C LEU B 382 45.43 -4.77 16.03
N THR B 383 44.43 -4.43 15.21
CA THR B 383 43.46 -3.39 15.52
C THR B 383 42.84 -3.42 16.95
N PRO B 384 42.45 -4.61 17.45
CA PRO B 384 41.81 -4.62 18.77
C PRO B 384 42.64 -4.01 19.92
N PHE B 385 43.95 -4.17 19.89
CA PHE B 385 44.81 -3.65 20.96
C PHE B 385 44.71 -2.13 21.07
N GLY B 386 44.76 -1.45 19.93
CA GLY B 386 44.60 -0.01 19.91
C GLY B 386 43.19 0.42 20.24
N MET B 387 42.19 -0.31 19.74
CA MET B 387 40.81 0.12 19.90
C MET B 387 40.18 -0.14 21.28
N MET B 388 40.46 -1.28 21.90
CA MET B 388 39.96 -1.53 23.26
C MET B 388 40.60 -0.57 24.25
N THR B 389 41.88 -0.28 24.04
CA THR B 389 42.60 0.68 24.86
C THR B 389 41.95 2.04 24.77
N SER B 390 41.61 2.43 23.54
CA SER B 390 40.93 3.69 23.29
C SER B 390 39.57 3.69 23.96
N ALA B 391 38.87 2.56 23.89
CA ALA B 391 37.58 2.40 24.54
C ALA B 391 37.68 2.50 26.06
N MET B 392 38.70 1.85 26.63
CA MET B 392 38.94 1.87 28.06
C MET B 392 39.29 3.29 28.52
N PHE B 393 40.06 3.99 27.69
CA PHE B 393 40.35 5.41 27.93
C PHE B 393 39.06 6.22 28.02
N GLN B 394 38.12 5.89 27.15
CA GLN B 394 36.82 6.57 27.14
C GLN B 394 35.99 6.19 28.36
N GLY B 395 36.08 4.93 28.75
CA GLY B 395 35.36 4.43 29.92
C GLY B 395 35.76 5.16 31.19
N ILE B 396 37.04 5.49 31.30
CA ILE B 396 37.55 6.17 32.50
C ILE B 396 37.48 7.69 32.39
N GLY B 397 36.89 8.17 31.31
CA GLY B 397 36.63 9.60 31.15
C GLY B 397 37.76 10.39 30.50
N GLU B 398 38.82 9.69 30.10
CA GLU B 398 39.96 10.34 29.49
C GLU B 398 39.95 10.20 27.97
N GLY B 399 39.11 11.01 27.32
CA GLY B 399 38.92 10.94 25.88
C GLY B 399 40.06 11.52 25.08
N GLU B 400 40.80 12.45 25.68
CA GLU B 400 41.91 13.10 24.99
C GLU B 400 43.02 12.09 24.68
N LYS B 401 43.20 11.12 25.57
CA LYS B 401 44.20 10.07 25.35
C LYS B 401 43.73 9.12 24.26
N SER B 402 42.42 8.96 24.14
CA SER B 402 41.84 8.15 23.07
C SER B 402 42.06 8.83 21.72
N LEU B 403 41.99 10.16 21.73
CA LEU B 403 42.20 10.94 20.51
C LEU B 403 43.66 10.87 20.05
N ILE B 404 44.57 11.06 21.01
CA ILE B 404 46.00 11.01 20.72
C ILE B 404 46.41 9.67 20.13
N LEU B 405 45.85 8.59 20.69
CA LEU B 405 46.13 7.25 20.21
C LEU B 405 45.55 7.03 18.81
N THR B 406 44.36 7.55 18.58
CA THR B 406 43.69 7.42 17.29
C THR B 406 44.45 8.17 16.20
N ILE B 407 44.84 9.41 16.50
CA ILE B 407 45.61 10.23 15.57
C ILE B 407 46.94 9.55 15.25
N PHE B 408 47.56 8.96 16.26
CA PHE B 408 48.84 8.27 16.09
C PHE B 408 48.71 7.06 15.18
N ARG B 409 47.61 6.32 15.33
CA ARG B 409 47.41 5.11 14.52
C ARG B 409 47.01 5.45 13.08
N THR B 410 46.08 6.38 12.93
CA THR B 410 45.52 6.68 11.61
C THR B 410 46.39 7.61 10.77
N LEU B 411 46.77 8.75 11.34
CA LEU B 411 47.48 9.79 10.59
C LEU B 411 48.99 9.61 10.58
N VAL B 412 49.57 9.33 11.74
CA VAL B 412 51.02 9.25 11.86
C VAL B 412 51.59 7.93 11.38
N MET B 413 50.98 6.83 11.78
CA MET B 413 51.49 5.50 11.45
C MET B 413 51.03 4.97 10.10
N GLN B 414 49.72 4.85 9.93
CA GLN B 414 49.16 4.31 8.68
C GLN B 414 49.46 5.17 7.47
N VAL B 415 49.04 6.44 7.52
CA VAL B 415 49.30 7.38 6.44
C VAL B 415 50.80 7.63 6.29
N GLY B 416 51.49 7.74 7.43
CA GLY B 416 52.92 8.00 7.43
C GLY B 416 53.72 6.92 6.74
N PHE B 417 53.53 5.67 7.14
CA PHE B 417 54.26 4.57 6.53
C PHE B 417 53.86 4.33 5.07
N ALA B 418 52.58 4.46 4.78
CA ALA B 418 52.09 4.28 3.42
C ALA B 418 52.70 5.30 2.46
N TYR B 419 52.85 6.53 2.95
CA TYR B 419 53.44 7.61 2.16
C TYR B 419 54.91 7.35 1.89
N ILE B 420 55.60 6.83 2.90
CA ILE B 420 57.03 6.54 2.79
C ILE B 420 57.30 5.46 1.75
N PHE B 421 56.50 4.39 1.78
CA PHE B 421 56.67 3.29 0.84
C PHE B 421 56.42 3.69 -0.60
N VAL B 422 55.40 4.50 -0.83
CA VAL B 422 55.04 4.93 -2.17
C VAL B 422 56.06 5.88 -2.76
N HIS B 423 56.70 6.67 -1.90
CA HIS B 423 57.63 7.70 -2.37
C HIS B 423 59.12 7.30 -2.33
N TYR B 424 59.45 6.24 -1.59
CA TYR B 424 60.85 5.87 -1.41
C TYR B 424 61.14 4.42 -1.79
N THR B 425 60.13 3.72 -2.28
CA THR B 425 60.28 2.34 -2.72
C THR B 425 59.64 2.15 -4.08
N THR B 426 59.95 1.03 -4.72
CA THR B 426 59.35 0.67 -5.99
C THR B 426 58.39 -0.49 -5.80
N LEU B 427 57.91 -0.66 -4.58
CA LEU B 427 56.98 -1.74 -4.24
C LEU B 427 55.59 -1.50 -4.83
N GLY B 428 55.31 -0.25 -5.19
CA GLY B 428 54.06 0.09 -5.83
C GLY B 428 52.86 0.04 -4.89
N LEU B 429 51.72 -0.38 -5.43
CA LEU B 429 50.48 -0.44 -4.66
C LEU B 429 50.58 -1.47 -3.55
N ARG B 430 51.40 -2.48 -3.77
CA ARG B 430 51.65 -3.51 -2.77
C ARG B 430 52.35 -2.91 -1.55
N GLY B 431 53.15 -1.88 -1.80
CA GLY B 431 53.85 -1.19 -0.73
C GLY B 431 52.91 -0.39 0.17
N VAL B 432 51.74 -0.05 -0.36
CA VAL B 432 50.75 0.67 0.40
C VAL B 432 50.20 -0.21 1.53
N TRP B 433 49.90 -1.46 1.19
CA TRP B 433 49.34 -2.39 2.17
C TRP B 433 50.37 -2.72 3.25
N ILE B 434 51.63 -2.84 2.85
CA ILE B 434 52.71 -3.13 3.77
C ILE B 434 52.86 -2.01 4.80
N GLY B 435 52.84 -0.77 4.31
CA GLY B 435 52.96 0.39 5.18
C GLY B 435 51.83 0.48 6.19
N ILE B 436 50.62 0.19 5.75
CA ILE B 436 49.45 0.22 6.62
C ILE B 436 49.57 -0.83 7.73
N VAL B 437 49.97 -2.04 7.35
CA VAL B 437 50.15 -3.13 8.30
C VAL B 437 51.29 -2.83 9.29
N ILE B 438 52.42 -2.38 8.78
CA ILE B 438 53.57 -2.04 9.62
C ILE B 438 53.19 -0.90 10.57
N GLY B 439 52.50 0.09 10.06
CA GLY B 439 52.02 1.20 10.87
C GLY B 439 51.08 0.74 11.96
N ASN B 440 50.27 -0.26 11.65
CA ASN B 440 49.34 -0.83 12.64
C ASN B 440 50.05 -1.65 13.72
N MET B 441 51.14 -2.31 13.35
CA MET B 441 51.94 -3.07 14.30
C MET B 441 52.52 -2.15 15.37
N VAL B 442 53.07 -1.02 14.93
CA VAL B 442 53.66 -0.06 15.84
C VAL B 442 52.61 0.58 16.75
N ALA B 443 51.48 0.94 16.16
CA ALA B 443 50.38 1.55 16.92
C ALA B 443 49.76 0.59 17.92
N ALA B 444 49.67 -0.69 17.55
CA ALA B 444 49.13 -1.71 18.43
C ALA B 444 50.03 -1.90 19.65
N ILE B 445 51.34 -1.93 19.42
CA ILE B 445 52.31 -2.07 20.51
C ILE B 445 52.25 -0.86 21.44
N VAL B 446 52.32 0.33 20.86
CA VAL B 446 52.28 1.57 21.63
C VAL B 446 50.96 1.70 22.40
N GLY B 447 49.85 1.44 21.72
CA GLY B 447 48.55 1.53 22.33
C GLY B 447 48.36 0.58 23.49
N PHE B 448 48.82 -0.66 23.32
CA PHE B 448 48.66 -1.68 24.36
C PHE B 448 49.51 -1.38 25.58
N LEU B 449 50.75 -0.93 25.34
CA LEU B 449 51.66 -0.56 26.42
C LEU B 449 51.12 0.63 27.20
N TRP B 450 50.56 1.60 26.47
CA TRP B 450 49.95 2.77 27.10
C TRP B 450 48.76 2.34 27.95
N GLY B 451 48.03 1.35 27.46
CA GLY B 451 46.90 0.80 28.20
C GLY B 451 47.35 0.17 29.51
N ARG B 452 48.34 -0.72 29.43
CA ARG B 452 48.90 -1.36 30.62
C ARG B 452 49.46 -0.31 31.59
N MET B 453 50.18 0.66 31.03
CA MET B 453 50.76 1.75 31.80
C MET B 453 49.68 2.49 32.59
N ARG B 454 48.55 2.74 31.93
CA ARG B 454 47.44 3.46 32.54
C ARG B 454 46.81 2.64 33.67
N ILE B 455 46.66 1.33 33.44
CA ILE B 455 46.11 0.42 34.43
C ILE B 455 46.98 0.39 35.67
N SER B 456 48.30 0.33 35.45
CA SER B 456 49.26 0.29 36.55
C SER B 456 49.17 1.54 37.41
N ALA B 457 49.01 2.69 36.77
CA ALA B 457 48.91 3.97 37.48
C ALA B 457 47.59 4.06 38.24
N LEU B 458 46.59 3.33 37.79
CA LEU B 458 45.28 3.31 38.46
C LEU B 458 45.29 2.41 39.68
N LYS B 459 46.09 1.35 39.63
CA LYS B 459 46.23 0.45 40.76
C LYS B 459 46.98 1.15 41.90
N LYS B 460 47.96 1.98 41.55
CA LYS B 460 48.70 2.76 42.53
C LYS B 460 47.79 3.80 43.17
N THR B 461 46.90 4.35 42.37
CA THR B 461 45.94 5.35 42.84
C THR B 461 44.81 4.69 43.66
N SER B 462 44.77 3.37 43.70
CA SER B 462 43.82 2.64 44.57
C SER B 462 44.31 2.50 46.03
N ALA B 463 45.23 3.38 46.44
CA ALA B 463 45.66 3.47 47.83
C ALA B 463 45.48 4.89 48.36
N GLU C 10 17.36 33.56 -18.74
CA GLU C 10 17.13 33.47 -17.30
C GLU C 10 17.67 32.16 -16.74
N LYS C 11 17.99 32.17 -15.44
CA LYS C 11 18.46 30.97 -14.76
C LYS C 11 17.29 30.28 -14.05
N THR C 12 16.80 29.20 -14.64
CA THR C 12 15.66 28.48 -14.07
C THR C 12 16.11 27.43 -13.06
N THR C 13 15.14 26.78 -12.43
CA THR C 13 15.43 25.73 -11.46
C THR C 13 14.86 24.40 -11.95
N LYS C 14 15.13 23.33 -11.20
CA LYS C 14 14.60 22.01 -11.51
C LYS C 14 13.07 22.03 -11.52
N GLY C 15 12.49 22.70 -10.53
CA GLY C 15 11.05 22.79 -10.41
C GLY C 15 10.40 23.49 -11.59
N VAL C 16 11.02 24.56 -12.06
CA VAL C 16 10.52 25.29 -13.22
C VAL C 16 10.61 24.42 -14.46
N GLN C 17 11.73 23.72 -14.61
CA GLN C 17 11.94 22.80 -15.74
C GLN C 17 10.90 21.68 -15.74
N LEU C 18 10.50 21.23 -14.56
CA LEU C 18 9.44 20.23 -14.44
C LEU C 18 8.12 20.78 -14.96
N LEU C 19 7.78 21.99 -14.54
CA LEU C 19 6.51 22.63 -14.92
C LEU C 19 6.44 22.90 -16.42
N ARG C 20 7.58 23.22 -17.01
CA ARG C 20 7.62 23.58 -18.43
C ARG C 20 7.91 22.38 -19.33
N GLY C 21 8.13 21.22 -18.72
CA GLY C 21 8.43 20.00 -19.46
C GLY C 21 7.23 19.09 -19.62
N ASP C 22 7.51 17.79 -19.73
CA ASP C 22 6.46 16.79 -19.90
C ASP C 22 5.51 16.76 -18.70
N PRO C 23 4.20 16.88 -18.96
CA PRO C 23 3.18 16.95 -17.91
C PRO C 23 3.09 15.68 -17.06
N LYS C 24 3.27 14.51 -17.69
CA LYS C 24 3.22 13.25 -16.97
C LYS C 24 4.35 13.15 -15.93
N LYS C 25 5.55 13.54 -16.34
CA LYS C 25 6.69 13.58 -15.44
C LYS C 25 6.44 14.54 -14.28
N ALA C 26 5.89 15.70 -14.59
CA ALA C 26 5.60 16.72 -13.59
C ALA C 26 4.53 16.27 -12.60
N ILE C 27 3.47 15.66 -13.11
CA ILE C 27 2.41 15.14 -12.25
C ILE C 27 2.98 14.16 -11.23
N VAL C 28 3.85 13.27 -11.69
CA VAL C 28 4.49 12.29 -10.82
C VAL C 28 5.44 12.92 -9.82
N ARG C 29 6.31 13.81 -10.29
CA ARG C 29 7.36 14.39 -9.46
C ARG C 29 6.85 15.42 -8.45
N LEU C 30 5.65 15.93 -8.67
CA LEU C 30 5.10 16.96 -7.79
C LEU C 30 4.07 16.41 -6.82
N SER C 31 3.57 15.21 -7.10
CA SER C 31 2.54 14.58 -6.26
C SER C 31 3.14 13.68 -5.18
N ILE C 32 4.15 12.91 -5.56
CA ILE C 32 4.82 12.00 -4.63
C ILE C 32 5.38 12.68 -3.37
N PRO C 33 6.11 13.80 -3.52
CA PRO C 33 6.64 14.45 -2.31
C PRO C 33 5.55 14.92 -1.35
N MET C 34 4.39 15.30 -1.88
CA MET C 34 3.29 15.75 -1.02
C MET C 34 2.74 14.59 -0.19
N MET C 35 2.64 13.42 -0.81
CA MET C 35 2.18 12.22 -0.10
C MET C 35 3.12 11.81 1.03
N ILE C 36 4.41 11.90 0.74
CA ILE C 36 5.42 11.55 1.72
C ILE C 36 5.32 12.51 2.90
N GLY C 37 5.21 13.80 2.60
CA GLY C 37 5.06 14.81 3.63
C GLY C 37 3.83 14.57 4.49
N MET C 38 2.73 14.22 3.84
CA MET C 38 1.48 13.92 4.54
C MET C 38 1.54 12.61 5.32
N SER C 39 2.36 11.66 4.87
CA SER C 39 2.46 10.37 5.55
C SER C 39 3.18 10.53 6.90
N VAL C 40 4.14 11.44 6.95
CA VAL C 40 4.83 11.75 8.20
C VAL C 40 3.91 12.52 9.13
N GLN C 41 3.08 13.39 8.57
CA GLN C 41 2.04 14.08 9.34
C GLN C 41 1.05 13.08 9.92
N THR C 42 0.75 12.03 9.15
CA THR C 42 -0.14 10.97 9.61
C THR C 42 0.51 10.16 10.73
N LEU C 43 1.82 9.95 10.63
CA LEU C 43 2.56 9.28 11.69
C LEU C 43 2.55 10.11 12.97
N TYR C 44 2.74 11.42 12.84
CA TYR C 44 2.68 12.32 13.99
C TYR C 44 1.30 12.27 14.63
N ASN C 45 0.27 12.37 13.81
CA ASN C 45 -1.11 12.37 14.30
C ASN C 45 -1.45 11.10 15.08
N LEU C 46 -1.03 9.96 14.53
CA LEU C 46 -1.25 8.67 15.17
C LEU C 46 -0.58 8.59 16.53
N ALA C 47 0.69 8.98 16.57
CA ALA C 47 1.45 8.97 17.81
C ALA C 47 0.85 9.92 18.84
N ASP C 48 0.45 11.11 18.40
CA ASP C 48 -0.17 12.10 19.28
C ASP C 48 -1.48 11.57 19.86
N GLY C 49 -2.24 10.85 19.05
CA GLY C 49 -3.50 10.27 19.49
C GLY C 49 -3.29 9.22 20.57
N ILE C 50 -2.16 8.53 20.51
CA ILE C 50 -1.81 7.52 21.50
C ILE C 50 -1.47 8.17 22.84
N TRP C 51 -0.70 9.27 22.79
CA TRP C 51 -0.33 9.98 24.00
C TRP C 51 -1.54 10.64 24.67
N VAL C 52 -2.41 11.21 23.85
CA VAL C 52 -3.59 11.92 24.37
C VAL C 52 -4.58 10.94 25.03
N SER C 53 -4.80 9.80 24.41
CA SER C 53 -5.74 8.81 24.92
C SER C 53 -5.27 8.22 26.25
N GLY C 54 -3.99 8.36 26.54
CA GLY C 54 -3.43 7.88 27.79
C GLY C 54 -3.59 8.87 28.93
N LEU C 55 -4.18 10.03 28.62
CA LEU C 55 -4.37 11.07 29.61
C LEU C 55 -5.76 11.01 30.24
N GLY C 56 -6.64 10.21 29.65
CA GLY C 56 -8.00 10.08 30.14
C GLY C 56 -9.03 10.59 29.15
N PRO C 57 -10.30 10.26 29.39
CA PRO C 57 -11.43 10.64 28.53
C PRO C 57 -11.61 12.15 28.36
N GLU C 58 -11.29 12.93 29.40
CA GLU C 58 -11.46 14.37 29.34
C GLU C 58 -10.55 15.02 28.29
N SER C 59 -9.28 14.63 28.31
CA SER C 59 -8.31 15.15 27.35
C SER C 59 -8.65 14.70 25.94
N LEU C 60 -9.15 13.47 25.82
CA LEU C 60 -9.54 12.91 24.53
C LEU C 60 -10.72 13.68 23.93
N ALA C 61 -11.70 13.98 24.79
CA ALA C 61 -12.88 14.71 24.35
C ALA C 61 -12.55 16.17 24.04
N ALA C 62 -11.51 16.69 24.67
CA ALA C 62 -11.09 18.07 24.45
C ALA C 62 -10.55 18.27 23.04
N VAL C 63 -9.82 17.27 22.55
CA VAL C 63 -9.27 17.31 21.20
C VAL C 63 -10.38 17.34 20.17
N GLY C 64 -11.42 16.54 20.39
CA GLY C 64 -12.56 16.48 19.50
C GLY C 64 -13.29 17.81 19.40
N LEU C 65 -13.36 18.52 20.52
CA LEU C 65 -14.04 19.81 20.55
C LEU C 65 -13.21 20.88 19.84
N PHE C 66 -11.90 20.83 20.01
CA PHE C 66 -11.02 21.82 19.42
C PHE C 66 -10.78 21.60 17.93
N PHE C 67 -10.78 20.35 17.50
CA PHE C 67 -10.41 19.99 16.13
C PHE C 67 -11.08 20.80 15.00
N PRO C 68 -12.40 21.07 15.10
CA PRO C 68 -13.00 21.91 14.06
C PRO C 68 -12.43 23.32 14.01
N VAL C 69 -11.98 23.84 15.15
CA VAL C 69 -11.35 25.16 15.18
C VAL C 69 -10.01 25.11 14.44
N PHE C 70 -9.27 24.03 14.65
CA PHE C 70 -7.99 23.82 13.98
C PHE C 70 -8.19 23.73 12.47
N MET C 71 -9.25 23.03 12.06
CA MET C 71 -9.58 22.89 10.64
C MET C 71 -9.96 24.24 10.03
N GLY C 72 -10.57 25.09 10.84
CA GLY C 72 -10.96 26.42 10.41
C GLY C 72 -9.76 27.28 10.06
N ILE C 73 -8.72 27.19 10.88
CA ILE C 73 -7.49 27.93 10.64
C ILE C 73 -6.79 27.39 9.38
N ILE C 74 -6.74 26.07 9.27
CA ILE C 74 -6.10 25.42 8.13
C ILE C 74 -6.83 25.75 6.83
N ALA C 75 -8.17 25.74 6.88
CA ALA C 75 -8.98 26.07 5.71
C ALA C 75 -8.64 27.44 5.14
N LEU C 76 -8.39 28.39 6.03
CA LEU C 76 -7.99 29.74 5.62
C LEU C 76 -6.52 29.76 5.18
N ALA C 77 -5.69 29.04 5.91
CA ALA C 77 -4.26 28.98 5.61
C ALA C 77 -3.98 28.24 4.30
N ALA C 78 -4.56 27.06 4.17
CA ALA C 78 -4.37 26.24 2.98
C ALA C 78 -5.05 26.88 1.78
N GLY C 79 -6.15 27.57 2.02
CA GLY C 79 -6.86 28.29 0.97
C GLY C 79 -5.97 29.33 0.31
N LEU C 80 -5.32 30.16 1.13
CA LEU C 80 -4.41 31.18 0.62
C LEU C 80 -3.20 30.52 -0.05
N GLY C 81 -2.82 29.35 0.45
CA GLY C 81 -1.70 28.62 -0.11
C GLY C 81 -1.94 28.16 -1.54
N VAL C 82 -3.11 27.59 -1.78
CA VAL C 82 -3.45 27.09 -3.11
C VAL C 82 -3.65 28.26 -4.08
N GLY C 83 -4.21 29.36 -3.58
CA GLY C 83 -4.37 30.56 -4.39
C GLY C 83 -3.01 31.09 -4.80
N THR C 84 -2.05 30.96 -3.90
CA THR C 84 -0.68 31.40 -4.13
C THR C 84 0.04 30.48 -5.10
N SER C 85 -0.03 29.17 -4.86
CA SER C 85 0.67 28.19 -5.68
C SER C 85 0.16 28.18 -7.13
N SER C 86 -1.15 28.23 -7.29
CA SER C 86 -1.75 28.18 -8.63
C SER C 86 -1.42 29.44 -9.44
N ALA C 87 -1.43 30.60 -8.79
CA ALA C 87 -1.12 31.86 -9.47
C ALA C 87 0.34 31.90 -9.91
N ILE C 88 1.23 31.41 -9.06
CA ILE C 88 2.65 31.35 -9.38
C ILE C 88 2.89 30.39 -10.54
N ALA C 89 2.23 29.23 -10.49
CA ALA C 89 2.38 28.22 -11.53
C ALA C 89 1.97 28.72 -12.90
N ARG C 90 0.87 29.47 -12.96
CA ARG C 90 0.38 30.00 -14.23
C ARG C 90 1.35 31.02 -14.83
N ARG C 91 1.88 31.88 -13.98
CA ARG C 91 2.77 32.94 -14.45
C ARG C 91 4.15 32.40 -14.85
N ILE C 92 4.56 31.31 -14.20
CA ILE C 92 5.80 30.65 -14.58
C ILE C 92 5.66 30.00 -15.95
N GLY C 93 4.51 29.36 -16.18
CA GLY C 93 4.20 28.81 -17.48
C GLY C 93 4.14 29.89 -18.55
N ALA C 94 3.65 31.06 -18.18
CA ALA C 94 3.53 32.18 -19.11
C ALA C 94 4.83 32.94 -19.27
N ARG C 95 5.89 32.44 -18.63
CA ARG C 95 7.20 33.12 -18.64
C ARG C 95 7.08 34.56 -18.13
N ASP C 96 6.24 34.73 -17.12
CA ASP C 96 6.03 36.02 -16.47
C ASP C 96 6.69 36.00 -15.10
N LYS C 97 8.01 36.17 -15.10
CA LYS C 97 8.82 36.12 -13.89
C LYS C 97 8.47 37.23 -12.92
N GLU C 98 8.25 38.44 -13.47
CA GLU C 98 7.90 39.59 -12.66
C GLU C 98 6.57 39.38 -11.94
N GLY C 99 5.61 38.81 -12.64
CA GLY C 99 4.32 38.49 -12.03
C GLY C 99 4.44 37.46 -10.92
N ALA C 100 5.29 36.44 -11.15
CA ALA C 100 5.50 35.38 -10.17
C ALA C 100 6.13 35.93 -8.89
N ASP C 101 7.14 36.77 -9.05
CA ASP C 101 7.75 37.46 -7.92
C ASP C 101 6.67 38.24 -7.16
N ASN C 102 5.83 38.92 -7.92
CA ASN C 102 4.80 39.78 -7.34
C ASN C 102 3.73 39.01 -6.57
N VAL C 103 3.30 37.88 -7.12
CA VAL C 103 2.34 37.01 -6.43
C VAL C 103 2.91 36.56 -5.08
N ALA C 104 4.15 36.10 -5.10
CA ALA C 104 4.84 35.65 -3.89
C ALA C 104 4.87 36.72 -2.81
N VAL C 105 5.26 37.94 -3.17
CA VAL C 105 5.33 39.04 -2.21
C VAL C 105 3.95 39.43 -1.68
N HIS C 106 2.97 39.51 -2.58
CA HIS C 106 1.60 39.81 -2.17
C HIS C 106 1.07 38.79 -1.16
N SER C 107 1.30 37.51 -1.45
CA SER C 107 0.82 36.43 -0.60
C SER C 107 1.46 36.46 0.78
N LEU C 108 2.76 36.76 0.83
CA LEU C 108 3.48 36.83 2.09
C LEU C 108 2.94 37.96 2.97
N ILE C 109 2.61 39.08 2.34
CA ILE C 109 2.01 40.20 3.07
C ILE C 109 0.60 39.83 3.53
N LEU C 110 -0.14 39.16 2.67
CA LEU C 110 -1.49 38.69 3.01
C LEU C 110 -1.48 37.71 4.17
N SER C 111 -0.42 36.90 4.27
CA SER C 111 -0.33 35.91 5.33
C SER C 111 -0.28 36.59 6.70
N LEU C 112 0.42 37.72 6.76
CA LEU C 112 0.50 38.51 7.98
C LEU C 112 -0.86 39.10 8.34
N ILE C 113 -1.50 39.73 7.37
CA ILE C 113 -2.81 40.34 7.57
C ILE C 113 -3.86 39.33 7.95
N LEU C 114 -3.91 38.21 7.22
CA LEU C 114 -4.89 37.17 7.48
C LEU C 114 -4.64 36.49 8.83
N GLY C 115 -3.39 36.16 9.10
CA GLY C 115 -3.02 35.49 10.34
C GLY C 115 -3.36 36.32 11.57
N VAL C 116 -3.00 37.60 11.52
CA VAL C 116 -3.31 38.53 12.60
C VAL C 116 -4.82 38.68 12.79
N THR C 117 -5.55 38.83 11.69
CA THR C 117 -7.00 39.01 11.74
C THR C 117 -7.70 37.80 12.36
N ILE C 118 -7.21 36.60 12.03
CA ILE C 118 -7.75 35.37 12.60
C ILE C 118 -7.62 35.38 14.13
N THR C 119 -6.43 35.73 14.61
CA THR C 119 -6.19 35.80 16.05
C THR C 119 -7.02 36.89 16.71
N ILE C 120 -7.05 38.06 16.10
CA ILE C 120 -7.76 39.22 16.64
C ILE C 120 -9.26 38.98 16.79
N THR C 121 -9.86 38.30 15.83
CA THR C 121 -11.32 38.12 15.82
C THR C 121 -11.79 36.87 16.55
N MET C 122 -11.02 35.79 16.49
CA MET C 122 -11.45 34.50 17.03
C MET C 122 -11.10 34.31 18.51
N LEU C 123 -10.00 34.90 18.95
CA LEU C 123 -9.54 34.75 20.33
C LEU C 123 -10.53 35.28 21.39
N PRO C 124 -11.08 36.49 21.19
CA PRO C 124 -12.06 36.95 22.18
C PRO C 124 -13.41 36.25 22.03
N ALA C 125 -13.61 35.59 20.89
CA ALA C 125 -14.89 34.95 20.60
C ALA C 125 -14.83 33.43 20.74
N ILE C 126 -13.74 32.92 21.32
CA ILE C 126 -13.57 31.48 21.44
C ILE C 126 -14.11 30.94 22.76
N ASP C 127 -14.15 31.79 23.78
CA ASP C 127 -14.67 31.39 25.09
C ASP C 127 -16.18 31.29 25.03
N SER C 128 -16.81 32.25 24.36
CA SER C 128 -18.27 32.27 24.23
C SER C 128 -18.75 31.16 23.30
N LEU C 129 -17.94 30.85 22.30
CA LEU C 129 -18.32 29.88 21.27
C LEU C 129 -18.43 28.46 21.82
N PHE C 130 -17.44 28.04 22.60
CA PHE C 130 -17.41 26.68 23.12
C PHE C 130 -18.45 26.40 24.19
N ARG C 131 -18.65 27.37 25.09
CA ARG C 131 -19.55 27.17 26.22
C ARG C 131 -21.02 27.18 25.83
N SER C 132 -21.38 28.01 24.85
CA SER C 132 -22.77 28.17 24.45
C SER C 132 -23.38 26.89 23.90
N MET C 133 -22.54 26.02 23.36
CA MET C 133 -22.98 24.76 22.79
C MET C 133 -22.57 23.52 23.60
N GLY C 134 -21.56 23.69 24.45
CA GLY C 134 -21.01 22.55 25.18
C GLY C 134 -21.10 22.60 26.70
N ALA C 135 -21.79 23.61 27.23
CA ALA C 135 -21.82 23.87 28.68
C ALA C 135 -20.40 23.94 29.28
N LYS C 136 -20.07 23.01 30.17
CA LYS C 136 -18.72 22.92 30.71
C LYS C 136 -18.32 21.48 30.98
N GLY C 137 -17.16 21.34 31.62
CA GLY C 137 -16.54 20.08 31.91
C GLY C 137 -15.07 20.40 32.00
N GLU C 138 -14.24 19.42 32.31
CA GLU C 138 -12.80 19.61 32.19
C GLU C 138 -12.45 19.70 30.71
N ALA C 139 -13.17 18.90 29.91
CA ALA C 139 -12.97 18.83 28.47
C ALA C 139 -13.18 20.17 27.79
N VAL C 140 -14.22 20.89 28.19
CA VAL C 140 -14.51 22.21 27.63
C VAL C 140 -13.40 23.21 27.96
N GLU C 141 -12.95 23.19 29.22
CA GLU C 141 -11.89 24.08 29.66
C GLU C 141 -10.58 23.79 28.92
N LEU C 142 -10.25 22.52 28.77
CA LEU C 142 -9.03 22.11 28.09
C LEU C 142 -9.07 22.47 26.61
N ALA C 143 -10.22 22.24 25.97
CA ALA C 143 -10.39 22.54 24.55
C ALA C 143 -10.25 24.04 24.27
N ILE C 144 -10.74 24.86 25.19
CA ILE C 144 -10.64 26.31 25.05
C ILE C 144 -9.18 26.75 25.14
N GLU C 145 -8.47 26.22 26.13
CA GLU C 145 -7.06 26.55 26.31
C GLU C 145 -6.22 26.07 25.12
N TYR C 146 -6.61 24.93 24.56
CA TYR C 146 -5.91 24.36 23.41
C TYR C 146 -6.10 25.25 22.18
N ALA C 147 -7.33 25.74 22.01
CA ALA C 147 -7.66 26.61 20.89
C ALA C 147 -6.92 27.93 20.94
N ARG C 148 -6.83 28.52 22.13
CA ARG C 148 -6.19 29.81 22.31
C ARG C 148 -4.71 29.78 21.95
N VAL C 149 -4.07 28.65 22.18
CA VAL C 149 -2.65 28.49 21.87
C VAL C 149 -2.41 28.54 20.37
N LEU C 150 -3.21 27.79 19.62
CA LEU C 150 -3.02 27.71 18.17
C LEU C 150 -3.64 28.89 17.42
N LEU C 151 -4.65 29.51 18.03
CA LEU C 151 -5.22 30.73 17.45
C LEU C 151 -4.20 31.87 17.55
N ALA C 152 -3.43 31.86 18.63
CA ALA C 152 -2.37 32.85 18.82
C ALA C 152 -1.27 32.69 17.78
N GLY C 153 -1.03 31.46 17.36
CA GLY C 153 -0.01 31.17 16.36
C GLY C 153 -0.58 31.04 14.96
N ALA C 154 -1.74 31.65 14.74
CA ALA C 154 -2.42 31.57 13.45
C ALA C 154 -1.57 32.12 12.31
N PHE C 155 -0.83 33.19 12.58
CA PHE C 155 0.05 33.78 11.58
C PHE C 155 1.12 32.79 11.13
N ILE C 156 1.68 32.04 12.09
CA ILE C 156 2.70 31.04 11.79
C ILE C 156 2.12 29.97 10.87
N ILE C 157 0.89 29.55 11.15
CA ILE C 157 0.22 28.54 10.34
C ILE C 157 -0.04 29.04 8.92
N VAL C 158 -0.53 30.27 8.79
CA VAL C 158 -0.81 30.84 7.48
C VAL C 158 0.48 31.10 6.71
N PHE C 159 1.51 31.56 7.41
CA PHE C 159 2.81 31.80 6.78
C PHE C 159 3.41 30.51 6.25
N ASN C 160 3.30 29.44 7.02
CA ASN C 160 3.83 28.13 6.60
C ASN C 160 3.14 27.63 5.34
N ASN C 161 1.83 27.78 5.28
CA ASN C 161 1.06 27.34 4.11
C ASN C 161 1.33 28.17 2.87
N VAL C 162 1.59 29.46 3.06
CA VAL C 162 1.94 30.35 1.96
C VAL C 162 3.33 30.03 1.45
N GLY C 163 4.28 29.85 2.37
CA GLY C 163 5.63 29.46 2.02
C GLY C 163 5.65 28.12 1.31
N ASN C 164 4.81 27.20 1.77
CA ASN C 164 4.67 25.91 1.11
C ASN C 164 4.06 26.08 -0.28
N GLY C 165 3.09 26.99 -0.38
CA GLY C 165 2.45 27.28 -1.65
C GLY C 165 3.41 27.86 -2.66
N ILE C 166 4.30 28.73 -2.20
CA ILE C 166 5.33 29.31 -3.07
C ILE C 166 6.27 28.23 -3.61
N LEU C 167 6.68 27.32 -2.74
CA LEU C 167 7.59 26.23 -3.12
C LEU C 167 6.97 25.29 -4.15
N ARG C 168 5.73 24.86 -3.89
CA ARG C 168 5.01 24.00 -4.82
C ARG C 168 4.78 24.72 -6.15
N GLY C 169 4.41 25.99 -6.06
CA GLY C 169 4.05 26.79 -7.22
C GLY C 169 5.16 26.88 -8.26
N GLU C 170 6.41 26.84 -7.80
CA GLU C 170 7.54 26.86 -8.72
C GLU C 170 8.15 25.47 -8.90
N GLY C 171 7.36 24.44 -8.63
CA GLY C 171 7.76 23.06 -8.88
C GLY C 171 8.73 22.46 -7.88
N ASP C 172 8.95 23.15 -6.77
CA ASP C 172 9.85 22.63 -5.73
C ASP C 172 9.06 21.89 -4.66
N ALA C 173 8.44 20.78 -5.04
CA ALA C 173 7.65 19.98 -4.12
C ALA C 173 8.53 19.31 -3.06
N ASN C 174 9.77 19.02 -3.44
CA ASN C 174 10.72 18.39 -2.53
C ASN C 174 11.00 19.21 -1.28
N ARG C 175 11.19 20.51 -1.45
CA ARG C 175 11.42 21.39 -0.30
C ARG C 175 10.16 21.62 0.50
N ALA C 176 9.02 21.62 -0.17
CA ALA C 176 7.73 21.69 0.51
C ALA C 176 7.56 20.45 1.38
N MET C 177 7.90 19.29 0.81
CA MET C 177 7.88 18.02 1.56
C MET C 177 8.82 18.08 2.75
N LEU C 178 10.04 18.56 2.51
CA LEU C 178 11.04 18.69 3.57
C LEU C 178 10.52 19.52 4.75
N ALA C 179 9.88 20.64 4.43
CA ALA C 179 9.32 21.52 5.45
C ALA C 179 8.25 20.79 6.27
N MET C 180 7.45 19.96 5.61
CA MET C 180 6.41 19.21 6.28
C MET C 180 7.01 18.11 7.15
N VAL C 181 8.03 17.43 6.64
CA VAL C 181 8.67 16.34 7.36
C VAL C 181 9.41 16.84 8.60
N LEU C 182 10.19 17.90 8.44
CA LEU C 182 10.93 18.49 9.55
C LEU C 182 10.00 18.90 10.69
N GLY C 183 8.92 19.59 10.34
CA GLY C 183 7.97 20.06 11.33
C GLY C 183 7.28 18.93 12.07
N SER C 184 6.79 17.95 11.33
CA SER C 184 6.12 16.80 11.93
C SER C 184 7.10 15.91 12.70
N GLY C 185 8.30 15.74 12.15
CA GLY C 185 9.33 14.96 12.79
C GLY C 185 9.75 15.56 14.13
N LEU C 186 9.83 16.89 14.17
CA LEU C 186 10.15 17.59 15.40
C LEU C 186 8.99 17.49 16.38
N ASN C 187 7.78 17.62 15.86
CA ASN C 187 6.58 17.50 16.68
C ASN C 187 6.48 16.12 17.32
N ILE C 188 6.93 15.09 16.58
CA ILE C 188 6.94 13.72 17.08
C ILE C 188 7.82 13.58 18.30
N VAL C 189 8.96 14.26 18.30
CA VAL C 189 9.89 14.20 19.42
C VAL C 189 9.44 15.06 20.60
N LEU C 190 8.98 16.28 20.30
CA LEU C 190 8.58 17.22 21.33
C LEU C 190 7.30 16.82 22.06
N ASP C 191 6.44 16.08 21.36
CA ASP C 191 5.11 15.73 21.87
C ASP C 191 5.13 15.02 23.24
N PRO C 192 5.86 13.90 23.38
CA PRO C 192 5.81 13.26 24.70
C PRO C 192 6.56 14.06 25.76
N ILE C 193 7.51 14.88 25.33
CA ILE C 193 8.27 15.72 26.25
C ILE C 193 7.37 16.76 26.92
N PHE C 194 6.52 17.41 26.14
CA PHE C 194 5.62 18.42 26.67
C PHE C 194 4.44 17.81 27.44
N ILE C 195 3.91 16.71 26.93
CA ILE C 195 2.75 16.06 27.52
C ILE C 195 3.08 15.37 28.85
N TYR C 196 4.18 14.63 28.87
CA TYR C 196 4.53 13.81 30.02
C TYR C 196 5.69 14.36 30.86
N THR C 197 6.83 14.56 30.23
CA THR C 197 8.05 14.99 30.93
C THR C 197 7.88 16.32 31.65
N LEU C 198 7.26 17.28 30.97
CA LEU C 198 7.03 18.60 31.54
C LEU C 198 5.66 18.67 32.21
N GLY C 199 4.86 17.62 32.02
CA GLY C 199 3.58 17.50 32.71
C GLY C 199 2.54 18.55 32.35
N PHE C 200 2.52 18.98 31.09
CA PHE C 200 1.56 19.96 30.64
C PHE C 200 0.21 19.31 30.27
N GLY C 201 0.22 17.99 30.11
CA GLY C 201 -0.99 17.28 29.73
C GLY C 201 -1.33 17.51 28.26
N VAL C 202 -2.63 17.48 27.96
CA VAL C 202 -3.08 17.59 26.57
C VAL C 202 -2.68 18.92 25.93
N VAL C 203 -2.68 20.00 26.73
CA VAL C 203 -2.29 21.32 26.27
C VAL C 203 -0.82 21.33 25.84
N GLY C 204 -0.04 20.40 26.40
CA GLY C 204 1.35 20.25 26.01
C GLY C 204 1.51 19.92 24.54
N ALA C 205 0.53 19.20 23.98
CA ALA C 205 0.53 18.86 22.57
C ALA C 205 0.36 20.11 21.72
N ALA C 206 -0.36 21.09 22.24
CA ALA C 206 -0.55 22.36 21.54
C ALA C 206 0.75 23.15 21.53
N TYR C 207 1.46 23.13 22.65
CA TYR C 207 2.76 23.79 22.75
C TYR C 207 3.77 23.15 21.81
N ALA C 208 3.78 21.82 21.78
CA ALA C 208 4.72 21.08 20.94
C ALA C 208 4.47 21.35 19.46
N THR C 209 3.20 21.38 19.07
CA THR C 209 2.82 21.67 17.70
C THR C 209 3.17 23.10 17.30
N LEU C 210 2.85 24.05 18.16
CA LEU C 210 3.13 25.46 17.89
C LEU C 210 4.63 25.70 17.71
N LEU C 211 5.43 25.13 18.62
CA LEU C 211 6.87 25.25 18.57
C LEU C 211 7.44 24.61 17.29
N SER C 212 6.84 23.51 16.87
CA SER C 212 7.27 22.84 15.65
C SER C 212 6.94 23.68 14.43
N MET C 213 5.78 24.33 14.47
CA MET C 213 5.36 25.22 13.39
C MET C 213 6.27 26.43 13.27
N VAL C 214 6.67 26.97 14.42
CA VAL C 214 7.59 28.12 14.45
C VAL C 214 8.93 27.76 13.82
N VAL C 215 9.45 26.59 14.19
CA VAL C 215 10.70 26.10 13.63
C VAL C 215 10.58 25.92 12.12
N THR C 216 9.44 25.39 11.68
CA THR C 216 9.16 25.26 10.26
C THR C 216 9.20 26.62 9.56
N SER C 217 8.63 27.63 10.21
CA SER C 217 8.61 28.98 9.64
C SER C 217 10.02 29.53 9.54
N LEU C 218 10.87 29.21 10.51
CA LEU C 218 12.26 29.63 10.48
C LEU C 218 13.00 29.08 9.26
N PHE C 219 12.73 27.82 8.93
CA PHE C 219 13.31 27.22 7.72
C PHE C 219 12.79 27.91 6.46
N ILE C 220 11.48 28.13 6.42
CA ILE C 220 10.85 28.76 5.27
C ILE C 220 11.31 30.20 5.09
N ALA C 221 11.28 30.96 6.19
CA ALA C 221 11.74 32.35 6.17
C ALA C 221 13.19 32.42 5.72
N TYR C 222 13.98 31.45 6.17
CA TYR C 222 15.40 31.40 5.81
C TYR C 222 15.58 31.19 4.32
N TRP C 223 14.79 30.29 3.75
CA TRP C 223 14.88 29.99 2.33
C TRP C 223 14.41 31.17 1.46
N LEU C 224 13.33 31.82 1.89
CA LEU C 224 12.73 32.89 1.11
C LEU C 224 13.46 34.23 1.25
N PHE C 225 13.94 34.53 2.45
CA PHE C 225 14.43 35.87 2.77
C PHE C 225 15.95 35.97 2.92
N VAL C 226 16.57 34.91 3.43
CA VAL C 226 18.01 34.95 3.70
C VAL C 226 18.87 34.32 2.60
N LYS C 227 18.67 33.03 2.36
CA LYS C 227 19.41 32.33 1.32
C LYS C 227 18.89 32.72 -0.05
N ARG C 228 17.57 32.82 -0.17
CA ARG C 228 16.92 33.34 -1.38
C ARG C 228 17.30 32.55 -2.63
N ASP C 229 17.30 31.22 -2.50
CA ASP C 229 17.66 30.36 -3.62
C ASP C 229 16.41 29.77 -4.29
N THR C 230 15.26 30.42 -4.12
CA THR C 230 14.07 30.07 -4.86
C THR C 230 14.17 30.62 -6.27
N TYR C 231 13.31 30.13 -7.16
CA TYR C 231 13.25 30.68 -8.50
C TYR C 231 12.72 32.10 -8.45
N VAL C 232 11.63 32.31 -7.71
CA VAL C 232 11.05 33.65 -7.57
C VAL C 232 11.94 34.58 -6.78
N ASP C 233 11.90 35.87 -7.11
CA ASP C 233 12.62 36.88 -6.37
C ASP C 233 11.68 37.53 -5.36
N ILE C 234 12.08 37.54 -4.10
CA ILE C 234 11.25 38.08 -3.02
C ILE C 234 11.90 39.30 -2.38
N THR C 235 11.38 40.47 -2.69
CA THR C 235 11.90 41.72 -2.16
C THR C 235 10.84 42.82 -2.16
N LEU C 236 10.95 43.75 -1.21
CA LEU C 236 10.04 44.88 -1.13
C LEU C 236 10.54 46.05 -1.96
N ARG C 237 11.68 45.86 -2.60
CA ARG C 237 12.26 46.90 -3.44
C ARG C 237 11.41 47.13 -4.67
N ASP C 238 11.00 48.38 -4.89
CA ASP C 238 10.14 48.76 -6.00
C ASP C 238 8.81 48.01 -5.99
N PHE C 239 8.34 47.63 -4.80
CA PHE C 239 7.09 46.90 -4.69
C PHE C 239 5.88 47.78 -5.00
N SER C 240 5.03 47.30 -5.90
CA SER C 240 3.83 48.03 -6.28
C SER C 240 2.61 47.12 -6.15
N PRO C 241 1.76 47.41 -5.14
CA PRO C 241 0.53 46.65 -4.89
C PRO C 241 -0.36 46.62 -6.13
N SER C 242 -0.98 45.47 -6.39
CA SER C 242 -1.77 45.29 -7.60
C SER C 242 -3.11 44.63 -7.30
N ARG C 243 -4.17 45.18 -7.87
CA ARG C 243 -5.50 44.61 -7.72
CA ARG C 243 -5.51 44.62 -7.73
C ARG C 243 -5.63 43.33 -8.54
N GLU C 244 -4.94 43.32 -9.69
CA GLU C 244 -4.89 42.15 -10.56
C GLU C 244 -4.31 40.94 -9.83
N ILE C 245 -3.18 41.16 -9.17
CA ILE C 245 -2.53 40.09 -8.41
C ILE C 245 -3.41 39.61 -7.28
N LEU C 246 -3.99 40.54 -6.53
CA LEU C 246 -4.86 40.19 -5.40
C LEU C 246 -6.08 39.40 -5.87
N LYS C 247 -6.70 39.84 -6.96
CA LYS C 247 -7.84 39.13 -7.52
C LYS C 247 -7.46 37.73 -7.99
N ASP C 248 -6.26 37.61 -8.56
CA ASP C 248 -5.77 36.33 -9.08
C ASP C 248 -5.56 35.33 -7.95
N ILE C 249 -5.13 35.83 -6.79
CA ILE C 249 -4.91 34.99 -5.62
C ILE C 249 -6.24 34.59 -4.98
N LEU C 250 -7.15 35.54 -4.86
CA LEU C 250 -8.42 35.33 -4.15
C LEU C 250 -9.43 34.51 -4.95
N ARG C 251 -9.35 34.56 -6.27
CA ARG C 251 -10.31 33.85 -7.12
C ARG C 251 -10.16 32.33 -6.97
N VAL C 252 -9.02 31.90 -6.44
CA VAL C 252 -8.81 30.50 -6.11
C VAL C 252 -8.79 30.33 -4.59
N GLY C 253 -8.10 31.24 -3.90
CA GLY C 253 -7.93 31.16 -2.46
C GLY C 253 -9.21 31.23 -1.65
N LEU C 254 -10.07 32.19 -1.96
CA LEU C 254 -11.32 32.36 -1.24
C LEU C 254 -12.29 31.18 -1.41
N PRO C 255 -12.55 30.74 -2.67
CA PRO C 255 -13.43 29.58 -2.80
C PRO C 255 -12.83 28.31 -2.20
N SER C 256 -11.50 28.23 -2.12
CA SER C 256 -10.85 27.09 -1.50
C SER C 256 -11.21 26.99 -0.03
N SER C 257 -11.17 28.13 0.66
CA SER C 257 -11.57 28.19 2.05
C SER C 257 -13.05 27.87 2.22
N LEU C 258 -13.87 28.38 1.30
CA LEU C 258 -15.32 28.16 1.37
C LEU C 258 -15.69 26.70 1.10
N SER C 259 -14.88 26.02 0.29
CA SER C 259 -15.10 24.60 0.01
C SER C 259 -14.96 23.77 1.29
N GLN C 260 -13.92 24.06 2.07
CA GLN C 260 -13.70 23.36 3.33
C GLN C 260 -14.81 23.69 4.32
N LEU C 261 -15.31 24.91 4.26
CA LEU C 261 -16.47 25.32 5.05
C LEU C 261 -17.69 24.49 4.63
N SER C 262 -17.86 24.34 3.32
CA SER C 262 -18.98 23.57 2.78
C SER C 262 -18.89 22.11 3.19
N MET C 263 -17.67 21.57 3.22
CA MET C 263 -17.45 20.19 3.63
C MET C 263 -17.78 20.00 5.11
N SER C 264 -17.38 20.97 5.93
CA SER C 264 -17.59 20.90 7.38
C SER C 264 -19.05 21.09 7.75
N ILE C 265 -19.75 21.96 7.02
CA ILE C 265 -21.19 22.15 7.22
C ILE C 265 -21.92 20.84 6.92
N ALA C 266 -21.46 20.13 5.89
CA ALA C 266 -22.04 18.84 5.54
C ALA C 266 -21.68 17.78 6.55
N MET C 267 -20.46 17.84 7.08
CA MET C 267 -20.00 16.87 8.07
C MET C 267 -20.78 16.97 9.38
N PHE C 268 -21.23 18.17 9.71
CA PHE C 268 -22.06 18.36 10.89
C PHE C 268 -23.44 17.75 10.66
N PHE C 269 -23.89 17.82 9.41
CA PHE C 269 -25.17 17.22 9.03
C PHE C 269 -25.05 15.70 8.94
N LEU C 270 -24.00 15.23 8.29
CA LEU C 270 -23.76 13.79 8.11
C LEU C 270 -23.53 13.08 9.44
N ASN C 271 -23.05 13.80 10.44
CA ASN C 271 -22.86 13.23 11.77
C ASN C 271 -24.17 13.15 12.55
N SER C 272 -25.11 14.02 12.20
CA SER C 272 -26.42 14.04 12.86
C SER C 272 -27.43 13.15 12.12
N VAL C 273 -27.14 12.88 10.85
CA VAL C 273 -27.95 11.92 10.08
C VAL C 273 -27.69 10.52 10.64
N ALA C 274 -26.46 10.28 11.06
CA ALA C 274 -26.07 9.01 11.66
C ALA C 274 -26.67 8.86 13.05
N ILE C 275 -27.18 9.95 13.61
CA ILE C 275 -27.86 9.91 14.90
C ILE C 275 -29.27 9.33 14.73
N THR C 276 -29.92 9.71 13.63
CA THR C 276 -31.23 9.19 13.30
C THR C 276 -31.10 7.80 12.70
N ALA C 277 -29.87 7.39 12.43
CA ALA C 277 -29.58 6.11 11.79
C ALA C 277 -28.93 5.11 12.74
N GLY C 278 -27.95 5.57 13.52
CA GLY C 278 -27.22 4.70 14.42
C GLY C 278 -27.14 5.21 15.84
N GLY C 279 -28.02 6.15 16.18
CA GLY C 279 -28.08 6.68 17.52
C GLY C 279 -26.90 7.59 17.85
N GLU C 280 -26.70 7.85 19.14
CA GLU C 280 -25.60 8.69 19.60
C GLU C 280 -24.26 8.00 19.32
N ASN C 281 -24.30 6.67 19.29
CA ASN C 281 -23.12 5.90 18.89
C ASN C 281 -22.76 6.18 17.45
N GLY C 282 -23.77 6.55 16.66
CA GLY C 282 -23.59 6.90 15.26
C GLY C 282 -22.63 8.05 15.04
N VAL C 283 -22.52 8.92 16.04
CA VAL C 283 -21.57 10.02 15.99
C VAL C 283 -20.13 9.50 15.96
N ALA C 284 -19.79 8.68 16.94
CA ALA C 284 -18.46 8.08 17.03
C ALA C 284 -18.27 7.04 15.94
N VAL C 285 -19.39 6.60 15.38
CA VAL C 285 -19.43 5.63 14.30
C VAL C 285 -18.86 6.22 13.01
N PHE C 286 -19.30 7.43 12.67
CA PHE C 286 -18.84 8.07 11.44
C PHE C 286 -17.60 8.93 11.67
N THR C 287 -17.43 9.41 12.89
CA THR C 287 -16.22 10.12 13.27
C THR C 287 -15.02 9.21 13.08
N SER C 288 -15.22 7.92 13.39
CA SER C 288 -14.19 6.93 13.16
C SER C 288 -13.99 6.71 11.67
N ALA C 289 -15.09 6.47 10.96
CA ALA C 289 -15.07 6.30 9.51
C ALA C 289 -14.41 7.48 8.79
N TRP C 290 -14.71 8.68 9.27
CA TRP C 290 -14.11 9.88 8.70
C TRP C 290 -12.60 9.87 8.86
N ARG C 291 -12.12 9.40 10.03
CA ARG C 291 -10.70 9.37 10.31
C ARG C 291 -9.94 8.37 9.44
N ILE C 292 -10.55 7.22 9.21
CA ILE C 292 -9.97 6.20 8.34
C ILE C 292 -9.85 6.70 6.90
N THR C 293 -10.87 7.38 6.41
CA THR C 293 -10.89 7.85 5.02
C THR C 293 -9.98 9.06 4.77
N MET C 294 -9.73 9.85 5.81
CA MET C 294 -8.75 10.93 5.71
C MET C 294 -7.36 10.35 5.45
N LEU C 295 -7.14 9.13 5.95
CA LEU C 295 -5.92 8.39 5.63
C LEU C 295 -5.96 7.90 4.19
N GLY C 296 -7.15 7.51 3.74
CA GLY C 296 -7.32 6.93 2.42
C GLY C 296 -7.18 7.94 1.28
N ILE C 297 -7.50 9.20 1.56
CA ILE C 297 -7.53 10.24 0.55
C ILE C 297 -6.18 10.95 0.35
N VAL C 298 -5.21 10.63 1.21
CA VAL C 298 -3.89 11.23 1.14
C VAL C 298 -3.25 11.20 -0.26
N PRO C 299 -3.26 10.04 -0.94
CA PRO C 299 -2.71 10.04 -2.30
C PRO C 299 -3.50 10.95 -3.24
N ILE C 300 -4.81 11.01 -3.07
CA ILE C 300 -5.66 11.87 -3.91
C ILE C 300 -5.28 13.34 -3.71
N LEU C 301 -5.00 13.72 -2.48
CA LEU C 301 -4.61 15.09 -2.17
C LEU C 301 -3.29 15.45 -2.85
N GLY C 302 -2.37 14.49 -2.88
CA GLY C 302 -1.10 14.69 -3.55
C GLY C 302 -1.25 14.87 -5.05
N MET C 303 -2.10 14.04 -5.64
CA MET C 303 -2.43 14.15 -7.06
C MET C 303 -3.04 15.51 -7.38
N ALA C 304 -3.92 15.97 -6.50
CA ALA C 304 -4.67 17.20 -6.73
C ALA C 304 -3.75 18.43 -6.72
N THR C 305 -2.88 18.51 -5.72
CA THR C 305 -1.94 19.63 -5.63
C THR C 305 -0.97 19.66 -6.81
N ALA C 306 -0.61 18.47 -7.28
CA ALA C 306 0.24 18.34 -8.47
C ALA C 306 -0.54 18.77 -9.70
N THR C 307 -1.80 18.35 -9.77
CA THR C 307 -2.67 18.70 -10.89
C THR C 307 -2.83 20.21 -11.03
N THR C 308 -3.05 20.89 -9.91
CA THR C 308 -3.23 22.34 -9.93
C THR C 308 -2.02 23.05 -10.50
N SER C 309 -0.83 22.68 -10.04
CA SER C 309 0.40 23.28 -10.50
C SER C 309 0.66 23.02 -11.99
N VAL C 310 0.50 21.76 -12.41
CA VAL C 310 0.81 21.39 -13.78
C VAL C 310 -0.21 21.94 -14.78
N THR C 311 -1.50 21.83 -14.45
CA THR C 311 -2.54 22.39 -15.30
C THR C 311 -2.44 23.91 -15.27
N GLY C 312 -2.00 24.45 -14.15
CA GLY C 312 -1.77 25.88 -14.03
C GLY C 312 -0.67 26.33 -14.96
N ALA C 313 0.46 25.63 -14.94
CA ALA C 313 1.59 25.95 -15.81
C ALA C 313 1.21 25.79 -17.28
N ALA C 314 0.47 24.72 -17.59
CA ALA C 314 0.01 24.48 -18.95
C ALA C 314 -0.96 25.57 -19.40
N TYR C 315 -1.77 26.08 -18.47
CA TYR C 315 -2.70 27.15 -18.78
C TYR C 315 -1.94 28.44 -19.09
N GLY C 316 -0.88 28.69 -18.33
CA GLY C 316 -0.02 29.85 -18.56
C GLY C 316 0.68 29.75 -19.90
N GLU C 317 1.00 28.54 -20.31
CA GLU C 317 1.62 28.30 -21.62
C GLU C 317 0.57 28.32 -22.72
N ARG C 318 -0.70 28.42 -22.31
CA ARG C 318 -1.82 28.34 -23.24
C ARG C 318 -1.76 27.05 -24.06
N ASN C 319 -1.37 25.97 -23.39
CA ASN C 319 -1.32 24.65 -24.01
C ASN C 319 -2.41 23.77 -23.41
N VAL C 320 -3.58 23.78 -24.06
CA VAL C 320 -4.74 23.07 -23.57
C VAL C 320 -4.54 21.55 -23.65
N GLU C 321 -3.83 21.10 -24.68
CA GLU C 321 -3.58 19.68 -24.85
C GLU C 321 -2.71 19.15 -23.70
N LYS C 322 -1.68 19.93 -23.34
CA LYS C 322 -0.83 19.59 -22.21
C LYS C 322 -1.61 19.63 -20.89
N LEU C 323 -2.52 20.60 -20.78
CA LEU C 323 -3.38 20.72 -19.61
C LEU C 323 -4.25 19.48 -19.46
N GLU C 324 -4.80 19.05 -20.58
CA GLU C 324 -5.71 17.91 -20.62
C GLU C 324 -4.99 16.60 -20.30
N THR C 325 -3.79 16.45 -20.85
CA THR C 325 -2.95 15.29 -20.57
C THR C 325 -2.66 15.15 -19.08
N ALA C 326 -2.16 16.23 -18.48
CA ALA C 326 -1.84 16.25 -17.06
C ALA C 326 -3.03 15.84 -16.21
N TYR C 327 -4.17 16.43 -16.52
CA TYR C 327 -5.41 16.25 -15.78
C TYR C 327 -5.97 14.82 -15.86
N LEU C 328 -6.00 14.25 -17.06
CA LEU C 328 -6.46 12.88 -17.24
C LEU C 328 -5.46 11.87 -16.68
N TYR C 329 -4.17 12.21 -16.76
CA TYR C 329 -3.11 11.35 -16.24
C TYR C 329 -3.17 11.24 -14.73
N ALA C 330 -3.46 12.35 -14.06
CA ALA C 330 -3.60 12.37 -12.61
C ALA C 330 -4.77 11.49 -12.16
N ILE C 331 -5.88 11.59 -12.89
CA ILE C 331 -7.05 10.75 -12.62
C ILE C 331 -6.67 9.28 -12.81
N LYS C 332 -5.90 9.00 -13.85
CA LYS C 332 -5.44 7.65 -14.15
C LYS C 332 -4.69 7.05 -12.95
N ILE C 333 -3.71 7.76 -12.46
CA ILE C 333 -2.87 7.27 -11.37
C ILE C 333 -3.63 7.20 -10.06
N ALA C 334 -4.40 8.25 -9.75
CA ALA C 334 -5.17 8.30 -8.52
C ALA C 334 -6.18 7.16 -8.46
N PHE C 335 -6.81 6.87 -9.61
CA PHE C 335 -7.75 5.77 -9.71
C PHE C 335 -7.08 4.44 -9.40
N MET C 336 -5.91 4.21 -10.00
CA MET C 336 -5.17 2.97 -9.79
C MET C 336 -4.75 2.82 -8.33
N ILE C 337 -4.26 3.90 -7.73
CA ILE C 337 -3.84 3.89 -6.34
C ILE C 337 -5.01 3.58 -5.41
N GLU C 338 -6.14 4.25 -5.64
CA GLU C 338 -7.31 4.09 -4.80
C GLU C 338 -7.90 2.69 -4.86
N LEU C 339 -7.76 2.03 -6.01
CA LEU C 339 -8.19 0.64 -6.15
C LEU C 339 -7.42 -0.25 -5.18
N ALA C 340 -6.12 -0.01 -5.08
CA ALA C 340 -5.28 -0.76 -4.16
C ALA C 340 -5.62 -0.46 -2.70
N VAL C 341 -5.86 0.82 -2.40
CA VAL C 341 -6.24 1.25 -1.06
C VAL C 341 -7.59 0.65 -0.65
N VAL C 342 -8.59 0.81 -1.51
CA VAL C 342 -9.95 0.35 -1.27
C VAL C 342 -10.04 -1.16 -1.08
N ALA C 343 -9.39 -1.91 -1.96
CA ALA C 343 -9.31 -3.36 -1.83
C ALA C 343 -8.73 -3.76 -0.48
N PHE C 344 -7.60 -3.14 -0.11
CA PHE C 344 -6.98 -3.37 1.18
C PHE C 344 -7.92 -3.12 2.36
N ILE C 345 -8.54 -1.95 2.37
CA ILE C 345 -9.45 -1.56 3.45
C ILE C 345 -10.68 -2.48 3.55
N MET C 346 -11.19 -2.91 2.40
CA MET C 346 -12.35 -3.81 2.38
C MET C 346 -12.00 -5.27 2.72
N LEU C 347 -11.05 -5.83 1.98
CA LEU C 347 -10.63 -7.22 2.16
C LEU C 347 -10.06 -7.51 3.54
N PHE C 348 -9.55 -6.47 4.19
CA PHE C 348 -8.91 -6.63 5.50
C PHE C 348 -9.50 -5.67 6.54
N ALA C 349 -10.83 -5.55 6.50
CA ALA C 349 -11.58 -4.52 7.21
C ALA C 349 -11.74 -4.64 8.74
N PRO C 350 -11.99 -5.85 9.27
CA PRO C 350 -12.28 -5.91 10.72
C PRO C 350 -11.09 -5.49 11.58
N GLN C 351 -9.90 -5.73 11.04
CA GLN C 351 -8.66 -5.37 11.69
C GLN C 351 -8.56 -3.86 11.84
N VAL C 352 -8.90 -3.16 10.77
CA VAL C 352 -8.86 -1.70 10.72
C VAL C 352 -9.81 -1.08 11.75
N ALA C 353 -11.01 -1.62 11.87
CA ALA C 353 -11.99 -1.13 12.85
C ALA C 353 -11.55 -1.32 14.31
N TYR C 354 -10.94 -2.47 14.60
CA TYR C 354 -10.44 -2.82 15.94
C TYR C 354 -9.51 -1.75 16.50
N LEU C 355 -8.66 -1.20 15.63
CA LEU C 355 -7.65 -0.22 16.03
C LEU C 355 -8.22 1.15 16.38
N PHE C 356 -9.55 1.23 16.45
CA PHE C 356 -10.24 2.48 16.76
C PHE C 356 -11.37 2.24 17.76
N THR C 357 -11.50 1.01 18.24
CA THR C 357 -12.67 0.64 19.04
C THR C 357 -12.34 -0.03 20.38
N TYR C 358 -11.14 0.22 20.90
CA TYR C 358 -10.79 -0.33 22.21
C TYR C 358 -11.43 0.44 23.37
N SER C 359 -12.75 0.31 23.48
CA SER C 359 -13.52 0.95 24.55
C SER C 359 -14.73 0.08 24.91
N GLU C 360 -15.52 0.53 25.88
CA GLU C 360 -16.69 -0.22 26.32
C GLU C 360 -17.74 -0.32 25.23
N SER C 361 -18.51 -1.42 25.25
CA SER C 361 -19.49 -1.73 24.22
C SER C 361 -18.83 -1.68 22.84
N ALA C 362 -17.71 -2.39 22.72
CA ALA C 362 -16.90 -2.33 21.51
C ALA C 362 -17.64 -2.83 20.27
N GLN C 363 -18.42 -3.89 20.43
CA GLN C 363 -19.09 -4.54 19.30
C GLN C 363 -19.91 -3.61 18.41
N VAL C 364 -20.84 -2.86 19.00
CA VAL C 364 -21.72 -1.99 18.22
C VAL C 364 -20.96 -0.88 17.48
N ILE C 365 -19.99 -0.27 18.15
CA ILE C 365 -19.15 0.70 17.49
C ILE C 365 -18.18 -0.02 16.55
N LYS C 366 -17.73 -1.21 16.91
CA LYS C 366 -16.85 -1.93 16.00
C LYS C 366 -17.65 -2.51 14.84
N GLY C 367 -18.55 -3.43 15.18
CA GLY C 367 -19.26 -4.24 14.20
C GLY C 367 -20.10 -3.52 13.16
N ASP C 368 -20.55 -2.31 13.46
CA ASP C 368 -21.23 -1.49 12.46
C ASP C 368 -20.21 -0.98 11.45
N LEU C 369 -19.06 -0.57 11.97
CA LEU C 369 -18.03 0.07 11.16
C LEU C 369 -17.28 -0.90 10.29
N ILE C 370 -17.25 -2.16 10.67
CA ILE C 370 -16.81 -3.20 9.75
C ILE C 370 -17.72 -3.12 8.51
N SER C 371 -19.03 -3.25 8.71
CA SER C 371 -19.99 -3.12 7.61
C SER C 371 -19.79 -1.85 6.78
N ALA C 372 -19.51 -0.73 7.44
CA ALA C 372 -19.18 0.49 6.72
C ALA C 372 -17.91 0.33 5.89
N LEU C 373 -16.96 -0.44 6.42
CA LEU C 373 -15.68 -0.65 5.76
C LEU C 373 -15.75 -1.60 4.56
N ARG C 374 -16.84 -2.36 4.46
CA ARG C 374 -17.08 -3.21 3.28
C ARG C 374 -17.92 -2.49 2.22
N THR C 375 -18.38 -1.28 2.56
CA THR C 375 -19.27 -0.53 1.68
C THR C 375 -18.71 0.86 1.34
N LEU C 376 -18.56 1.71 2.36
CA LEU C 376 -18.14 3.10 2.15
C LEU C 376 -16.82 3.34 1.37
N PRO C 377 -15.78 2.51 1.60
CA PRO C 377 -14.52 2.71 0.85
C PRO C 377 -14.66 2.88 -0.66
N VAL C 378 -15.71 2.33 -1.27
CA VAL C 378 -15.94 2.42 -2.71
C VAL C 378 -15.87 3.86 -3.26
N PHE C 379 -16.23 4.84 -2.43
CA PHE C 379 -16.25 6.25 -2.86
C PHE C 379 -14.88 6.77 -3.32
N LEU C 380 -13.82 6.27 -2.68
CA LEU C 380 -12.45 6.65 -3.02
C LEU C 380 -12.11 6.31 -4.47
N VAL C 381 -12.85 5.37 -5.03
CA VAL C 381 -12.64 4.94 -6.41
C VAL C 381 -13.22 5.98 -7.37
N LEU C 382 -14.27 6.67 -6.92
CA LEU C 382 -15.00 7.61 -7.76
C LEU C 382 -14.39 9.01 -7.62
N THR C 383 -13.96 9.31 -6.41
CA THR C 383 -13.45 10.63 -6.01
C THR C 383 -12.42 11.30 -6.94
N PRO C 384 -11.42 10.54 -7.46
CA PRO C 384 -10.41 11.22 -8.29
C PRO C 384 -10.99 11.95 -9.50
N PHE C 385 -12.05 11.42 -10.10
CA PHE C 385 -12.68 12.04 -11.25
C PHE C 385 -13.23 13.42 -10.88
N GLY C 386 -13.77 13.54 -9.67
CA GLY C 386 -14.29 14.82 -9.22
C GLY C 386 -13.20 15.74 -8.69
N MET C 387 -12.26 15.16 -7.95
CA MET C 387 -11.22 15.95 -7.29
C MET C 387 -10.13 16.50 -8.22
N MET C 388 -9.74 15.72 -9.22
CA MET C 388 -8.78 16.23 -10.20
C MET C 388 -9.43 17.30 -11.07
N THR C 389 -10.74 17.16 -11.28
CA THR C 389 -11.51 18.18 -11.99
C THR C 389 -11.48 19.48 -11.21
N SER C 390 -11.74 19.38 -9.92
CA SER C 390 -11.68 20.54 -9.04
C SER C 390 -10.29 21.16 -9.00
N ALA C 391 -9.27 20.31 -8.95
CA ALA C 391 -7.89 20.77 -8.92
C ALA C 391 -7.52 21.44 -10.24
N MET C 392 -8.12 20.98 -11.32
CA MET C 392 -7.89 21.58 -12.64
C MET C 392 -8.55 22.96 -12.73
N PHE C 393 -9.74 23.07 -12.14
CA PHE C 393 -10.43 24.35 -12.07
C PHE C 393 -9.60 25.39 -11.33
N GLN C 394 -8.97 24.96 -10.24
CA GLN C 394 -8.09 25.84 -9.47
C GLN C 394 -6.86 26.21 -10.29
N GLY C 395 -6.35 25.25 -11.05
CA GLY C 395 -5.19 25.46 -11.88
C GLY C 395 -5.38 26.55 -12.90
N ILE C 396 -6.55 26.59 -13.53
CA ILE C 396 -6.85 27.61 -14.53
C ILE C 396 -7.35 28.91 -13.91
N GLY C 397 -7.43 28.93 -12.58
CA GLY C 397 -7.79 30.14 -11.85
C GLY C 397 -9.28 30.33 -11.63
N GLU C 398 -10.07 29.31 -11.95
CA GLU C 398 -11.51 29.40 -11.77
C GLU C 398 -11.98 28.63 -10.55
N GLY C 399 -11.61 29.13 -9.38
CA GLY C 399 -11.88 28.46 -8.12
C GLY C 399 -13.34 28.39 -7.75
N GLU C 400 -14.14 29.31 -8.27
CA GLU C 400 -15.57 29.34 -7.97
C GLU C 400 -16.27 28.10 -8.52
N LYS C 401 -15.79 27.60 -9.65
CA LYS C 401 -16.32 26.37 -10.22
C LYS C 401 -15.97 25.18 -9.34
N SER C 402 -14.79 25.23 -8.75
CA SER C 402 -14.36 24.20 -7.80
C SER C 402 -15.24 24.24 -6.56
N LEU C 403 -15.59 25.46 -6.13
CA LEU C 403 -16.46 25.64 -4.97
C LEU C 403 -17.86 25.11 -5.25
N ILE C 404 -18.40 25.45 -6.42
CA ILE C 404 -19.71 24.99 -6.86
C ILE C 404 -19.76 23.45 -6.87
N LEU C 405 -18.70 22.84 -7.38
CA LEU C 405 -18.62 21.38 -7.45
C LEU C 405 -18.58 20.75 -6.06
N THR C 406 -17.91 21.40 -5.13
CA THR C 406 -17.82 20.91 -3.75
C THR C 406 -19.17 21.00 -3.05
N ILE C 407 -19.87 22.10 -3.25
CA ILE C 407 -21.20 22.30 -2.67
C ILE C 407 -22.20 21.28 -3.22
N PHE C 408 -22.13 21.03 -4.52
CA PHE C 408 -23.00 20.07 -5.16
C PHE C 408 -22.76 18.65 -4.64
N ARG C 409 -21.51 18.33 -4.35
CA ARG C 409 -21.16 17.01 -3.85
CA ARG C 409 -21.16 17.01 -3.85
C ARG C 409 -21.59 16.84 -2.40
N THR C 410 -21.11 17.72 -1.53
CA THR C 410 -21.37 17.64 -0.10
C THR C 410 -22.79 18.07 0.29
N LEU C 411 -23.09 19.34 0.06
CA LEU C 411 -24.33 19.94 0.54
C LEU C 411 -25.60 19.46 -0.19
N VAL C 412 -25.45 19.02 -1.44
CA VAL C 412 -26.60 18.62 -2.24
C VAL C 412 -26.71 17.11 -2.46
N MET C 413 -25.72 16.52 -3.10
CA MET C 413 -25.77 15.09 -3.38
C MET C 413 -25.66 14.21 -2.13
N GLN C 414 -24.60 14.42 -1.36
CA GLN C 414 -24.36 13.60 -0.17
C GLN C 414 -25.37 13.80 0.97
N VAL C 415 -25.68 15.05 1.30
CA VAL C 415 -26.69 15.33 2.33
C VAL C 415 -28.08 14.95 1.82
N GLY C 416 -28.38 15.34 0.58
CA GLY C 416 -29.66 15.01 -0.03
C GLY C 416 -29.95 13.52 -0.04
N PHE C 417 -29.01 12.73 -0.57
CA PHE C 417 -29.17 11.28 -0.64
C PHE C 417 -29.18 10.59 0.73
N ALA C 418 -28.25 10.96 1.60
CA ALA C 418 -28.22 10.41 2.96
C ALA C 418 -29.53 10.70 3.69
N TYR C 419 -30.02 11.94 3.56
CA TYR C 419 -31.32 12.35 4.10
C TYR C 419 -32.43 11.39 3.67
N ILE C 420 -32.65 11.28 2.37
CA ILE C 420 -33.75 10.48 1.83
C ILE C 420 -33.63 8.99 2.17
N PHE C 421 -32.41 8.48 2.16
CA PHE C 421 -32.15 7.11 2.61
C PHE C 421 -32.65 6.92 4.05
N VAL C 422 -32.44 7.92 4.89
CA VAL C 422 -32.89 7.84 6.28
C VAL C 422 -34.39 8.08 6.42
N HIS C 423 -34.90 9.14 5.77
CA HIS C 423 -36.29 9.55 5.97
C HIS C 423 -37.33 8.79 5.12
N TYR C 424 -36.87 8.00 4.16
CA TYR C 424 -37.78 7.30 3.26
C TYR C 424 -37.45 5.83 3.07
N THR C 425 -36.33 5.41 3.65
CA THR C 425 -35.97 3.99 3.66
C THR C 425 -35.73 3.57 5.11
N THR C 426 -35.72 2.27 5.36
CA THR C 426 -35.56 1.76 6.71
C THR C 426 -34.27 0.97 6.88
N LEU C 427 -33.25 1.35 6.11
CA LEU C 427 -31.94 0.72 6.23
C LEU C 427 -31.10 1.38 7.32
N GLY C 428 -31.44 2.61 7.65
CA GLY C 428 -30.78 3.34 8.72
C GLY C 428 -29.32 3.62 8.48
N LEU C 429 -28.46 3.05 9.33
CA LEU C 429 -27.03 3.29 9.27
C LEU C 429 -26.41 2.77 7.99
N ARG C 430 -26.87 1.60 7.53
CA ARG C 430 -26.35 0.99 6.33
C ARG C 430 -26.64 1.85 5.10
N GLY C 431 -27.77 2.53 5.13
CA GLY C 431 -28.19 3.38 4.03
C GLY C 431 -27.44 4.69 3.97
N VAL C 432 -26.94 5.14 5.13
CA VAL C 432 -26.17 6.37 5.19
C VAL C 432 -24.89 6.26 4.37
N TRP C 433 -24.19 5.13 4.51
CA TRP C 433 -22.98 4.90 3.75
C TRP C 433 -23.29 4.83 2.25
N ILE C 434 -24.39 4.17 1.92
CA ILE C 434 -24.83 4.07 0.53
C ILE C 434 -25.20 5.45 -0.01
N GLY C 435 -25.92 6.23 0.79
CA GLY C 435 -26.32 7.56 0.41
C GLY C 435 -25.14 8.47 0.10
N ILE C 436 -24.08 8.36 0.90
CA ILE C 436 -22.87 9.13 0.67
C ILE C 436 -22.16 8.65 -0.59
N VAL C 437 -22.07 7.33 -0.76
CA VAL C 437 -21.41 6.74 -1.92
C VAL C 437 -22.13 7.08 -3.23
N ILE C 438 -23.46 6.99 -3.23
CA ILE C 438 -24.25 7.31 -4.41
C ILE C 438 -24.10 8.78 -4.79
N GLY C 439 -24.20 9.66 -3.80
CA GLY C 439 -24.02 11.08 -4.01
C GLY C 439 -22.61 11.38 -4.50
N ASN C 440 -21.67 10.55 -4.10
CA ASN C 440 -20.28 10.69 -4.52
C ASN C 440 -20.12 10.25 -5.98
N MET C 441 -20.88 9.24 -6.37
CA MET C 441 -20.88 8.76 -7.74
C MET C 441 -21.37 9.83 -8.71
N VAL C 442 -22.49 10.46 -8.36
CA VAL C 442 -23.10 11.49 -9.20
C VAL C 442 -22.17 12.67 -9.40
N ALA C 443 -21.63 13.19 -8.29
CA ALA C 443 -20.77 14.36 -8.32
C ALA C 443 -19.48 14.11 -9.11
N ALA C 444 -18.96 12.89 -9.00
CA ALA C 444 -17.74 12.52 -9.71
C ALA C 444 -17.96 12.51 -11.21
N ILE C 445 -19.12 12.03 -11.63
CA ILE C 445 -19.45 11.92 -13.04
C ILE C 445 -19.85 13.27 -13.62
N VAL C 446 -20.68 14.01 -12.88
CA VAL C 446 -21.08 15.35 -13.29
C VAL C 446 -19.86 16.26 -13.31
N GLY C 447 -19.03 16.16 -12.27
CA GLY C 447 -17.81 16.94 -12.18
C GLY C 447 -16.86 16.70 -13.34
N PHE C 448 -16.58 15.43 -13.61
CA PHE C 448 -15.71 15.06 -14.73
C PHE C 448 -16.30 15.55 -16.04
N LEU C 449 -17.63 15.51 -16.14
CA LEU C 449 -18.31 15.99 -17.34
C LEU C 449 -18.16 17.50 -17.48
N TRP C 450 -18.27 18.21 -16.36
CA TRP C 450 -18.09 19.65 -16.34
C TRP C 450 -16.68 20.03 -16.78
N GLY C 451 -15.70 19.35 -16.20
CA GLY C 451 -14.31 19.61 -16.54
C GLY C 451 -14.02 19.36 -18.01
N ARG C 452 -14.61 18.31 -18.56
CA ARG C 452 -14.40 17.93 -19.95
C ARG C 452 -14.99 18.98 -20.91
N MET C 453 -16.13 19.56 -20.52
CA MET C 453 -16.74 20.64 -21.30
C MET C 453 -15.93 21.93 -21.20
N ARG C 454 -15.41 22.20 -20.00
CA ARG C 454 -14.64 23.41 -19.76
C ARG C 454 -13.36 23.40 -20.60
N ILE C 455 -12.71 22.25 -20.66
CA ILE C 455 -11.50 22.09 -21.44
C ILE C 455 -11.81 22.25 -22.93
N SER C 456 -12.93 21.67 -23.34
CA SER C 456 -13.37 21.74 -24.73
C SER C 456 -13.64 23.19 -25.16
N ALA C 457 -14.06 24.02 -24.21
CA ALA C 457 -14.31 25.44 -24.48
C ALA C 457 -13.02 26.23 -24.56
N LEU C 458 -12.00 25.77 -23.85
CA LEU C 458 -10.70 26.44 -23.84
C LEU C 458 -10.01 26.41 -25.19
N LYS C 459 -10.40 25.46 -26.04
CA LYS C 459 -9.79 25.29 -27.35
C LYS C 459 -10.41 26.23 -28.40
N LYS C 460 -11.47 26.93 -28.03
CA LYS C 460 -12.22 27.75 -28.97
C LYS C 460 -11.69 29.18 -29.11
N THR C 461 -12.36 29.95 -29.96
CA THR C 461 -11.97 31.33 -30.29
C THR C 461 -10.53 31.41 -30.78
N GLU D 10 -45.83 -19.36 6.77
CA GLU D 10 -46.88 -18.44 6.37
C GLU D 10 -46.91 -17.24 7.32
N LYS D 11 -45.76 -16.62 7.52
CA LYS D 11 -45.66 -15.52 8.47
C LYS D 11 -45.37 -14.16 7.84
N THR D 12 -45.98 -13.11 8.39
CA THR D 12 -45.86 -11.77 7.84
C THR D 12 -44.45 -11.21 7.95
N THR D 13 -44.02 -10.51 6.90
CA THR D 13 -42.77 -9.76 6.93
C THR D 13 -43.10 -8.28 7.11
N LYS D 14 -42.08 -7.44 7.09
CA LYS D 14 -42.29 -6.00 7.19
C LYS D 14 -42.87 -5.47 5.88
N GLY D 15 -42.47 -6.10 4.77
CA GLY D 15 -42.92 -5.69 3.45
C GLY D 15 -44.39 -5.97 3.21
N VAL D 16 -44.82 -7.19 3.55
CA VAL D 16 -46.21 -7.57 3.41
C VAL D 16 -47.10 -6.73 4.32
N GLN D 17 -46.62 -6.49 5.53
CA GLN D 17 -47.34 -5.66 6.50
C GLN D 17 -47.46 -4.24 5.97
N LEU D 18 -46.47 -3.80 5.21
CA LEU D 18 -46.50 -2.50 4.57
C LEU D 18 -47.42 -2.51 3.37
N LEU D 19 -47.42 -3.64 2.65
CA LEU D 19 -48.22 -3.81 1.45
C LEU D 19 -49.72 -3.91 1.76
N ARG D 20 -50.05 -4.54 2.88
CA ARG D 20 -51.44 -4.72 3.28
C ARG D 20 -51.95 -3.55 4.11
N GLY D 21 -51.05 -2.64 4.47
CA GLY D 21 -51.40 -1.52 5.32
C GLY D 21 -52.01 -0.35 4.57
N ASP D 22 -51.85 0.84 5.12
CA ASP D 22 -52.35 2.06 4.49
C ASP D 22 -51.74 2.23 3.10
N PRO D 23 -52.60 2.43 2.09
CA PRO D 23 -52.18 2.52 0.69
C PRO D 23 -51.24 3.70 0.43
N LYS D 24 -51.57 4.86 0.98
CA LYS D 24 -50.73 6.05 0.81
C LYS D 24 -49.35 5.85 1.40
N LYS D 25 -49.29 5.10 2.50
CA LYS D 25 -48.02 4.85 3.17
C LYS D 25 -47.20 3.83 2.41
N ALA D 26 -47.88 2.84 1.82
CA ALA D 26 -47.20 1.82 1.03
C ALA D 26 -46.64 2.39 -0.26
N ILE D 27 -47.39 3.31 -0.88
CA ILE D 27 -46.97 3.96 -2.11
C ILE D 27 -45.63 4.68 -1.95
N VAL D 28 -45.49 5.44 -0.88
CA VAL D 28 -44.28 6.22 -0.62
C VAL D 28 -43.07 5.34 -0.32
N ARG D 29 -43.27 4.35 0.53
CA ARG D 29 -42.17 3.51 1.01
CA ARG D 29 -42.17 3.51 1.00
C ARG D 29 -41.75 2.43 0.01
N LEU D 30 -42.56 2.21 -1.02
CA LEU D 30 -42.22 1.20 -2.03
C LEU D 30 -41.73 1.81 -3.34
N SER D 31 -42.07 3.08 -3.58
CA SER D 31 -41.67 3.75 -4.80
C SER D 31 -40.27 4.35 -4.68
N ILE D 32 -40.05 5.07 -3.58
CA ILE D 32 -38.79 5.78 -3.35
C ILE D 32 -37.52 4.91 -3.40
N PRO D 33 -37.53 3.73 -2.73
CA PRO D 33 -36.35 2.86 -2.89
C PRO D 33 -36.13 2.44 -4.34
N MET D 34 -37.20 2.28 -5.10
CA MET D 34 -37.09 1.92 -6.50
C MET D 34 -36.60 3.09 -7.34
N MET D 35 -36.90 4.30 -6.90
CA MET D 35 -36.40 5.50 -7.57
C MET D 35 -34.88 5.60 -7.45
N ILE D 36 -34.37 5.23 -6.27
CA ILE D 36 -32.95 5.26 -5.99
C ILE D 36 -32.19 4.23 -6.82
N GLY D 37 -32.71 3.01 -6.86
CA GLY D 37 -32.13 1.94 -7.65
C GLY D 37 -32.07 2.30 -9.13
N MET D 38 -33.14 2.90 -9.64
CA MET D 38 -33.21 3.30 -11.03
C MET D 38 -32.30 4.49 -11.33
N SER D 39 -32.09 5.33 -10.33
CA SER D 39 -31.18 6.46 -10.46
C SER D 39 -29.75 6.00 -10.71
N VAL D 40 -29.29 5.03 -9.92
CA VAL D 40 -27.96 4.46 -10.08
C VAL D 40 -27.85 3.73 -11.41
N GLN D 41 -28.95 3.12 -11.83
CA GLN D 41 -29.03 2.45 -13.12
C GLN D 41 -28.88 3.47 -14.25
N THR D 42 -29.53 4.62 -14.09
CA THR D 42 -29.45 5.70 -15.06
C THR D 42 -28.06 6.33 -14.99
N LEU D 43 -27.50 6.38 -13.78
CA LEU D 43 -26.17 6.92 -13.59
C LEU D 43 -25.12 6.03 -14.24
N TYR D 44 -25.36 4.71 -14.23
CA TYR D 44 -24.47 3.80 -14.93
C TYR D 44 -24.49 4.05 -16.43
N ASN D 45 -25.69 4.18 -16.98
CA ASN D 45 -25.85 4.36 -18.42
C ASN D 45 -25.19 5.65 -18.92
N LEU D 46 -25.27 6.72 -18.13
CA LEU D 46 -24.62 7.97 -18.50
C LEU D 46 -23.10 7.82 -18.52
N ALA D 47 -22.55 7.28 -17.45
CA ALA D 47 -21.11 7.07 -17.33
C ALA D 47 -20.58 6.17 -18.43
N ASP D 48 -21.29 5.08 -18.70
CA ASP D 48 -20.88 4.14 -19.74
C ASP D 48 -20.83 4.80 -21.11
N GLY D 49 -21.77 5.71 -21.35
CA GLY D 49 -21.80 6.46 -22.59
C GLY D 49 -20.62 7.41 -22.71
N ILE D 50 -20.13 7.89 -21.57
CA ILE D 50 -18.97 8.77 -21.55
C ILE D 50 -17.71 7.97 -21.91
N TRP D 51 -17.65 6.72 -21.45
CA TRP D 51 -16.51 5.86 -21.72
C TRP D 51 -16.42 5.45 -23.18
N VAL D 52 -17.51 4.93 -23.72
CA VAL D 52 -17.56 4.44 -25.09
C VAL D 52 -17.26 5.55 -26.11
N SER D 53 -17.80 6.74 -25.86
CA SER D 53 -17.59 7.87 -26.76
C SER D 53 -16.13 8.32 -26.75
N GLY D 54 -15.46 8.08 -25.63
CA GLY D 54 -14.05 8.45 -25.51
C GLY D 54 -13.15 7.60 -26.39
N LEU D 55 -13.63 6.41 -26.76
CA LEU D 55 -12.87 5.46 -27.55
C LEU D 55 -12.90 5.77 -29.05
N GLY D 56 -13.84 6.62 -29.46
CA GLY D 56 -13.95 6.96 -30.87
C GLY D 56 -15.08 6.22 -31.59
N PRO D 57 -15.08 6.31 -32.92
CA PRO D 57 -16.21 5.95 -33.79
C PRO D 57 -16.46 4.45 -34.00
N GLU D 58 -15.42 3.67 -34.27
CA GLU D 58 -15.58 2.23 -34.44
C GLU D 58 -16.22 1.59 -33.21
N SER D 59 -15.83 2.08 -32.04
CA SER D 59 -16.39 1.61 -30.77
C SER D 59 -17.80 2.16 -30.58
N LEU D 60 -17.99 3.43 -30.91
CA LEU D 60 -19.29 4.09 -30.77
C LEU D 60 -20.34 3.45 -31.69
N ALA D 61 -19.88 2.84 -32.78
CA ALA D 61 -20.76 2.19 -33.74
C ALA D 61 -21.14 0.77 -33.31
N ALA D 62 -20.19 0.06 -32.73
CA ALA D 62 -20.39 -1.33 -32.32
C ALA D 62 -21.46 -1.50 -31.25
N VAL D 63 -21.55 -0.54 -30.34
CA VAL D 63 -22.59 -0.57 -29.31
C VAL D 63 -23.95 -0.26 -29.93
N GLY D 64 -23.97 0.62 -30.92
CA GLY D 64 -25.21 1.00 -31.58
C GLY D 64 -25.85 -0.16 -32.32
N LEU D 65 -25.01 -1.01 -32.91
CA LEU D 65 -25.49 -2.21 -33.56
C LEU D 65 -26.05 -3.19 -32.53
N PHE D 66 -25.42 -3.24 -31.36
CA PHE D 66 -25.80 -4.16 -30.31
C PHE D 66 -26.98 -3.64 -29.47
N PHE D 67 -27.20 -2.33 -29.52
CA PHE D 67 -28.27 -1.70 -28.75
C PHE D 67 -29.68 -2.30 -28.94
N PRO D 68 -30.11 -2.53 -30.20
CA PRO D 68 -31.45 -3.09 -30.38
C PRO D 68 -31.66 -4.46 -29.74
N VAL D 69 -30.69 -5.35 -29.88
CA VAL D 69 -30.84 -6.71 -29.35
C VAL D 69 -30.65 -6.75 -27.84
N PHE D 70 -29.97 -5.76 -27.29
CA PHE D 70 -29.79 -5.66 -25.85
C PHE D 70 -31.08 -5.20 -25.18
N MET D 71 -31.77 -4.26 -25.83
CA MET D 71 -33.06 -3.80 -25.36
C MET D 71 -34.09 -4.91 -25.43
N GLY D 72 -33.92 -5.80 -26.40
CA GLY D 72 -34.77 -6.96 -26.55
C GLY D 72 -34.66 -7.90 -25.37
N ILE D 73 -33.43 -8.12 -24.92
CA ILE D 73 -33.18 -8.97 -23.75
C ILE D 73 -33.77 -8.34 -22.50
N ILE D 74 -33.54 -7.03 -22.33
CA ILE D 74 -34.07 -6.30 -21.19
C ILE D 74 -35.60 -6.31 -21.17
N ALA D 75 -36.20 -6.14 -22.34
CA ALA D 75 -37.66 -6.14 -22.46
C ALA D 75 -38.27 -7.48 -22.04
N LEU D 76 -37.65 -8.57 -22.49
CA LEU D 76 -38.13 -9.91 -22.14
C LEU D 76 -37.89 -10.22 -20.67
N ALA D 77 -36.73 -9.78 -20.17
CA ALA D 77 -36.37 -10.03 -18.78
C ALA D 77 -37.26 -9.22 -17.82
N ALA D 78 -37.41 -7.93 -18.11
CA ALA D 78 -38.21 -7.04 -17.25
C ALA D 78 -39.69 -7.36 -17.35
N GLY D 79 -40.13 -7.79 -18.54
CA GLY D 79 -41.51 -8.17 -18.75
C GLY D 79 -41.91 -9.32 -17.84
N LEU D 80 -41.07 -10.35 -17.81
CA LEU D 80 -41.29 -11.48 -16.93
C LEU D 80 -41.24 -11.04 -15.47
N GLY D 81 -40.41 -10.04 -15.19
CA GLY D 81 -40.28 -9.51 -13.85
C GLY D 81 -41.53 -8.79 -13.37
N VAL D 82 -42.15 -8.04 -14.27
CA VAL D 82 -43.38 -7.30 -13.93
C VAL D 82 -44.55 -8.26 -13.77
N GLY D 83 -44.63 -9.24 -14.65
CA GLY D 83 -45.67 -10.25 -14.58
C GLY D 83 -45.56 -11.10 -13.33
N THR D 84 -44.33 -11.29 -12.88
CA THR D 84 -44.07 -12.04 -11.65
C THR D 84 -44.46 -11.22 -10.43
N SER D 85 -44.03 -9.95 -10.43
CA SER D 85 -44.28 -9.05 -9.30
C SER D 85 -45.76 -8.80 -9.07
N SER D 86 -46.51 -8.57 -10.14
CA SER D 86 -47.93 -8.27 -10.04
C SER D 86 -48.74 -9.47 -9.59
N ALA D 87 -48.33 -10.66 -10.04
CA ALA D 87 -49.01 -11.90 -9.67
C ALA D 87 -48.89 -12.16 -8.18
N ILE D 88 -47.66 -12.14 -7.67
CA ILE D 88 -47.40 -12.36 -6.25
C ILE D 88 -48.11 -11.32 -5.38
N ALA D 89 -48.12 -10.08 -5.84
CA ALA D 89 -48.74 -8.98 -5.10
C ALA D 89 -50.24 -9.21 -4.92
N ARG D 90 -50.87 -9.86 -5.90
CA ARG D 90 -52.31 -10.12 -5.82
C ARG D 90 -52.65 -11.28 -4.88
N ARG D 91 -51.81 -12.31 -4.88
CA ARG D 91 -52.01 -13.44 -3.99
C ARG D 91 -51.90 -13.00 -2.53
N ILE D 92 -50.86 -12.24 -2.23
CA ILE D 92 -50.61 -11.74 -0.88
C ILE D 92 -51.75 -10.87 -0.38
N GLY D 93 -52.29 -10.03 -1.26
CA GLY D 93 -53.41 -9.19 -0.93
C GLY D 93 -54.66 -10.01 -0.66
N ALA D 94 -54.74 -11.16 -1.31
CA ALA D 94 -55.88 -12.06 -1.14
C ALA D 94 -55.67 -13.03 0.02
N ARG D 95 -54.61 -12.79 0.79
CA ARG D 95 -54.20 -13.69 1.88
C ARG D 95 -53.96 -15.11 1.37
N ASP D 96 -53.56 -15.21 0.11
CA ASP D 96 -53.26 -16.50 -0.51
C ASP D 96 -51.76 -16.75 -0.50
N LYS D 97 -51.26 -17.25 0.63
CA LYS D 97 -49.85 -17.51 0.81
C LYS D 97 -49.39 -18.65 -0.09
N GLU D 98 -50.27 -19.63 -0.26
CA GLU D 98 -49.95 -20.83 -1.04
C GLU D 98 -49.73 -20.51 -2.51
N GLY D 99 -50.60 -19.67 -3.08
CA GLY D 99 -50.51 -19.30 -4.47
C GLY D 99 -49.33 -18.41 -4.78
N ALA D 100 -48.97 -17.56 -3.82
CA ALA D 100 -47.85 -16.65 -3.97
C ALA D 100 -46.53 -17.40 -4.07
N ASP D 101 -46.43 -18.51 -3.33
CA ASP D 101 -45.22 -19.34 -3.33
C ASP D 101 -45.03 -20.05 -4.67
N ASN D 102 -46.14 -20.36 -5.33
CA ASN D 102 -46.10 -21.12 -6.58
C ASN D 102 -45.71 -20.26 -7.77
N VAL D 103 -46.07 -18.97 -7.72
CA VAL D 103 -45.72 -18.04 -8.78
C VAL D 103 -44.21 -17.83 -8.82
N ALA D 104 -43.61 -17.68 -7.64
CA ALA D 104 -42.18 -17.45 -7.52
C ALA D 104 -41.36 -18.58 -8.11
N VAL D 105 -41.78 -19.82 -7.84
CA VAL D 105 -41.07 -21.00 -8.34
C VAL D 105 -41.17 -21.10 -9.86
N HIS D 106 -42.36 -20.87 -10.39
CA HIS D 106 -42.58 -20.88 -11.83
C HIS D 106 -41.70 -19.84 -12.53
N SER D 107 -41.66 -18.64 -11.96
CA SER D 107 -40.90 -17.53 -12.54
C SER D 107 -39.41 -17.82 -12.58
N LEU D 108 -38.89 -18.36 -11.48
CA LEU D 108 -37.47 -18.71 -11.40
C LEU D 108 -37.11 -19.79 -12.41
N ILE D 109 -38.03 -20.72 -12.63
CA ILE D 109 -37.84 -21.76 -13.64
C ILE D 109 -37.96 -21.16 -15.04
N LEU D 110 -38.94 -20.29 -15.22
CA LEU D 110 -39.12 -19.58 -16.48
C LEU D 110 -37.91 -18.73 -16.84
N SER D 111 -37.27 -18.15 -15.82
CA SER D 111 -36.09 -17.33 -16.01
C SER D 111 -34.96 -18.14 -16.65
N LEU D 112 -34.83 -19.38 -16.22
CA LEU D 112 -33.84 -20.29 -16.79
C LEU D 112 -34.25 -20.69 -18.20
N ILE D 113 -35.54 -20.95 -18.39
CA ILE D 113 -36.08 -21.31 -19.70
C ILE D 113 -35.90 -20.17 -20.71
N LEU D 114 -36.31 -18.98 -20.31
CA LEU D 114 -36.20 -17.81 -21.17
C LEU D 114 -34.74 -17.41 -21.42
N GLY D 115 -33.94 -17.44 -20.35
CA GLY D 115 -32.54 -17.06 -20.44
C GLY D 115 -31.75 -17.94 -21.39
N VAL D 116 -31.91 -19.25 -21.25
CA VAL D 116 -31.22 -20.21 -22.12
C VAL D 116 -31.72 -20.10 -23.55
N THR D 117 -33.02 -19.95 -23.72
CA THR D 117 -33.64 -19.86 -25.04
C THR D 117 -33.09 -18.65 -25.81
N ILE D 118 -32.97 -17.52 -25.12
CA ILE D 118 -32.40 -16.32 -25.72
C ILE D 118 -30.99 -16.56 -26.24
N THR D 119 -30.16 -17.19 -25.41
CA THR D 119 -28.78 -17.50 -25.77
C THR D 119 -28.71 -18.45 -26.96
N ILE D 120 -29.48 -19.53 -26.89
CA ILE D 120 -29.53 -20.53 -27.96
C ILE D 120 -29.96 -19.94 -29.29
N THR D 121 -31.11 -19.27 -29.29
CA THR D 121 -31.67 -18.67 -30.50
C THR D 121 -30.74 -17.64 -31.14
N MET D 122 -30.12 -16.81 -30.32
CA MET D 122 -29.46 -15.59 -30.80
C MET D 122 -28.03 -15.73 -31.35
N LEU D 123 -27.17 -16.48 -30.67
CA LEU D 123 -25.78 -16.64 -31.09
C LEU D 123 -25.60 -17.08 -32.56
N PRO D 124 -26.37 -18.09 -33.02
CA PRO D 124 -26.27 -18.43 -34.44
C PRO D 124 -26.57 -17.28 -35.41
N ALA D 125 -27.51 -16.40 -35.07
CA ALA D 125 -28.02 -15.44 -36.04
C ALA D 125 -27.48 -14.00 -35.94
N ILE D 126 -26.69 -13.70 -34.91
CA ILE D 126 -26.21 -12.33 -34.70
C ILE D 126 -25.30 -11.81 -35.81
N ASP D 127 -24.40 -12.64 -36.30
CA ASP D 127 -23.48 -12.25 -37.38
C ASP D 127 -24.30 -11.82 -38.59
N SER D 128 -25.24 -12.67 -39.00
CA SER D 128 -26.13 -12.37 -40.12
C SER D 128 -26.95 -11.08 -39.95
N LEU D 129 -27.49 -10.84 -38.76
CA LEU D 129 -28.20 -9.61 -38.43
C LEU D 129 -27.31 -8.40 -38.71
N PHE D 130 -26.24 -8.29 -37.93
CA PHE D 130 -25.32 -7.17 -38.04
C PHE D 130 -24.87 -6.97 -39.48
N ARG D 131 -24.74 -8.06 -40.21
CA ARG D 131 -24.41 -8.01 -41.62
C ARG D 131 -25.63 -7.72 -42.51
N SER D 132 -26.84 -7.91 -41.96
CA SER D 132 -28.06 -7.56 -42.69
C SER D 132 -28.12 -6.04 -42.83
N MET D 133 -27.70 -5.34 -41.79
CA MET D 133 -27.59 -3.88 -41.85
C MET D 133 -26.57 -3.53 -42.94
N GLY D 134 -25.50 -4.31 -43.00
CA GLY D 134 -24.52 -4.24 -44.06
C GLY D 134 -23.18 -3.59 -43.71
N ALA D 135 -23.13 -2.99 -42.52
CA ALA D 135 -21.90 -2.40 -41.99
C ALA D 135 -20.70 -3.30 -42.25
N LYS D 136 -19.77 -2.81 -43.05
CA LYS D 136 -18.74 -3.65 -43.64
C LYS D 136 -17.64 -4.08 -42.67
N GLY D 137 -17.13 -3.13 -41.91
CA GLY D 137 -15.88 -3.33 -41.19
C GLY D 137 -15.91 -3.59 -39.70
N GLU D 138 -14.97 -2.96 -39.02
CA GLU D 138 -14.62 -3.26 -37.63
C GLU D 138 -15.77 -3.10 -36.64
N ALA D 139 -16.68 -2.18 -36.93
CA ALA D 139 -17.81 -1.92 -36.04
C ALA D 139 -18.67 -3.18 -35.84
N VAL D 140 -18.77 -3.99 -36.88
CA VAL D 140 -19.52 -5.24 -36.79
C VAL D 140 -18.78 -6.28 -35.96
N GLU D 141 -17.50 -6.49 -36.27
CA GLU D 141 -16.69 -7.48 -35.58
C GLU D 141 -16.64 -7.24 -34.07
N LEU D 142 -16.56 -5.98 -33.67
CA LEU D 142 -16.57 -5.62 -32.25
C LEU D 142 -17.95 -5.89 -31.66
N ALA D 143 -18.99 -5.73 -32.48
CA ALA D 143 -20.36 -5.95 -32.02
C ALA D 143 -20.63 -7.43 -31.77
N ILE D 144 -20.03 -8.30 -32.59
CA ILE D 144 -20.18 -9.75 -32.40
C ILE D 144 -19.59 -10.14 -31.05
N GLU D 145 -18.40 -9.61 -30.76
CA GLU D 145 -17.74 -9.87 -29.49
C GLU D 145 -18.54 -9.34 -28.32
N TYR D 146 -19.08 -8.13 -28.48
CA TYR D 146 -19.88 -7.51 -27.43
C TYR D 146 -21.16 -8.29 -27.20
N ALA D 147 -21.78 -8.73 -28.30
CA ALA D 147 -23.03 -9.48 -28.22
C ALA D 147 -22.83 -10.84 -27.56
N ARG D 148 -21.75 -11.52 -27.93
CA ARG D 148 -21.45 -12.84 -27.39
C ARG D 148 -21.32 -12.84 -25.87
N VAL D 149 -20.70 -11.81 -25.33
CA VAL D 149 -20.48 -11.71 -23.89
C VAL D 149 -21.80 -11.57 -23.13
N LEU D 150 -22.71 -10.76 -23.64
CA LEU D 150 -23.97 -10.50 -22.96
C LEU D 150 -25.06 -11.53 -23.27
N LEU D 151 -24.96 -12.19 -24.43
CA LEU D 151 -25.90 -13.24 -24.78
C LEU D 151 -25.65 -14.49 -23.92
N ALA D 152 -24.40 -14.69 -23.54
CA ALA D 152 -24.02 -15.83 -22.70
C ALA D 152 -24.57 -15.66 -21.29
N GLY D 153 -24.69 -14.41 -20.85
CA GLY D 153 -25.21 -14.11 -19.53
C GLY D 153 -26.67 -13.71 -19.55
N ALA D 154 -27.38 -14.13 -20.60
CA ALA D 154 -28.80 -13.82 -20.74
C ALA D 154 -29.62 -14.41 -19.60
N PHE D 155 -29.21 -15.57 -19.11
CA PHE D 155 -29.87 -16.20 -17.97
C PHE D 155 -29.73 -15.34 -16.71
N ILE D 156 -28.53 -14.79 -16.52
CA ILE D 156 -28.26 -13.96 -15.35
C ILE D 156 -29.13 -12.70 -15.35
N ILE D 157 -29.32 -12.12 -16.53
CA ILE D 157 -30.13 -10.92 -16.68
C ILE D 157 -31.59 -11.17 -16.30
N VAL D 158 -32.16 -12.25 -16.84
CA VAL D 158 -33.55 -12.59 -16.56
C VAL D 158 -33.73 -12.99 -15.10
N PHE D 159 -32.79 -13.77 -14.58
CA PHE D 159 -32.82 -14.21 -13.19
C PHE D 159 -32.85 -13.02 -12.23
N ASN D 160 -32.05 -12.01 -12.53
CA ASN D 160 -31.99 -10.81 -11.68
C ASN D 160 -33.29 -10.01 -11.71
N ASN D 161 -33.88 -9.88 -12.89
CA ASN D 161 -35.16 -9.18 -13.04
C ASN D 161 -36.30 -9.94 -12.37
N VAL D 162 -36.29 -11.26 -12.51
CA VAL D 162 -37.26 -12.12 -11.85
C VAL D 162 -37.10 -12.03 -10.33
N GLY D 163 -35.85 -12.16 -9.87
CA GLY D 163 -35.55 -12.05 -8.46
C GLY D 163 -35.95 -10.69 -7.91
N ASN D 164 -35.71 -9.64 -8.70
CA ASN D 164 -36.11 -8.30 -8.30
C ASN D 164 -37.63 -8.17 -8.27
N GLY D 165 -38.29 -8.86 -9.18
CA GLY D 165 -39.75 -8.88 -9.22
C GLY D 165 -40.36 -9.58 -8.04
N ILE D 166 -39.70 -10.64 -7.57
CA ILE D 166 -40.16 -11.39 -6.41
C ILE D 166 -40.12 -10.51 -5.15
N LEU D 167 -39.01 -9.81 -4.97
CA LEU D 167 -38.85 -8.93 -3.82
C LEU D 167 -39.87 -7.80 -3.83
N ARG D 168 -40.07 -7.21 -5.00
CA ARG D 168 -41.04 -6.12 -5.17
C ARG D 168 -42.47 -6.58 -4.92
N GLY D 169 -42.75 -7.83 -5.28
CA GLY D 169 -44.08 -8.40 -5.11
C GLY D 169 -44.53 -8.51 -3.66
N GLU D 170 -43.59 -8.71 -2.76
CA GLU D 170 -43.91 -8.89 -1.35
C GLU D 170 -43.57 -7.66 -0.51
N GLY D 171 -43.46 -6.51 -1.18
CA GLY D 171 -43.23 -5.24 -0.50
C GLY D 171 -41.81 -5.07 0.01
N ASP D 172 -40.88 -5.87 -0.51
CA ASP D 172 -39.49 -5.77 -0.13
C ASP D 172 -38.73 -4.90 -1.12
N ALA D 173 -39.00 -3.60 -1.08
CA ALA D 173 -38.40 -2.65 -2.01
C ALA D 173 -36.96 -2.32 -1.65
N ASN D 174 -36.65 -2.38 -0.36
CA ASN D 174 -35.30 -2.13 0.12
C ASN D 174 -34.26 -3.05 -0.52
N ARG D 175 -34.55 -4.35 -0.56
CA ARG D 175 -33.60 -5.32 -1.11
C ARG D 175 -33.63 -5.37 -2.65
N ALA D 176 -34.77 -5.04 -3.23
CA ALA D 176 -34.85 -4.90 -4.68
C ALA D 176 -33.96 -3.73 -5.11
N MET D 177 -33.99 -2.66 -4.32
CA MET D 177 -33.13 -1.50 -4.51
C MET D 177 -31.65 -1.88 -4.39
N LEU D 178 -31.33 -2.57 -3.29
CA LEU D 178 -29.95 -2.98 -3.02
C LEU D 178 -29.38 -3.81 -4.17
N ALA D 179 -30.20 -4.69 -4.73
CA ALA D 179 -29.78 -5.51 -5.85
C ALA D 179 -29.49 -4.65 -7.08
N MET D 180 -30.23 -3.56 -7.24
CA MET D 180 -30.03 -2.66 -8.36
C MET D 180 -28.84 -1.74 -8.11
N VAL D 181 -28.75 -1.21 -6.89
CA VAL D 181 -27.64 -0.35 -6.50
C VAL D 181 -26.31 -1.08 -6.58
N LEU D 182 -26.31 -2.33 -6.11
CA LEU D 182 -25.10 -3.15 -6.15
C LEU D 182 -24.65 -3.42 -7.58
N GLY D 183 -25.59 -3.84 -8.42
CA GLY D 183 -25.30 -4.16 -9.80
C GLY D 183 -24.83 -2.98 -10.62
N SER D 184 -25.61 -1.90 -10.59
CA SER D 184 -25.26 -0.71 -11.35
C SER D 184 -24.05 0.00 -10.74
N GLY D 185 -23.98 0.01 -9.42
CA GLY D 185 -22.87 0.64 -8.71
C GLY D 185 -21.53 0.00 -9.04
N LEU D 186 -21.52 -1.34 -9.05
CA LEU D 186 -20.32 -2.08 -9.41
C LEU D 186 -19.96 -1.87 -10.87
N ASN D 187 -20.99 -1.85 -11.72
CA ASN D 187 -20.79 -1.70 -13.16
C ASN D 187 -20.14 -0.36 -13.50
N ILE D 188 -20.44 0.66 -12.71
CA ILE D 188 -19.80 1.96 -12.86
C ILE D 188 -18.31 1.87 -12.56
N VAL D 189 -17.99 1.22 -11.45
CA VAL D 189 -16.60 1.04 -11.03
C VAL D 189 -15.87 0.08 -11.99
N LEU D 190 -16.57 -0.97 -12.41
CA LEU D 190 -15.98 -1.99 -13.27
C LEU D 190 -15.72 -1.50 -14.69
N ASP D 191 -16.36 -0.40 -15.08
CA ASP D 191 -16.21 0.11 -16.44
C ASP D 191 -14.78 0.55 -16.80
N PRO D 192 -14.19 1.49 -16.03
CA PRO D 192 -12.84 1.89 -16.41
C PRO D 192 -11.80 0.79 -16.14
N ILE D 193 -12.11 -0.12 -15.23
CA ILE D 193 -11.21 -1.21 -14.90
C ILE D 193 -11.05 -2.19 -16.05
N PHE D 194 -12.15 -2.49 -16.73
CA PHE D 194 -12.10 -3.43 -17.86
C PHE D 194 -11.75 -2.74 -19.17
N ILE D 195 -12.25 -1.52 -19.37
CA ILE D 195 -11.99 -0.79 -20.61
C ILE D 195 -10.53 -0.35 -20.73
N TYR D 196 -9.95 0.14 -19.64
CA TYR D 196 -8.59 0.68 -19.69
C TYR D 196 -7.56 -0.09 -18.87
N THR D 197 -7.86 -0.32 -17.58
CA THR D 197 -6.92 -0.99 -16.69
C THR D 197 -6.50 -2.37 -17.20
N LEU D 198 -7.47 -3.12 -17.72
CA LEU D 198 -7.18 -4.43 -18.29
C LEU D 198 -7.05 -4.33 -19.81
N GLY D 199 -7.34 -3.15 -20.34
CA GLY D 199 -7.14 -2.85 -21.74
C GLY D 199 -7.97 -3.66 -22.72
N PHE D 200 -9.18 -4.04 -22.30
CA PHE D 200 -10.07 -4.80 -23.17
C PHE D 200 -10.72 -3.93 -24.24
N GLY D 201 -10.86 -2.64 -23.95
CA GLY D 201 -11.46 -1.71 -24.89
C GLY D 201 -12.96 -1.61 -24.71
N VAL D 202 -13.69 -1.53 -25.83
CA VAL D 202 -15.14 -1.41 -25.78
C VAL D 202 -15.79 -2.69 -25.26
N VAL D 203 -15.17 -3.82 -25.55
CA VAL D 203 -15.70 -5.11 -25.10
C VAL D 203 -15.57 -5.24 -23.58
N GLY D 204 -14.70 -4.44 -22.99
CA GLY D 204 -14.53 -4.42 -21.55
C GLY D 204 -15.79 -4.00 -20.84
N ALA D 205 -16.55 -3.10 -21.44
CA ALA D 205 -17.82 -2.66 -20.88
C ALA D 205 -18.80 -3.82 -20.81
N ALA D 206 -18.72 -4.72 -21.78
CA ALA D 206 -19.56 -5.91 -21.81
C ALA D 206 -19.16 -6.87 -20.67
N TYR D 207 -17.86 -7.05 -20.48
CA TYR D 207 -17.36 -7.89 -19.40
C TYR D 207 -17.68 -7.28 -18.03
N ALA D 208 -17.60 -5.95 -17.95
CA ALA D 208 -17.90 -5.23 -16.72
C ALA D 208 -19.36 -5.39 -16.34
N THR D 209 -20.23 -5.43 -17.34
CA THR D 209 -21.66 -5.60 -17.11
C THR D 209 -21.95 -7.03 -16.67
N LEU D 210 -21.40 -7.99 -17.40
CA LEU D 210 -21.61 -9.41 -17.10
C LEU D 210 -21.18 -9.77 -15.67
N LEU D 211 -20.00 -9.29 -15.27
CA LEU D 211 -19.50 -9.57 -13.93
C LEU D 211 -20.36 -8.93 -12.86
N SER D 212 -20.81 -7.71 -13.11
CA SER D 212 -21.67 -7.00 -12.16
C SER D 212 -23.02 -7.69 -12.00
N MET D 213 -23.51 -8.28 -13.09
CA MET D 213 -24.77 -9.03 -13.04
C MET D 213 -24.60 -10.33 -12.26
N VAL D 214 -23.45 -10.97 -12.41
CA VAL D 214 -23.15 -12.21 -11.71
C VAL D 214 -23.12 -11.99 -10.19
N VAL D 215 -22.46 -10.93 -9.76
CA VAL D 215 -22.39 -10.59 -8.34
C VAL D 215 -23.78 -10.33 -7.76
N THR D 216 -24.62 -9.68 -8.55
CA THR D 216 -26.00 -9.40 -8.14
C THR D 216 -26.78 -10.70 -8.02
N SER D 217 -26.60 -11.60 -8.98
CA SER D 217 -27.28 -12.89 -8.98
C SER D 217 -26.91 -13.71 -7.75
N LEU D 218 -25.65 -13.62 -7.35
CA LEU D 218 -25.16 -14.32 -6.17
C LEU D 218 -25.84 -13.80 -4.91
N PHE D 219 -25.98 -12.47 -4.82
CA PHE D 219 -26.66 -11.85 -3.69
C PHE D 219 -28.13 -12.22 -3.65
N ILE D 220 -28.75 -12.32 -4.83
CA ILE D 220 -30.15 -12.66 -4.94
C ILE D 220 -30.39 -14.14 -4.62
N ALA D 221 -29.56 -15.00 -5.18
CA ALA D 221 -29.65 -16.43 -4.93
C ALA D 221 -29.45 -16.75 -3.45
N TYR D 222 -28.59 -15.98 -2.80
CA TYR D 222 -28.35 -16.14 -1.37
C TYR D 222 -29.61 -15.80 -0.56
N TRP D 223 -30.26 -14.71 -0.94
CA TRP D 223 -31.49 -14.27 -0.28
C TRP D 223 -32.62 -15.27 -0.51
N LEU D 224 -32.64 -15.88 -1.68
CA LEU D 224 -33.74 -16.75 -2.09
C LEU D 224 -33.52 -18.21 -1.71
N PHE D 225 -32.33 -18.72 -1.96
CA PHE D 225 -32.06 -20.15 -1.81
C PHE D 225 -31.30 -20.51 -0.53
N VAL D 226 -30.49 -19.58 -0.04
CA VAL D 226 -29.67 -19.84 1.15
C VAL D 226 -30.30 -19.25 2.41
N LYS D 227 -30.38 -17.92 2.46
CA LYS D 227 -30.94 -17.24 3.63
C LYS D 227 -32.42 -17.58 3.78
N ARG D 228 -33.13 -17.61 2.65
CA ARG D 228 -34.53 -18.02 2.61
C ARG D 228 -35.42 -17.22 3.56
N ASP D 229 -35.12 -15.94 3.72
CA ASP D 229 -35.85 -15.08 4.65
C ASP D 229 -36.89 -14.20 3.95
N THR D 230 -37.26 -14.59 2.74
CA THR D 230 -38.33 -13.88 2.02
C THR D 230 -39.68 -14.34 2.54
N TYR D 231 -40.72 -13.55 2.27
CA TYR D 231 -42.08 -13.91 2.66
C TYR D 231 -42.49 -15.21 1.97
N VAL D 232 -42.30 -15.26 0.66
CA VAL D 232 -42.63 -16.45 -0.12
C VAL D 232 -41.66 -17.59 0.19
N ASP D 233 -42.13 -18.82 -0.01
CA ASP D 233 -41.30 -20.00 0.17
C ASP D 233 -41.02 -20.66 -1.18
N ILE D 234 -39.74 -20.92 -1.46
CA ILE D 234 -39.33 -21.43 -2.75
C ILE D 234 -38.67 -22.80 -2.66
N THR D 235 -39.33 -23.81 -3.21
CA THR D 235 -38.80 -25.17 -3.25
C THR D 235 -39.12 -25.85 -4.57
N LEU D 236 -38.20 -26.69 -5.05
CA LEU D 236 -38.45 -27.50 -6.23
C LEU D 236 -39.26 -28.74 -5.87
N ARG D 237 -39.26 -29.08 -4.59
CA ARG D 237 -40.04 -30.19 -4.06
C ARG D 237 -41.52 -29.88 -4.14
N ASP D 238 -42.33 -30.89 -4.44
CA ASP D 238 -43.78 -30.74 -4.55
C ASP D 238 -44.19 -29.70 -5.59
N PHE D 239 -43.34 -29.53 -6.61
CA PHE D 239 -43.64 -28.59 -7.67
C PHE D 239 -44.48 -29.23 -8.77
N SER D 240 -45.64 -28.64 -9.03
CA SER D 240 -46.47 -29.05 -10.16
C SER D 240 -46.72 -27.85 -11.05
N PRO D 241 -46.34 -27.94 -12.33
CA PRO D 241 -46.59 -26.86 -13.30
C PRO D 241 -48.07 -26.55 -13.33
N SER D 242 -48.41 -25.26 -13.37
CA SER D 242 -49.81 -24.86 -13.43
C SER D 242 -50.06 -23.98 -14.63
N ARG D 243 -50.99 -24.40 -15.48
CA ARG D 243 -51.36 -23.65 -16.66
C ARG D 243 -51.99 -22.35 -16.20
N GLU D 244 -52.68 -22.41 -15.07
CA GLU D 244 -53.34 -21.26 -14.48
C GLU D 244 -52.35 -20.22 -13.93
N ILE D 245 -51.25 -20.69 -13.35
CA ILE D 245 -50.21 -19.81 -12.83
C ILE D 245 -49.44 -19.16 -13.98
N LEU D 246 -49.07 -19.96 -14.97
CA LEU D 246 -48.33 -19.49 -16.14
C LEU D 246 -49.07 -18.39 -16.89
N LYS D 247 -50.38 -18.55 -17.01
CA LYS D 247 -51.24 -17.57 -17.65
C LYS D 247 -51.27 -16.26 -16.88
N ASP D 248 -51.37 -16.34 -15.55
CA ASP D 248 -51.41 -15.17 -14.69
C ASP D 248 -50.13 -14.35 -14.80
N ILE D 249 -49.03 -15.03 -15.12
CA ILE D 249 -47.74 -14.39 -15.29
C ILE D 249 -47.61 -13.75 -16.68
N LEU D 250 -47.93 -14.52 -17.72
CA LEU D 250 -47.76 -14.06 -19.09
C LEU D 250 -48.79 -13.03 -19.53
N ARG D 251 -49.93 -12.99 -18.86
CA ARG D 251 -51.00 -12.02 -19.15
CA ARG D 251 -50.97 -12.03 -19.22
C ARG D 251 -50.51 -10.60 -18.94
N VAL D 252 -49.53 -10.45 -18.05
CA VAL D 252 -48.92 -9.15 -17.78
C VAL D 252 -47.51 -9.14 -18.36
N GLY D 253 -46.85 -10.29 -18.30
CA GLY D 253 -45.47 -10.42 -18.75
C GLY D 253 -45.22 -10.12 -20.22
N LEU D 254 -45.97 -10.78 -21.09
CA LEU D 254 -45.80 -10.57 -22.53
C LEU D 254 -46.19 -9.16 -23.02
N PRO D 255 -47.34 -8.63 -22.59
CA PRO D 255 -47.66 -7.25 -23.00
C PRO D 255 -46.65 -6.23 -22.48
N SER D 256 -46.05 -6.51 -21.32
CA SER D 256 -45.04 -5.63 -20.75
C SER D 256 -43.82 -5.57 -21.67
N SER D 257 -43.46 -6.72 -22.24
CA SER D 257 -42.33 -6.80 -23.16
C SER D 257 -42.67 -6.10 -24.47
N LEU D 258 -43.92 -6.23 -24.90
CA LEU D 258 -44.37 -5.60 -26.13
C LEU D 258 -44.48 -4.08 -25.98
N SER D 259 -44.77 -3.62 -24.77
CA SER D 259 -44.87 -2.19 -24.49
C SER D 259 -43.50 -1.53 -24.61
N GLN D 260 -42.47 -2.22 -24.13
CA GLN D 260 -41.11 -1.72 -24.20
C GLN D 260 -40.61 -1.74 -25.64
N LEU D 261 -41.06 -2.74 -26.40
CA LEU D 261 -40.78 -2.81 -27.82
C LEU D 261 -41.46 -1.64 -28.53
N SER D 262 -42.68 -1.34 -28.11
CA SER D 262 -43.44 -0.23 -28.68
C SER D 262 -42.77 1.11 -28.43
N MET D 263 -42.21 1.27 -27.23
CA MET D 263 -41.50 2.50 -26.88
C MET D 263 -40.21 2.65 -27.69
N SER D 264 -39.56 1.52 -27.98
CA SER D 264 -38.33 1.54 -28.77
C SER D 264 -38.63 1.85 -30.24
N ILE D 265 -39.68 1.24 -30.77
CA ILE D 265 -40.10 1.49 -32.15
C ILE D 265 -40.50 2.95 -32.34
N ALA D 266 -41.23 3.48 -31.36
CA ALA D 266 -41.65 4.88 -31.39
C ALA D 266 -40.45 5.82 -31.32
N MET D 267 -39.42 5.41 -30.60
CA MET D 267 -38.21 6.21 -30.47
C MET D 267 -37.45 6.24 -31.78
N PHE D 268 -37.53 5.14 -32.52
CA PHE D 268 -36.90 5.03 -33.83
C PHE D 268 -37.59 5.94 -34.84
N PHE D 269 -38.91 6.10 -34.68
CA PHE D 269 -39.69 6.94 -35.57
C PHE D 269 -39.55 8.41 -35.23
N LEU D 270 -39.47 8.72 -33.94
CA LEU D 270 -39.27 10.10 -33.50
C LEU D 270 -37.93 10.63 -34.00
N ASN D 271 -36.92 9.76 -34.00
CA ASN D 271 -35.61 10.12 -34.55
C ASN D 271 -35.72 10.48 -36.02
N SER D 272 -36.48 9.68 -36.76
CA SER D 272 -36.67 9.93 -38.19
C SER D 272 -37.37 11.27 -38.44
N VAL D 273 -38.31 11.61 -37.57
CA VAL D 273 -38.99 12.90 -37.65
C VAL D 273 -38.02 14.03 -37.32
N ALA D 274 -37.11 13.77 -36.39
CA ALA D 274 -36.09 14.74 -36.02
C ALA D 274 -35.12 15.00 -37.18
N ILE D 275 -34.86 13.96 -37.96
CA ILE D 275 -34.02 14.08 -39.16
C ILE D 275 -34.68 15.03 -40.16
N THR D 276 -35.97 14.83 -40.39
CA THR D 276 -36.74 15.67 -41.30
C THR D 276 -36.77 17.11 -40.82
N ALA D 277 -36.91 17.29 -39.51
CA ALA D 277 -37.02 18.62 -38.92
C ALA D 277 -35.73 19.45 -39.02
N GLY D 278 -34.61 18.88 -38.60
CA GLY D 278 -33.36 19.61 -38.58
C GLY D 278 -32.11 18.83 -38.94
N GLY D 279 -32.25 17.81 -39.78
CA GLY D 279 -31.10 17.04 -40.21
C GLY D 279 -30.38 16.36 -39.07
N GLU D 280 -29.06 16.22 -39.20
CA GLU D 280 -28.27 15.52 -38.19
C GLU D 280 -28.14 16.29 -36.88
N ASN D 281 -28.23 17.61 -36.93
CA ASN D 281 -28.24 18.43 -35.71
C ASN D 281 -29.50 18.15 -34.90
N GLY D 282 -30.64 18.08 -35.58
CA GLY D 282 -31.91 17.80 -34.95
C GLY D 282 -31.90 16.50 -34.17
N VAL D 283 -31.32 15.46 -34.77
CA VAL D 283 -31.16 14.16 -34.10
C VAL D 283 -30.37 14.31 -32.80
N ALA D 284 -29.29 15.06 -32.87
CA ALA D 284 -28.42 15.22 -31.71
C ALA D 284 -29.07 16.07 -30.63
N VAL D 285 -29.86 17.06 -31.03
CA VAL D 285 -30.63 17.83 -30.08
C VAL D 285 -31.66 16.93 -29.42
N PHE D 286 -32.36 16.16 -30.25
CA PHE D 286 -33.38 15.23 -29.77
C PHE D 286 -32.81 14.15 -28.87
N THR D 287 -31.66 13.60 -29.28
CA THR D 287 -30.98 12.57 -28.50
C THR D 287 -30.59 13.12 -27.13
N SER D 288 -30.00 14.31 -27.12
CA SER D 288 -29.61 14.95 -25.87
C SER D 288 -30.83 15.32 -25.03
N ALA D 289 -31.92 15.68 -25.70
CA ALA D 289 -33.13 16.11 -25.01
C ALA D 289 -33.80 14.99 -24.24
N TRP D 290 -33.98 13.83 -24.87
CA TRP D 290 -34.67 12.72 -24.21
C TRP D 290 -33.79 12.03 -23.17
N ARG D 291 -32.48 12.11 -23.34
CA ARG D 291 -31.55 11.60 -22.32
C ARG D 291 -31.70 12.38 -21.03
N ILE D 292 -31.81 13.70 -21.16
CA ILE D 292 -32.00 14.58 -20.00
C ILE D 292 -33.34 14.30 -19.33
N THR D 293 -34.37 14.05 -20.12
CA THR D 293 -35.69 13.74 -19.59
C THR D 293 -35.77 12.30 -19.10
N MET D 294 -34.85 11.45 -19.58
CA MET D 294 -34.77 10.07 -19.12
C MET D 294 -34.44 10.04 -17.63
N LEU D 295 -33.65 11.00 -17.18
CA LEU D 295 -33.39 11.17 -15.76
C LEU D 295 -34.67 11.61 -15.06
N GLY D 296 -35.48 12.40 -15.75
CA GLY D 296 -36.69 12.95 -15.19
C GLY D 296 -37.82 11.94 -15.02
N ILE D 297 -37.80 10.88 -15.82
CA ILE D 297 -38.85 9.86 -15.73
C ILE D 297 -38.54 8.83 -14.65
N VAL D 298 -37.36 8.94 -14.03
CA VAL D 298 -36.96 8.02 -12.97
C VAL D 298 -37.96 7.95 -11.80
N PRO D 299 -38.39 9.10 -11.25
CA PRO D 299 -39.41 9.00 -10.19
C PRO D 299 -40.70 8.34 -10.70
N ILE D 300 -41.07 8.61 -11.94
CA ILE D 300 -42.27 8.03 -12.52
C ILE D 300 -42.16 6.51 -12.64
N LEU D 301 -41.02 6.05 -13.13
CA LEU D 301 -40.79 4.61 -13.28
C LEU D 301 -40.78 3.89 -11.93
N GLY D 302 -40.22 4.55 -10.92
CA GLY D 302 -40.16 3.99 -9.58
C GLY D 302 -41.54 3.98 -8.93
N MET D 303 -42.32 5.01 -9.22
CA MET D 303 -43.68 5.11 -8.71
C MET D 303 -44.58 4.05 -9.36
N ALA D 304 -44.25 3.70 -10.60
CA ALA D 304 -45.05 2.73 -11.34
C ALA D 304 -44.95 1.33 -10.76
N THR D 305 -43.74 0.94 -10.34
CA THR D 305 -43.53 -0.38 -9.74
C THR D 305 -44.27 -0.51 -8.42
N ALA D 306 -44.36 0.59 -7.68
CA ALA D 306 -45.07 0.60 -6.42
C ALA D 306 -46.58 0.60 -6.66
N THR D 307 -47.01 1.34 -7.67
CA THR D 307 -48.43 1.39 -8.04
C THR D 307 -48.93 0.00 -8.42
N THR D 308 -48.14 -0.73 -9.20
CA THR D 308 -48.49 -2.07 -9.61
C THR D 308 -48.61 -3.01 -8.40
N SER D 309 -47.71 -2.85 -7.45
CA SER D 309 -47.69 -3.70 -6.26
C SER D 309 -48.86 -3.41 -5.31
N VAL D 310 -49.03 -2.13 -4.98
CA VAL D 310 -50.07 -1.73 -4.02
C VAL D 310 -51.48 -1.95 -4.57
N THR D 311 -51.71 -1.57 -5.84
CA THR D 311 -53.00 -1.82 -6.47
C THR D 311 -53.23 -3.30 -6.69
N GLY D 312 -52.15 -4.05 -6.80
CA GLY D 312 -52.24 -5.50 -6.93
C GLY D 312 -52.69 -6.14 -5.63
N ALA D 313 -52.17 -5.66 -4.51
CA ALA D 313 -52.55 -6.16 -3.20
C ALA D 313 -53.98 -5.78 -2.87
N ALA D 314 -54.36 -4.56 -3.23
CA ALA D 314 -55.71 -4.07 -3.00
C ALA D 314 -56.71 -4.84 -3.86
N TYR D 315 -56.30 -5.23 -5.06
CA TYR D 315 -57.15 -6.00 -5.95
C TYR D 315 -57.34 -7.42 -5.41
N GLY D 316 -56.25 -8.00 -4.91
CA GLY D 316 -56.31 -9.29 -4.26
C GLY D 316 -57.18 -9.23 -3.02
N GLU D 317 -57.10 -8.11 -2.32
CA GLU D 317 -57.93 -7.88 -1.13
C GLU D 317 -59.36 -7.56 -1.56
N ARG D 318 -59.54 -7.30 -2.86
CA ARG D 318 -60.81 -6.87 -3.41
C ARG D 318 -61.31 -5.59 -2.73
N ASN D 319 -60.38 -4.78 -2.27
CA ASN D 319 -60.69 -3.46 -1.72
C ASN D 319 -60.47 -2.42 -2.81
N VAL D 320 -61.47 -2.24 -3.66
CA VAL D 320 -61.41 -1.31 -4.78
C VAL D 320 -61.15 0.12 -4.31
N GLU D 321 -61.68 0.44 -3.13
CA GLU D 321 -61.48 1.75 -2.52
C GLU D 321 -60.00 1.98 -2.18
N LYS D 322 -59.34 0.96 -1.64
CA LYS D 322 -57.92 1.03 -1.33
C LYS D 322 -57.09 1.11 -2.62
N LEU D 323 -57.53 0.37 -3.63
CA LEU D 323 -56.90 0.39 -4.95
C LEU D 323 -57.00 1.79 -5.55
N GLU D 324 -58.18 2.36 -5.50
CA GLU D 324 -58.43 3.69 -6.03
C GLU D 324 -57.57 4.73 -5.34
N THR D 325 -57.46 4.62 -4.02
CA THR D 325 -56.69 5.56 -3.21
C THR D 325 -55.20 5.53 -3.54
N ALA D 326 -54.65 4.34 -3.69
CA ALA D 326 -53.23 4.18 -4.03
C ALA D 326 -52.95 4.76 -5.41
N TYR D 327 -53.87 4.52 -6.34
CA TYR D 327 -53.76 4.95 -7.73
C TYR D 327 -53.73 6.46 -7.87
N LEU D 328 -54.68 7.13 -7.22
CA LEU D 328 -54.77 8.59 -7.26
C LEU D 328 -53.61 9.24 -6.52
N TYR D 329 -53.15 8.59 -5.46
CA TYR D 329 -52.08 9.12 -4.62
C TYR D 329 -50.74 9.03 -5.33
N ALA D 330 -50.53 7.91 -6.03
CA ALA D 330 -49.30 7.70 -6.80
C ALA D 330 -49.19 8.74 -7.91
N ILE D 331 -50.33 9.05 -8.54
CA ILE D 331 -50.40 10.09 -9.57
C ILE D 331 -50.10 11.45 -8.96
N LYS D 332 -50.65 11.68 -7.76
CA LYS D 332 -50.48 12.95 -7.06
C LYS D 332 -49.01 13.21 -6.71
N ILE D 333 -48.36 12.23 -6.10
CA ILE D 333 -46.96 12.38 -5.70
C ILE D 333 -46.04 12.53 -6.90
N ALA D 334 -46.23 11.67 -7.90
CA ALA D 334 -45.45 11.72 -9.12
C ALA D 334 -45.56 13.10 -9.78
N PHE D 335 -46.77 13.64 -9.80
CA PHE D 335 -47.01 14.97 -10.36
C PHE D 335 -46.25 16.04 -9.58
N MET D 336 -46.28 15.92 -8.25
CA MET D 336 -45.59 16.88 -7.38
C MET D 336 -44.07 16.82 -7.59
N ILE D 337 -43.55 15.62 -7.76
CA ILE D 337 -42.12 15.44 -7.98
C ILE D 337 -41.71 15.98 -9.35
N GLU D 338 -42.45 15.60 -10.39
CA GLU D 338 -42.15 16.03 -11.75
C GLU D 338 -42.26 17.54 -11.90
N LEU D 339 -43.16 18.15 -11.13
CA LEU D 339 -43.33 19.59 -11.15
C LEU D 339 -42.04 20.27 -10.70
N ALA D 340 -41.35 19.65 -9.74
CA ALA D 340 -40.08 20.17 -9.26
C ALA D 340 -38.96 19.86 -10.24
N VAL D 341 -39.03 18.68 -10.85
CA VAL D 341 -38.04 18.25 -11.83
C VAL D 341 -38.07 19.16 -13.06
N VAL D 342 -39.27 19.39 -13.59
CA VAL D 342 -39.45 20.25 -14.76
C VAL D 342 -38.97 21.67 -14.49
N ALA D 343 -39.35 22.21 -13.33
CA ALA D 343 -38.94 23.55 -12.94
C ALA D 343 -37.42 23.66 -12.85
N PHE D 344 -36.78 22.60 -12.36
CA PHE D 344 -35.33 22.55 -12.25
C PHE D 344 -34.67 22.53 -13.63
N ILE D 345 -35.24 21.72 -14.53
CA ILE D 345 -34.70 21.58 -15.88
C ILE D 345 -34.81 22.88 -16.68
N MET D 346 -35.95 23.55 -16.57
CA MET D 346 -36.18 24.79 -17.32
C MET D 346 -35.40 25.97 -16.75
N LEU D 347 -35.26 26.02 -15.44
CA LEU D 347 -34.55 27.11 -14.78
C LEU D 347 -33.06 27.04 -15.09
N PHE D 348 -32.48 25.84 -14.97
CA PHE D 348 -31.06 25.66 -15.24
C PHE D 348 -30.82 25.03 -16.61
N ALA D 349 -31.69 25.37 -17.57
CA ALA D 349 -31.58 24.85 -18.94
C ALA D 349 -30.21 25.11 -19.61
N PRO D 350 -29.66 26.33 -19.48
CA PRO D 350 -28.33 26.53 -20.07
C PRO D 350 -27.25 25.64 -19.46
N GLN D 351 -27.29 25.47 -18.14
CA GLN D 351 -26.32 24.64 -17.44
C GLN D 351 -26.43 23.18 -17.83
N VAL D 352 -27.66 22.67 -17.87
CA VAL D 352 -27.92 21.29 -18.25
C VAL D 352 -27.53 21.02 -19.70
N ALA D 353 -27.81 21.97 -20.58
CA ALA D 353 -27.46 21.84 -22.00
C ALA D 353 -25.94 21.77 -22.19
N TYR D 354 -25.22 22.63 -21.47
CA TYR D 354 -23.76 22.66 -21.46
C TYR D 354 -23.19 21.28 -21.15
N LEU D 355 -23.76 20.63 -20.15
CA LEU D 355 -23.28 19.31 -19.71
C LEU D 355 -23.43 18.20 -20.75
N PHE D 356 -24.45 18.29 -21.60
CA PHE D 356 -24.77 17.17 -22.48
C PHE D 356 -24.78 17.56 -23.97
N THR D 357 -23.90 18.49 -24.35
CA THR D 357 -23.87 19.04 -25.69
C THR D 357 -22.80 18.40 -26.60
N TYR D 358 -21.80 17.78 -25.97
CA TYR D 358 -20.51 17.42 -26.62
C TYR D 358 -20.47 16.38 -27.76
N SER D 359 -20.96 15.17 -27.54
CA SER D 359 -20.70 14.04 -28.46
C SER D 359 -21.02 14.31 -29.94
N GLU D 360 -22.20 14.86 -30.21
CA GLU D 360 -22.53 15.35 -31.54
C GLU D 360 -22.89 16.81 -31.36
N SER D 361 -22.27 17.72 -32.11
CA SER D 361 -22.43 19.11 -31.73
C SER D 361 -22.36 20.19 -32.82
N ALA D 362 -22.93 21.33 -32.44
CA ALA D 362 -22.78 22.60 -33.09
C ALA D 362 -23.33 23.55 -32.05
N GLN D 363 -22.96 24.82 -32.11
CA GLN D 363 -23.54 25.77 -31.16
C GLN D 363 -25.02 25.96 -31.46
N VAL D 364 -25.42 25.55 -32.66
CA VAL D 364 -26.84 25.48 -33.05
C VAL D 364 -27.55 24.49 -32.12
N ILE D 365 -26.92 23.33 -31.96
CA ILE D 365 -27.40 22.30 -31.06
C ILE D 365 -27.50 22.81 -29.61
N LYS D 366 -26.64 23.74 -29.20
CA LYS D 366 -26.76 24.31 -27.85
C LYS D 366 -27.96 25.24 -27.70
N GLY D 367 -28.13 26.17 -28.64
CA GLY D 367 -29.27 27.07 -28.60
C GLY D 367 -30.59 26.34 -28.76
N ASP D 368 -30.61 25.34 -29.63
CA ASP D 368 -31.81 24.55 -29.86
C ASP D 368 -32.13 23.63 -28.68
N LEU D 369 -31.10 23.12 -28.02
CA LEU D 369 -31.28 22.25 -26.86
C LEU D 369 -31.91 23.02 -25.71
N ILE D 370 -31.45 24.25 -25.50
CA ILE D 370 -32.03 25.13 -24.49
C ILE D 370 -33.51 25.39 -24.80
N SER D 371 -33.81 25.62 -26.07
CA SER D 371 -35.20 25.80 -26.51
C SER D 371 -35.99 24.51 -26.26
N ALA D 372 -35.37 23.38 -26.55
CA ALA D 372 -36.01 22.08 -26.36
C ALA D 372 -36.25 21.78 -24.88
N LEU D 373 -35.33 22.22 -24.01
CA LEU D 373 -35.45 21.96 -22.58
C LEU D 373 -36.49 22.86 -21.91
N ARG D 374 -36.98 23.84 -22.65
CA ARG D 374 -37.99 24.78 -22.14
C ARG D 374 -39.37 24.49 -22.73
N THR D 375 -39.47 23.43 -23.52
CA THR D 375 -40.74 23.02 -24.12
C THR D 375 -41.03 21.54 -23.85
N LEU D 376 -40.14 20.67 -24.31
CA LEU D 376 -40.31 19.21 -24.16
C LEU D 376 -40.62 18.70 -22.74
N PRO D 377 -39.88 19.16 -21.71
CA PRO D 377 -40.10 18.54 -20.39
C PRO D 377 -41.49 18.74 -19.80
N VAL D 378 -42.33 19.57 -20.43
CA VAL D 378 -43.73 19.72 -20.01
C VAL D 378 -44.43 18.37 -19.96
N PHE D 379 -44.05 17.47 -20.87
CA PHE D 379 -44.64 16.13 -20.94
C PHE D 379 -44.42 15.31 -19.67
N LEU D 380 -43.37 15.64 -18.91
CA LEU D 380 -43.08 14.94 -17.67
C LEU D 380 -44.19 15.15 -16.64
N VAL D 381 -44.89 16.29 -16.76
CA VAL D 381 -45.98 16.63 -15.86
C VAL D 381 -47.26 15.87 -16.23
N LEU D 382 -47.45 15.64 -17.52
CA LEU D 382 -48.68 15.03 -18.02
C LEU D 382 -48.66 13.50 -17.97
N THR D 383 -47.49 12.91 -18.20
CA THR D 383 -47.38 11.46 -18.33
C THR D 383 -47.61 10.57 -17.08
N PRO D 384 -47.54 11.13 -15.85
CA PRO D 384 -47.90 10.23 -14.75
C PRO D 384 -49.36 9.79 -14.79
N PHE D 385 -50.24 10.62 -15.34
CA PHE D 385 -51.66 10.30 -15.41
C PHE D 385 -51.93 9.05 -16.25
N GLY D 386 -51.07 8.79 -17.23
CA GLY D 386 -51.25 7.66 -18.12
C GLY D 386 -50.41 6.45 -17.74
N MET D 387 -49.24 6.69 -17.16
CA MET D 387 -48.34 5.60 -16.79
C MET D 387 -48.76 4.89 -15.51
N MET D 388 -49.35 5.61 -14.58
CA MET D 388 -49.86 4.98 -13.35
C MET D 388 -51.10 4.16 -13.67
N THR D 389 -51.81 4.55 -14.72
CA THR D 389 -52.97 3.80 -15.18
C THR D 389 -52.54 2.46 -15.76
N SER D 390 -51.48 2.48 -16.56
CA SER D 390 -50.91 1.26 -17.10
C SER D 390 -50.36 0.38 -15.98
N ALA D 391 -49.74 1.02 -15.00
CA ALA D 391 -49.19 0.32 -13.84
C ALA D 391 -50.33 -0.27 -13.01
N MET D 392 -51.45 0.45 -12.95
CA MET D 392 -52.63 -0.02 -12.24
C MET D 392 -53.28 -1.18 -13.00
N PHE D 393 -53.26 -1.10 -14.33
CA PHE D 393 -53.78 -2.18 -15.16
C PHE D 393 -52.96 -3.46 -14.97
N GLN D 394 -51.65 -3.28 -14.79
CA GLN D 394 -50.76 -4.41 -14.54
C GLN D 394 -51.00 -4.97 -13.15
N GLY D 395 -51.40 -4.09 -12.22
CA GLY D 395 -51.68 -4.48 -10.86
C GLY D 395 -52.91 -5.37 -10.75
N ILE D 396 -53.95 -5.04 -11.51
CA ILE D 396 -55.19 -5.82 -11.47
C ILE D 396 -55.09 -7.05 -12.38
N GLY D 397 -53.99 -7.16 -13.12
CA GLY D 397 -53.74 -8.34 -13.92
C GLY D 397 -54.05 -8.19 -15.40
N GLU D 398 -54.60 -7.04 -15.77
CA GLU D 398 -54.98 -6.81 -17.16
C GLU D 398 -53.88 -6.08 -17.92
N GLY D 399 -52.84 -6.82 -18.27
CA GLY D 399 -51.67 -6.25 -18.93
C GLY D 399 -51.90 -5.85 -20.37
N GLU D 400 -52.90 -6.47 -21.01
CA GLU D 400 -53.20 -6.18 -22.41
C GLU D 400 -53.74 -4.77 -22.58
N LYS D 401 -54.40 -4.25 -21.53
CA LYS D 401 -54.91 -2.90 -21.56
C LYS D 401 -53.77 -1.89 -21.34
N SER D 402 -52.75 -2.33 -20.63
CA SER D 402 -51.56 -1.52 -20.41
C SER D 402 -50.80 -1.36 -21.73
N LEU D 403 -50.76 -2.43 -22.51
CA LEU D 403 -50.10 -2.43 -23.81
C LEU D 403 -50.80 -1.49 -24.78
N ILE D 404 -52.13 -1.56 -24.81
CA ILE D 404 -52.93 -0.73 -25.71
C ILE D 404 -52.71 0.76 -25.41
N LEU D 405 -52.71 1.11 -24.13
CA LEU D 405 -52.48 2.49 -23.71
C LEU D 405 -51.07 2.96 -24.03
N THR D 406 -50.11 2.05 -23.91
CA THR D 406 -48.72 2.36 -24.23
C THR D 406 -48.54 2.61 -25.72
N ILE D 407 -49.11 1.72 -26.53
CA ILE D 407 -49.07 1.87 -27.99
C ILE D 407 -49.75 3.16 -28.43
N PHE D 408 -50.88 3.47 -27.79
CA PHE D 408 -51.64 4.68 -28.10
C PHE D 408 -50.84 5.94 -27.77
N ARG D 409 -50.13 5.90 -26.64
CA ARG D 409 -49.36 7.04 -26.18
C ARG D 409 -48.11 7.26 -27.03
N THR D 410 -47.39 6.17 -27.30
CA THR D 410 -46.11 6.26 -28.00
C THR D 410 -46.25 6.28 -29.52
N LEU D 411 -46.72 5.16 -30.07
CA LEU D 411 -46.79 5.01 -31.53
C LEU D 411 -47.83 5.91 -32.21
N VAL D 412 -48.95 6.15 -31.54
CA VAL D 412 -50.05 6.88 -32.15
C VAL D 412 -50.02 8.37 -31.86
N MET D 413 -49.94 8.72 -30.57
CA MET D 413 -50.02 10.13 -30.16
C MET D 413 -48.71 10.88 -30.30
N GLN D 414 -47.65 10.36 -29.69
CA GLN D 414 -46.34 11.02 -29.72
C GLN D 414 -45.76 11.08 -31.14
N VAL D 415 -45.69 9.93 -31.79
CA VAL D 415 -45.17 9.85 -33.16
C VAL D 415 -46.09 10.60 -34.12
N GLY D 416 -47.39 10.42 -33.94
CA GLY D 416 -48.38 11.05 -34.79
C GLY D 416 -48.31 12.58 -34.79
N PHE D 417 -48.47 13.17 -33.61
CA PHE D 417 -48.46 14.63 -33.50
C PHE D 417 -47.11 15.26 -33.83
N ALA D 418 -46.03 14.54 -33.56
CA ALA D 418 -44.69 15.01 -33.93
C ALA D 418 -44.59 15.13 -35.44
N TYR D 419 -45.07 14.10 -36.14
CA TYR D 419 -45.09 14.09 -37.60
C TYR D 419 -45.94 15.23 -38.14
N ILE D 420 -47.09 15.46 -37.52
CA ILE D 420 -48.02 16.49 -37.95
C ILE D 420 -47.41 17.89 -37.85
N PHE D 421 -46.89 18.22 -36.68
CA PHE D 421 -46.37 19.57 -36.42
C PHE D 421 -45.05 19.87 -37.13
N VAL D 422 -44.46 18.83 -37.71
CA VAL D 422 -43.22 19.02 -38.47
C VAL D 422 -43.51 19.13 -39.97
N HIS D 423 -44.39 18.28 -40.46
CA HIS D 423 -44.66 18.22 -41.90
C HIS D 423 -45.70 19.24 -42.38
N TYR D 424 -46.58 19.68 -41.48
CA TYR D 424 -47.65 20.60 -41.85
C TYR D 424 -47.43 22.04 -41.37
N THR D 425 -46.27 22.29 -40.78
CA THR D 425 -45.94 23.62 -40.27
C THR D 425 -44.51 24.03 -40.64
N THR D 426 -44.12 25.22 -40.23
CA THR D 426 -42.75 25.71 -40.41
C THR D 426 -41.99 25.71 -39.10
N LEU D 427 -42.55 25.05 -38.10
CA LEU D 427 -41.96 24.98 -36.77
C LEU D 427 -40.58 24.33 -36.79
N GLY D 428 -40.39 23.37 -37.69
CA GLY D 428 -39.13 22.67 -37.80
C GLY D 428 -38.90 21.76 -36.60
N LEU D 429 -37.75 21.93 -35.95
CA LEU D 429 -37.37 21.09 -34.82
C LEU D 429 -38.27 21.31 -33.61
N ARG D 430 -38.77 22.53 -33.46
CA ARG D 430 -39.69 22.85 -32.37
C ARG D 430 -40.99 22.07 -32.50
N GLY D 431 -41.34 21.73 -33.74
CA GLY D 431 -42.54 20.95 -34.00
C GLY D 431 -42.50 19.57 -33.37
N VAL D 432 -41.28 19.06 -33.18
CA VAL D 432 -41.11 17.75 -32.55
C VAL D 432 -41.52 17.80 -31.08
N TRP D 433 -41.06 18.81 -30.36
CA TRP D 433 -41.36 18.94 -28.94
C TRP D 433 -42.84 19.22 -28.71
N ILE D 434 -43.40 20.10 -29.52
CA ILE D 434 -44.81 20.47 -29.41
C ILE D 434 -45.70 19.25 -29.65
N GLY D 435 -45.37 18.47 -30.67
CA GLY D 435 -46.11 17.26 -30.99
C GLY D 435 -46.07 16.23 -29.88
N ILE D 436 -44.89 16.05 -29.29
CA ILE D 436 -44.72 15.10 -28.20
C ILE D 436 -45.52 15.53 -26.97
N VAL D 437 -45.45 16.82 -26.63
CA VAL D 437 -46.18 17.35 -25.49
C VAL D 437 -47.69 17.25 -25.69
N ILE D 438 -48.16 17.70 -26.84
CA ILE D 438 -49.60 17.63 -27.16
C ILE D 438 -50.07 16.18 -27.23
N GLY D 439 -49.26 15.33 -27.85
CA GLY D 439 -49.56 13.92 -27.92
C GLY D 439 -49.67 13.28 -26.55
N ASN D 440 -48.80 13.71 -25.64
CA ASN D 440 -48.84 13.22 -24.27
C ASN D 440 -50.05 13.71 -23.49
N MET D 441 -50.50 14.92 -23.79
CA MET D 441 -51.69 15.47 -23.13
C MET D 441 -52.91 14.63 -23.46
N VAL D 442 -53.05 14.28 -24.73
CA VAL D 442 -54.17 13.46 -25.19
C VAL D 442 -54.11 12.08 -24.54
N ALA D 443 -52.91 11.50 -24.52
CA ALA D 443 -52.70 10.18 -23.94
C ALA D 443 -52.96 10.18 -22.43
N ALA D 444 -52.62 11.29 -21.79
CA ALA D 444 -52.83 11.43 -20.35
C ALA D 444 -54.32 11.48 -20.03
N ILE D 445 -55.07 12.27 -20.78
CA ILE D 445 -56.50 12.41 -20.57
C ILE D 445 -57.23 11.09 -20.84
N VAL D 446 -56.94 10.45 -21.97
CA VAL D 446 -57.55 9.18 -22.33
C VAL D 446 -57.21 8.08 -21.34
N GLY D 447 -55.92 7.95 -21.02
CA GLY D 447 -55.47 6.96 -20.06
C GLY D 447 -56.07 7.17 -18.68
N PHE D 448 -56.13 8.41 -18.24
CA PHE D 448 -56.69 8.72 -16.93
C PHE D 448 -58.18 8.41 -16.85
N LEU D 449 -58.92 8.82 -17.88
CA LEU D 449 -60.36 8.57 -17.94
C LEU D 449 -60.66 7.07 -18.00
N TRP D 450 -59.87 6.35 -18.80
CA TRP D 450 -60.00 4.91 -18.91
C TRP D 450 -59.78 4.25 -17.55
N GLY D 451 -58.73 4.68 -16.85
CA GLY D 451 -58.43 4.14 -15.53
C GLY D 451 -59.58 4.36 -14.55
N ARG D 452 -60.17 5.54 -14.59
CA ARG D 452 -61.29 5.87 -13.70
C ARG D 452 -62.51 5.00 -14.00
N MET D 453 -62.79 4.79 -15.28
CA MET D 453 -63.88 3.92 -15.71
C MET D 453 -63.66 2.49 -15.26
N ARG D 454 -62.42 2.01 -15.42
CA ARG D 454 -62.07 0.65 -15.01
C ARG D 454 -62.33 0.44 -13.52
N ILE D 455 -61.97 1.42 -12.71
CA ILE D 455 -62.17 1.35 -11.27
C ILE D 455 -63.65 1.44 -10.91
N SER D 456 -64.41 2.23 -11.68
CA SER D 456 -65.85 2.33 -11.46
C SER D 456 -66.54 1.01 -11.79
N ALA D 457 -66.08 0.34 -12.83
CA ALA D 457 -66.59 -0.98 -13.18
C ALA D 457 -66.18 -2.00 -12.14
N LEU D 458 -65.16 -1.69 -11.35
CA LEU D 458 -64.72 -2.57 -10.27
C LEU D 458 -65.62 -2.43 -9.04
N LYS D 459 -66.21 -1.25 -8.86
CA LYS D 459 -67.12 -1.01 -7.74
C LYS D 459 -68.51 -1.57 -7.98
N LYS D 460 -68.77 -2.01 -9.21
CA LYS D 460 -70.07 -2.54 -9.58
C LYS D 460 -70.09 -4.06 -9.53
N THR D 461 -68.92 -4.65 -9.33
CA THR D 461 -68.80 -6.10 -9.27
C THR D 461 -68.13 -6.55 -7.97
C1 CXE E . 20.77 -6.93 3.23
C2 CXE E . 20.36 -7.18 1.79
C3 CXE E . 20.85 -6.08 0.84
C4 CXE E . 19.73 -5.70 -0.14
C5 CXE E . 20.17 -4.60 -1.12
C6 CXE E . 21.07 -5.21 -2.20
C7 CXE E . 21.15 -4.31 -3.42
C8 CXE E . 21.00 -5.15 -4.67
C9 CXE E . 21.21 -4.30 -5.91
C10 CXE E . 21.16 -5.16 -7.16
O11 CXE E . 19.82 -5.23 -7.61
C12 CXE E . 19.75 -4.64 -8.91
C13 CXE E . 18.31 -4.64 -9.39
O14 CXE E . 18.26 -5.28 -10.66
C15 CXE E . 17.06 -4.99 -11.36
C16 CXE E . 16.65 -6.17 -12.23
O17 CXE E . 17.78 -6.77 -12.85
C18 CXE E . 17.39 -7.67 -13.88
C19 CXE E . 18.48 -8.70 -14.16
O20 CXE E . 19.72 -8.06 -14.48
C21 CXE E . 20.76 -9.00 -14.73
C22 CXE E . 22.10 -8.32 -14.49
O23 CXE E . 22.45 -8.45 -13.10
C24 CXE E . 23.09 -7.29 -12.57
C25 CXE E . 23.39 -7.55 -11.09
O26 CXE E . 23.81 -6.34 -10.46
C1 CXE F . 18.32 -9.65 12.09
C2 CXE F . 18.37 -8.68 13.25
C3 CXE F . 17.08 -8.74 14.07
C4 CXE F . 17.11 -7.70 15.20
C5 CXE F . 15.81 -7.73 15.99
C6 CXE F . 14.64 -7.17 15.18
C7 CXE F . 14.62 -5.64 15.20
C8 CXE F . 13.27 -5.12 14.71
C9 CXE F . 13.27 -3.61 14.55
C10 CXE F . 13.17 -2.88 15.89
O11 CXE F . 11.86 -3.00 16.42
C12 CXE F . 11.65 -2.17 17.56
C13 CXE F . 10.52 -2.76 18.41
O14 CXE F . 10.86 -2.62 19.79
C15 CXE F . 10.26 -3.61 20.61
C16 CXE F . 10.96 -3.58 21.97
O17 CXE F . 10.62 -4.71 22.76
C18 CXE F . 11.46 -4.76 23.91
C19 CXE F . 10.83 -5.61 25.02
O20 CXE F . 10.91 -6.99 24.70
C21 CXE F . 10.77 -7.80 25.87
C22 CXE F . 10.44 -9.24 25.50
O23 CXE F . 11.55 -9.86 24.86
C24 CXE F . 11.25 -11.22 24.53
C25 CXE F . 12.41 -11.85 23.77
O26 CXE F . 13.52 -12.02 24.65
C1 CXE G . 31.39 -19.18 6.50
C2 CXE G . 30.20 -18.59 5.77
C3 CXE G . 30.10 -19.12 4.34
C4 CXE G . 28.71 -18.89 3.79
C5 CXE G . 28.60 -19.36 2.35
C6 CXE G . 28.52 -18.16 1.42
C7 CXE G . 28.26 -18.59 -0.01
C8 CXE G . 28.30 -17.37 -0.91
C9 CXE G . 28.59 -17.76 -2.34
C10 CXE G . 29.60 -16.80 -2.93
O11 CXE G . 29.69 -17.10 -4.32
C12 CXE G . 30.98 -16.80 -4.84
C13 CXE G . 31.16 -17.69 -6.06
O14 CXE G . 32.00 -17.00 -6.95
C15 CXE G . 32.41 -17.82 -8.03
C16 CXE G . 33.84 -17.45 -8.41
O17 CXE G . 33.85 -17.17 -9.81
C18 CXE G . 33.51 -18.34 -10.51
C19 CXE G . 34.69 -18.77 -11.36
O20 CXE G . 34.26 -19.92 -12.07
C21 CXE G . 35.05 -20.18 -13.22
C22 CXE G . 34.16 -20.09 -14.45
O23 CXE G . 34.11 -18.72 -14.84
C24 CXE G . 33.00 -18.42 -15.68
C25 CXE G . 32.33 -17.18 -15.11
O26 CXE G . 31.95 -17.44 -13.76
C1 CXE H . -4.10 -13.50 -9.72
C2 CXE H . -4.21 -12.48 -10.83
C3 CXE H . -4.42 -13.14 -12.19
C4 CXE H . -3.95 -12.21 -13.29
C5 CXE H . -4.56 -12.56 -14.64
C6 CXE H . -3.98 -11.68 -15.74
C7 CXE H . -3.75 -10.27 -15.22
C8 CXE H . -3.76 -9.24 -16.35
C9 CXE H . -3.96 -7.85 -15.75
C10 CXE H . -2.93 -6.88 -16.29
O11 CXE H . -3.17 -6.72 -17.68
C12 CXE H . -2.43 -5.65 -18.24
C13 CXE H . -3.42 -4.75 -18.96
O14 CXE H . -2.74 -4.04 -19.97
C15 CXE H . -2.63 -2.66 -19.62
C16 CXE H . -2.60 -1.83 -20.89
O17 CXE H . -3.18 -2.60 -21.94
C18 CXE H . -2.89 -1.99 -23.20
C19 CXE H . -3.90 -2.44 -24.24
O20 CXE H . -4.48 -1.29 -24.84
C1 CXE I . 31.45 -12.96 14.29
C2 CXE I . 31.54 -13.02 15.80
C3 CXE I . 30.15 -13.18 16.40
C4 CXE I . 30.21 -14.20 17.53
C5 CXE I . 30.87 -13.59 18.75
C6 CXE I . 30.87 -14.63 19.85
C7 CXE I . 31.63 -14.14 21.07
C8 CXE I . 32.13 -15.35 21.83
C9 CXE I . 32.01 -15.15 23.33
C10 CXE I . 32.67 -16.32 24.06
C1 CXE J . 16.36 -5.27 -0.89
C2 CXE J . 16.27 -3.86 -0.30
C3 CXE J . 14.95 -3.15 -0.67
C4 CXE J . 13.73 -4.05 -0.57
C5 CXE J . 12.49 -3.43 -1.22
C6 CXE J . 12.72 -3.30 -2.70
C7 CXE J . 11.55 -2.56 -3.35
C8 CXE J . 11.72 -2.57 -4.86
C9 CXE J . 13.15 -2.21 -5.21
C10 CXE J . 13.21 -1.07 -6.21
O11 CXE J . 13.76 -1.56 -7.44
C12 CXE J . 15.01 -0.96 -7.71
C13 CXE J . 15.24 -1.04 -9.21
O14 CXE J . 16.58 -0.70 -9.51
C15 CXE J . 16.93 -1.08 -10.83
C16 CXE J . 18.29 -0.51 -11.18
O17 CXE J . 19.15 -0.62 -10.05
C18 CXE J . 20.50 -0.35 -10.37
C19 CXE J . 21.36 -0.65 -9.15
O20 CXE J . 22.59 -1.22 -9.59
C1 CXE K . 29.43 -39.14 -6.14
C2 CXE K . 30.53 -38.10 -6.23
C3 CXE K . 31.39 -38.30 -7.47
C4 CXE K . 32.47 -37.22 -7.56
C5 CXE K . 33.32 -37.38 -8.81
C6 CXE K . 33.08 -36.23 -9.78
C7 CXE K . 34.36 -35.88 -10.54
C1 CXE L . 33.68 -18.21 15.72
C2 CXE L . 34.16 -17.03 16.53
C3 CXE L . 35.49 -17.33 17.22
C4 CXE L . 35.79 -16.25 18.26
C5 CXE L . 35.24 -16.63 19.64
C6 CXE L . 36.25 -17.49 20.39
C7 CXE L . 36.23 -17.21 21.89
C8 CXE L . 36.28 -18.49 22.71
C9 CXE L . 36.80 -19.66 21.89
C10 CXE L . 37.61 -20.65 22.72
O11 CXE L . 38.82 -20.93 22.01
C12 CXE L . 38.53 -21.47 20.73
C13 CXE L . 39.72 -22.28 20.21
O14 CXE L . 39.29 -23.63 20.01
C1 CXE M . 25.05 -18.45 4.30
C2 CXE M . 24.67 -17.15 3.64
C3 CXE M . 25.16 -17.09 2.20
C4 CXE M . 24.58 -15.90 1.45
C5 CXE M . 25.45 -14.66 1.57
C6 CXE M . 26.38 -14.51 0.37
C7 CXE M . 27.11 -13.18 0.38
C8 CXE M . 26.27 -12.07 -0.24
C9 CXE M . 26.92 -10.70 -0.05
C10 CXE M . 26.77 -10.23 1.40
O11 CXE M . 25.42 -10.43 1.82
C12 CXE M . 25.12 -9.65 2.98
C13 CXE M . 23.75 -10.06 3.52
O14 CXE M . 23.90 -11.25 4.28
C15 CXE M . 22.69 -11.64 4.93
C16 CXE M . 23.03 -12.63 6.03
O17 CXE M . 23.85 -11.99 6.99
C18 CXE M . 24.43 -12.91 7.91
C19 CXE M . 25.07 -12.13 9.07
O20 CXE M . 24.06 -11.42 9.77
C21 CXE M . 24.58 -10.72 10.89
C22 CXE M . 23.43 -10.06 11.65
O23 CXE M . 22.70 -9.21 10.76
C1 CXE N . 1.03 -27.59 -6.95
C2 CXE N . -0.03 -27.83 -5.90
C3 CXE N . -1.23 -28.56 -6.49
C4 CXE N . -2.02 -29.31 -5.42
C5 CXE N . -3.23 -28.52 -4.94
C6 CXE N . -3.74 -29.06 -3.62
C7 CXE N . -4.94 -28.27 -3.11
C8 CXE N . -4.70 -27.81 -1.68
C9 CXE N . -5.79 -28.33 -0.75
C10 CXE N . -5.32 -28.28 0.71
C1 CXE O . -9.42 -12.54 -3.97
C2 CXE O . -9.86 -13.62 -3.00
C3 CXE O . -9.15 -13.45 -1.67
C4 CXE O . -9.95 -14.06 -0.51
C5 CXE O . -9.32 -13.64 0.82
C6 CXE O . -10.37 -13.42 1.89
C7 CXE O . -10.39 -14.56 2.90
C8 CXE O . -11.16 -14.14 4.16
C9 CXE O . -10.82 -15.03 5.34
C10 CXE O . -11.21 -14.36 6.65
C1 CXE P . -3.26 -6.78 -2.36
C2 CXE P . -3.51 -7.61 -3.61
C3 CXE P . -2.22 -7.78 -4.41
C4 CXE P . -2.44 -8.72 -5.59
C5 CXE P . -3.46 -8.14 -6.57
C6 CXE P . -3.62 -9.04 -7.79
C1 CXE Q . -0.40 -32.68 -1.62
C2 CXE Q . 0.64 -31.62 -1.32
C3 CXE Q . 0.70 -31.32 0.18
C4 CXE Q . 2.12 -30.95 0.59
C5 CXE Q . 2.21 -30.77 2.09
C6 CXE Q . 3.65 -30.52 2.53
C7 CXE Q . 3.77 -30.61 4.05
C8 CXE Q . 5.03 -29.93 4.56
C9 CXE Q . 5.00 -29.87 6.08
C10 CXE Q . 6.36 -29.51 6.66
O11 CXE Q . 6.37 -29.84 8.04
C12 CXE Q . 7.64 -29.56 8.63
C13 CXE Q . 8.15 -30.85 9.26
O14 CXE Q . 8.51 -30.57 10.61
C15 CXE Q . 7.46 -30.96 11.49
C16 CXE Q . 7.93 -30.79 12.93
O17 CXE Q . 9.08 -29.94 12.94
C18 CXE Q . 8.99 -28.95 13.95
C19 CXE Q . 10.21 -28.05 13.88
O20 CXE Q . 9.83 -26.72 14.21
C1 CXE R . -11.87 -19.87 -7.10
C2 CXE R . -11.45 -21.13 -6.37
C3 CXE R . -12.37 -22.29 -6.70
C4 CXE R . -13.00 -22.86 -5.45
C5 CXE R . -12.81 -24.37 -5.33
C6 CXE R . -12.96 -24.80 -3.88
C7 CXE R . -13.17 -26.31 -3.74
C8 CXE R . -13.18 -26.72 -2.28
C9 CXE R . -14.51 -27.34 -1.87
C1 CXE S . 24.64 -6.97 -0.02
C2 CXE S . 24.15 -6.40 -1.33
C3 CXE S . 24.79 -7.09 -2.54
C4 CXE S . 23.76 -7.44 -3.60
C5 CXE S . 24.39 -8.22 -4.75
C6 CXE S . 23.33 -8.86 -5.63
C7 CXE S . 23.84 -8.98 -7.07
C1 CXE T . -2.84 -2.38 -14.49
C2 CXE T . -2.65 -1.72 -15.84
C3 CXE T . -2.35 -0.26 -15.64
C4 CXE T . -2.19 0.46 -16.98
C5 CXE T . -2.96 1.78 -16.93
C6 CXE T . -4.46 1.52 -16.93
C7 CXE T . -5.22 2.61 -16.19
C1 CXE U . -5.42 -8.91 -11.71
C2 CXE U . -4.46 -7.83 -12.15
C3 CXE U . -4.52 -6.67 -11.17
C4 CXE U . -4.83 -5.36 -11.85
C5 CXE U . -3.60 -4.47 -11.89
CL CL V . 10.06 -0.51 -8.78
CL CL W . 8.37 -0.96 22.74
C1 CXE X . 7.27 0.53 10.65
C2 CXE X . 6.98 1.64 11.64
C3 CXE X . 5.64 1.41 12.34
C4 CXE X . 5.38 2.49 13.37
C5 CXE X . 4.09 2.23 14.15
C6 CXE X . 3.99 3.16 15.35
C7 CXE X . 2.79 2.81 16.22
C8 CXE X . 2.87 3.54 17.56
C9 CXE X . 4.20 3.25 18.24
C10 CXE X . 4.21 3.75 19.68
O11 CXE X . 3.12 3.18 20.41
C12 CXE X . 3.53 2.87 21.74
C13 CXE X . 2.35 2.91 22.69
O14 CXE X . 1.38 1.92 22.34
C15 CXE X . 0.34 1.86 23.30
C16 CXE X . -0.78 0.97 22.76
O17 CXE X . -1.26 1.49 21.54
C18 CXE X . -2.30 0.68 20.99
C19 CXE X . -2.94 1.40 19.81
O20 CXE X . -2.02 1.46 18.71
C21 CXE X . -2.60 2.13 17.59
C22 CXE X . -1.58 2.17 16.45
O23 CXE X . -1.68 1.00 15.65
C24 CXE X . -0.91 1.12 14.46
C25 CXE X . -1.08 -0.13 13.60
O26 CXE X . -0.37 0.03 12.37
C1 CXE Y . 4.22 0.03 -4.94
C2 CXE Y . 3.87 0.77 -6.21
C3 CXE Y . 4.40 2.20 -6.16
C4 CXE Y . 3.75 3.08 -7.23
C5 CXE Y . 4.75 3.99 -7.93
C6 CXE Y . 4.17 5.40 -8.09
C7 CXE Y . 4.84 6.22 -9.20
C8 CXE Y . 6.36 6.16 -9.11
C9 CXE Y . 7.01 7.30 -9.90
C10 CXE Y . 8.47 7.00 -10.30
O11 CXE Y . 8.82 7.71 -11.50
C12 CXE Y . 10.08 7.25 -11.97
C13 CXE Y . 10.86 8.34 -12.69
O14 CXE Y . 12.26 8.14 -12.56
C15 CXE Y . 12.96 9.37 -12.36
C16 CXE Y . 14.47 9.14 -12.25
O17 CXE Y . 14.77 8.13 -11.29
C18 CXE Y . 16.14 7.75 -11.41
C19 CXE Y . 16.23 6.68 -12.49
O20 CXE Y . 17.51 6.06 -12.46
C1 CXE Z . 16.29 -10.83 18.29
C2 CXE Z . 15.95 -9.90 19.43
C3 CXE Z . 16.68 -10.28 20.71
C4 CXE Z . 15.97 -9.73 21.94
C5 CXE Z . 16.58 -8.42 22.42
C6 CXE Z . 15.50 -7.44 22.89
C7 CXE Z . 14.92 -7.79 24.26
C8 CXE Z . 14.45 -6.52 24.96
C9 CXE Z . 15.19 -6.31 26.27
C10 CXE Z . 15.51 -4.84 26.51
O11 CXE Z . 15.86 -4.64 27.89
C12 CXE Z . 16.90 -5.55 28.24
C13 CXE Z . 17.91 -4.96 29.20
O14 CXE Z . 19.11 -5.71 28.97
C15 CXE Z . 19.36 -6.64 30.01
C16 CXE Z . 19.97 -7.92 29.44
O17 CXE Z . 18.95 -8.80 28.97
C1 CXE AA . 15.53 16.52 23.86
C2 CXE AA . 15.27 17.67 24.81
C3 CXE AA . 14.36 18.71 24.16
C4 CXE AA . 13.99 19.83 25.13
C5 CXE AA . 12.98 20.78 24.50
C6 CXE AA . 12.57 21.88 25.47
C7 CXE AA . 11.55 22.82 24.85
C8 CXE AA . 11.32 24.07 25.69
C9 CXE AA . 10.55 23.75 26.97
C10 CXE AA . 10.19 25.04 27.72
O11 CXE AA . 9.43 24.73 28.89
C1 CXE BA . 17.75 25.99 21.48
C2 CXE BA . 19.25 25.98 21.38
C3 CXE BA . 19.77 27.05 20.42
C4 CXE BA . 21.28 26.95 20.27
C5 CXE BA . 21.80 27.99 19.29
C6 CXE BA . 23.31 27.83 19.09
C7 CXE BA . 23.86 28.90 18.16
C8 CXE BA . 25.36 28.70 17.94
C9 CXE BA . 25.96 29.83 17.12
C10 CXE BA . 27.47 29.66 16.99
C1 CXE CA . 30.97 -13.94 1.19
C2 CXE CA . 31.75 -14.64 0.10
C3 CXE CA . 32.18 -16.02 0.58
C4 CXE CA . 33.05 -16.76 -0.44
C5 CXE CA . 33.22 -18.22 -0.04
C6 CXE CA . 33.42 -19.05 -1.30
C7 CXE CA . 33.39 -20.56 -1.06
C8 CXE CA . 33.60 -21.28 -2.38
C9 CXE CA . 33.55 -20.32 -3.57
C10 CXE CA . 33.42 -21.04 -4.91
O11 CXE CA . 34.68 -21.54 -5.34
C12 CXE CA . 34.81 -21.54 -6.76
C13 CXE CA . 36.20 -21.04 -7.15
O14 CXE CA . 36.13 -19.73 -7.70
C15 CXE CA . 37.17 -19.53 -8.65
C16 CXE CA . 37.73 -18.11 -8.55
O17 CXE CA . 36.98 -17.25 -9.40
C1 CXE DA . 30.53 15.88 20.89
C2 CXE DA . 30.01 17.18 20.34
C3 CXE DA . 31.15 18.15 20.10
C4 CXE DA . 30.67 19.60 20.19
C5 CXE DA . 31.54 20.38 21.18
C6 CXE DA . 31.67 21.83 20.75
C7 CXE DA . 32.80 22.51 21.52
C8 CXE DA . 33.44 23.62 20.71
C9 CXE DA . 34.81 23.98 21.26
C1 CXE EA . 27.55 20.31 22.45
C2 CXE EA . 27.14 21.55 21.69
C3 CXE EA . 28.06 22.72 21.99
C4 CXE EA . 28.08 23.72 20.85
C5 CXE EA . 27.77 25.14 21.32
C6 CXE EA . 28.06 26.19 20.26
C7 CXE EA . 29.50 26.69 20.35
C1 CXE FA . 20.06 -10.97 19.65
C2 CXE FA . 20.62 -10.52 20.98
C3 CXE FA . 21.42 -11.63 21.65
C4 CXE FA . 21.91 -11.18 23.02
C5 CXE FA . 23.07 -12.06 23.51
C6 CXE FA . 22.58 -13.27 24.30
C1 CXE GA . 14.24 20.95 28.52
C2 CXE GA . 14.52 21.22 29.99
C3 CXE GA . 14.03 22.60 30.38
C4 CXE GA . 14.55 23.01 31.76
C5 CXE GA . 13.60 23.97 32.44
C6 CXE GA . 14.25 24.61 33.66
C1 CXE HA . 27.61 -10.30 14.39
C2 CXE HA . 27.45 -10.99 15.72
C3 CXE HA . 26.41 -12.09 15.65
C4 CXE HA . 25.94 -12.47 17.05
C5 CXE HA . 25.78 -13.97 17.25
C6 CXE HA . 24.35 -14.29 17.71
C1 CXE IA . 29.59 21.88 15.56
C2 CXE IA . 28.99 22.87 14.58
C3 CXE IA . 29.35 22.51 13.14
C4 CXE IA . 30.63 23.21 12.69
C5 CXE IA . 30.32 24.58 12.09
C6 CXE IA . 31.60 25.31 11.68
C7 CXE IA . 31.69 25.51 10.16
C8 CXE IA . 31.77 26.99 9.83
C9 CXE IA . 31.97 27.21 8.33
C1 CXE JA . 14.18 18.60 13.12
C2 CXE JA . 14.02 20.06 13.50
C3 CXE JA . 15.35 20.66 13.94
C4 CXE JA . 15.24 22.17 14.11
C5 CXE JA . 16.59 22.80 14.41
C6 CXE JA . 16.47 24.32 14.49
C7 CXE JA . 16.36 24.94 13.10
C8 CXE JA . 16.22 26.45 13.18
C9 CXE JA . 16.11 27.09 11.79
C10 CXE JA . 17.36 26.77 10.97
O11 CXE JA . 17.54 27.75 9.96
C12 CXE JA . 18.88 27.75 9.44
C13 CXE JA . 19.25 29.20 9.14
O14 CXE JA . 20.65 29.41 9.19
C15 CXE JA . 20.98 30.54 10.00
C16 CXE JA . 20.61 31.83 9.27
O17 CXE JA . 20.96 32.96 10.08
C18 CXE JA . 20.08 34.07 9.85
C19 CXE JA . 20.89 35.36 9.81
O20 CXE JA . 21.17 35.67 8.45
C21 CXE JA . 21.93 36.86 8.31
C22 CXE JA . 21.18 37.81 7.38
O23 CXE JA . 19.80 37.72 7.71
C24 CXE JA . 19.24 38.97 8.10
C25 CXE JA . 17.78 38.78 8.49
O26 CXE JA . 17.66 37.77 9.49
C1 CXE KA . 4.76 44.18 5.66
C2 CXE KA . 5.06 44.79 4.31
C3 CXE KA . 4.65 46.25 4.26
C4 CXE KA . 5.32 46.94 3.08
C5 CXE KA . 4.30 47.75 2.28
C6 CXE KA . 4.95 48.42 1.07
C7 CXE KA . 6.45 48.61 1.26
C8 CXE KA . 7.12 48.76 -0.10
C9 CXE KA . 6.41 49.84 -0.90
C10 CXE KA . 7.33 51.01 -1.23
O11 CXE KA . 8.36 50.60 -2.12
C12 CXE KA . 9.62 50.77 -1.47
C13 CXE KA . 10.72 51.17 -2.43
O14 CXE KA . 11.77 50.23 -2.25
C15 CXE KA . 12.92 50.74 -1.60
C16 CXE KA . 13.85 49.56 -1.35
O17 CXE KA . 13.77 49.17 0.02
C18 CXE KA . 12.47 48.67 0.38
C19 CXE KA . 12.33 48.78 1.89
O20 CXE KA . 11.00 49.17 2.24
C21 CXE KA . 10.79 49.01 3.64
C22 CXE KA . 9.33 49.28 3.99
O23 CXE KA . 9.13 48.85 5.33
C24 CXE KA . 7.81 49.05 5.81
C25 CXE KA . 7.63 48.25 7.09
O26 CXE KA . 6.70 48.89 7.96
C1 CXE LA . 13.68 24.01 19.05
C2 CXE LA . 13.66 25.50 18.73
C3 CXE LA . 14.97 25.95 18.07
C4 CXE LA . 15.02 27.46 17.93
C5 CXE LA . 16.32 27.89 17.27
C6 CXE LA . 16.45 29.40 17.33
C7 CXE LA . 17.62 29.87 16.48
C8 CXE LA . 17.18 31.01 15.55
C9 CXE LA . 18.35 31.46 14.67
C10 CXE LA . 17.87 32.37 13.55
O11 CXE LA . 16.99 31.64 12.69
C12 CXE LA . 17.64 31.16 11.52
C13 CXE LA . 17.16 31.90 10.28
O14 CXE LA . 15.78 32.24 10.37
C15 CXE LA . 15.45 33.10 9.30
C16 CXE LA . 15.53 34.53 9.82
O17 CXE LA . 14.97 35.44 8.88
C18 CXE LA . 13.59 35.66 9.17
C19 CXE LA . 13.30 35.70 10.66
O20 CXE LA . 12.03 35.09 10.83
C21 CXE LA . 11.04 35.89 10.17
C22 CXE LA . 9.86 35.02 9.74
O23 CXE LA . 8.83 35.16 10.70
C24 CXE LA . 8.67 33.94 11.42
C25 CXE LA . 9.29 34.13 12.79
O26 CXE LA . 8.76 33.17 13.71
C1 CXE MA . -21.94 29.64 -4.75
C2 CXE MA . -20.77 30.50 -5.13
C3 CXE MA . -20.88 30.95 -6.58
C4 CXE MA . -19.66 31.77 -7.02
C5 CXE MA . -19.90 32.46 -8.35
C6 CXE MA . -20.78 31.64 -9.27
C7 CXE MA . -20.76 32.21 -10.69
C8 CXE MA . -20.17 31.22 -11.68
C9 CXE MA . -21.27 30.30 -12.22
C10 CXE MA . -20.68 29.16 -13.04
O11 CXE MA . -19.82 29.71 -14.03
C12 CXE MA . -19.83 28.92 -15.22
C13 CXE MA . -19.11 29.67 -16.34
O14 CXE MA . -18.95 28.81 -17.47
C15 CXE MA . -17.78 29.08 -18.26
C16 CXE MA . -17.02 30.29 -17.73
O17 CXE MA . -15.93 30.62 -18.59
C18 CXE MA . -14.81 31.05 -17.81
C19 CXE MA . -15.24 32.13 -16.83
O20 CXE MA . -14.09 32.83 -16.39
C21 CXE MA . -14.22 34.20 -16.78
C22 CXE MA . -12.90 34.97 -16.66
O23 CXE MA . -12.41 35.25 -17.97
C24 CXE MA . -13.44 35.75 -18.84
C25 CXE MA . -13.00 35.58 -20.28
O26 CXE MA . -14.05 34.96 -21.03
C1 CXE NA . -2.30 -3.34 -8.78
C2 CXE NA . -0.94 -2.91 -8.27
C3 CXE NA . -1.01 -1.56 -7.58
C4 CXE NA . 0.34 -1.04 -7.11
C5 CXE NA . 0.17 0.40 -6.62
C6 CXE NA . -0.68 1.18 -7.61
C7 CXE NA . 0.04 2.44 -8.08
C8 CXE NA . 0.06 2.50 -9.60
C9 CXE NA . 0.21 3.93 -10.07
C10 CXE NA . 0.63 4.00 -11.53
O11 CXE NA . 1.38 5.19 -11.70
C12 CXE NA . 2.35 5.13 -12.73
C13 CXE NA . 3.22 6.36 -12.54
O14 CXE NA . 4.18 6.30 -13.59
C15 CXE NA . 5.52 6.35 -13.05
C16 CXE NA . 6.46 6.62 -14.22
O17 CXE NA . 5.97 5.88 -15.33
C18 CXE NA . 6.75 6.03 -16.52
C19 CXE NA . 6.17 5.06 -17.54
O20 CXE NA . 6.40 5.47 -18.88
C1 CXE OA . 5.57 38.40 6.38
C2 CXE OA . 5.57 39.47 5.32
C3 CXE OA . 6.91 39.55 4.60
C4 CXE OA . 6.80 40.46 3.39
C5 CXE OA . 7.74 40.01 2.28
C6 CXE OA . 8.87 41.02 2.10
C7 CXE OA . 10.20 40.48 2.61
C8 CXE OA . 11.26 40.66 1.53
C9 CXE OA . 12.55 41.26 2.06
C10 CXE OA . 13.54 40.16 2.47
O11 CXE OA . 14.75 40.21 1.71
C12 CXE OA . 14.73 41.16 0.64
C13 CXE OA . 16.07 41.20 -0.07
O14 CXE OA . 16.17 42.46 -0.72
C15 CXE OA . 16.80 43.41 0.12
C1 CXE PA . -30.25 17.49 -9.07
C2 CXE PA . -29.66 18.09 -7.82
C3 CXE PA . -30.63 19.07 -7.16
C4 CXE PA . -31.23 18.49 -5.89
C5 CXE PA . -31.94 19.56 -5.07
C6 CXE PA . -32.69 18.96 -3.88
C7 CXE PA . -32.32 19.65 -2.57
C8 CXE PA . -31.48 18.74 -1.68
C9 CXE PA . -30.99 19.49 -0.44
C10 CXE PA . -29.82 18.76 0.20
C1 CXE QA . -29.22 11.02 -9.81
C2 CXE QA . -29.94 12.26 -9.32
C3 CXE QA . -30.24 12.13 -7.84
C4 CXE QA . -31.01 13.32 -7.29
C5 CXE QA . -31.33 13.10 -5.82
C6 CXE QA . -31.68 14.40 -5.10
C7 CXE QA . -31.31 14.30 -3.62
C1 CXE RA . 5.40 27.41 25.05
C2 CXE RA . 5.47 27.02 26.51
C3 CXE RA . 4.46 27.82 27.34
C4 CXE RA . 4.25 27.19 28.72
C5 CXE RA . 5.16 27.81 29.79
C6 CXE RA . 4.74 27.37 31.19
C7 CXE RA . 3.24 27.61 31.39
C8 CXE RA . 2.64 26.93 32.63
C9 CXE RA . 1.31 26.29 32.26
C10 CXE RA . 0.68 25.47 33.39
O11 CXE RA . 1.48 24.33 33.70
C12 CXE RA . 0.69 23.14 33.74
C13 CXE RA . 1.06 22.29 34.93
O14 CXE RA . 2.40 21.86 34.70
C15 CXE RA . 3.31 22.65 35.45
C16 CXE RA . 4.50 22.98 34.55
O17 CXE RA . 4.60 24.41 34.47
C1 CXE SA . 4.56 44.50 11.26
C2 CXE SA . 3.14 44.52 11.78
C3 CXE SA . 2.89 43.36 12.74
C4 CXE SA . 3.84 43.44 13.92
C5 CXE SA . 3.88 42.12 14.70
C6 CXE SA . 2.56 41.83 15.39
C7 CXE SA . 2.81 40.94 16.60
C8 CXE SA . 1.54 40.19 17.01
C9 CXE SA . 1.09 39.23 15.92
C10 CXE SA . 0.03 38.28 16.46
O11 CXE SA . -0.64 38.93 17.53
C12 CXE SA . -1.31 38.01 18.40
C13 CXE SA . -0.82 38.27 19.81
O14 CXE SA . -1.48 37.42 20.75
C15 CXE SA . -0.53 36.58 21.40
C16 CXE SA . -0.85 36.41 22.87
O17 CXE SA . -2.24 36.17 23.07
C18 CXE SA . -2.52 34.78 23.14
C19 CXE SA . -2.47 34.29 24.58
O20 CXE SA . -2.95 32.95 24.64
C21 CXE SA . -2.64 32.33 25.89
C22 CXE SA . -3.40 31.01 26.00
O23 CXE SA . -2.96 30.31 27.16
C1 CXE TA . -14.02 23.58 10.13
C2 CXE TA . -13.67 24.26 8.83
C3 CXE TA . -14.19 25.70 8.82
C4 CXE TA . -13.83 26.40 7.51
C5 CXE TA . -14.22 27.87 7.59
C6 CXE TA . -13.87 28.60 6.29
C7 CXE TA . -14.15 30.10 6.44
C8 CXE TA . -13.96 30.84 5.12
C9 CXE TA . -14.20 32.33 5.30
C10 CXE TA . -13.92 33.09 4.01
O11 CXE UA . -3.07 20.08 7.78
C12 CXE UA . -2.65 18.95 8.55
C13 CXE UA . -3.81 18.43 9.40
O14 CXE UA . -3.29 17.55 10.39
C15 CXE UA . -4.09 17.53 11.55
C16 CXE UA . -3.19 17.80 12.74
O17 CXE UA . -2.28 18.83 12.36
C18 CXE UA . -1.16 18.96 13.24
C19 CXE UA . 0.04 19.37 12.41
O20 CXE UA . 1.19 19.56 13.24
C21 CXE UA . 2.34 18.98 12.63
C22 CXE UA . 3.56 19.84 12.87
O23 CXE UA . 3.44 21.03 12.08
C24 CXE UA . 4.68 21.39 11.48
C25 CXE UA . 4.45 22.48 10.45
O26 CXE UA . 5.28 22.24 9.31
C1 CXE VA . -3.19 -4.32 12.34
C2 CXE VA . -3.99 -5.48 12.89
C3 CXE VA . -4.23 -5.36 14.39
C4 CXE VA . -5.08 -6.52 14.91
C5 CXE VA . -4.71 -6.91 16.33
C6 CXE VA . -5.12 -8.36 16.60
C7 CXE VA . -5.76 -8.53 17.98
C8 CXE VA . -7.26 -8.79 17.88
C9 CXE VA . -7.82 -8.41 16.52
C10 CXE VA . -9.34 -8.56 16.41
O11 CXE VA . -9.65 -8.29 15.05
C12 CXE VA . -10.86 -8.90 14.62
C13 CXE VA . -10.62 -9.52 13.25
O14 CXE VA . -11.02 -10.88 13.30
C15 CXE VA . -11.04 -11.43 11.99
C16 CXE VA . -9.99 -12.52 11.96
O17 CXE VA . -9.67 -12.75 10.61
C18 CXE VA . -8.30 -13.01 10.42
C19 CXE VA . -8.06 -12.60 8.98
O20 CXE VA . -8.59 -11.32 8.70
C21 CXE VA . -7.75 -10.65 7.79
C22 CXE VA . -8.55 -10.40 6.51
O23 CXE VA . -9.63 -11.34 6.49
C1 CXE WA . 0.25 4.06 -15.41
C2 CXE WA . -0.10 4.32 -16.86
C3 CXE WA . -1.08 5.48 -16.99
C4 CXE WA . -1.42 5.77 -18.45
C5 CXE WA . -2.26 4.65 -19.03
C6 CXE WA . -2.85 5.04 -20.37
C7 CXE WA . -4.01 4.13 -20.75
C8 CXE WA . -5.33 4.90 -20.79
C9 CXE WA . -5.94 4.89 -22.18
C10 CXE WA . -5.62 6.16 -22.96
O11 CXE WA . -6.14 7.30 -22.26
C12 CXE WA . -6.37 8.39 -23.14
C13 CXE WA . -6.26 9.70 -22.37
O14 CXE WA . -4.92 9.87 -21.93
C15 CXE WA . -4.70 11.13 -21.30
C16 CXE WA . -3.25 11.20 -20.82
O17 CXE WA . -2.98 10.12 -19.95
C1 CXE XA . -24.39 23.70 -6.27
C2 CXE XA . -25.29 24.92 -6.34
C3 CXE XA . -24.74 26.06 -5.49
C4 CXE XA . -23.62 26.81 -6.22
C1 CXE YA . 12.15 38.77 7.27
C2 CXE YA . 13.08 39.45 6.28
C3 CXE YA . 14.54 39.22 6.64
C4 CXE YA . 15.48 39.96 5.69
C5 CXE YA . 16.40 38.96 5.00
C6 CXE YA . 17.79 39.53 4.72
C7 CXE YA . 17.86 40.15 3.33
C1 CXE ZA . -22.44 20.58 -10.81
C2 CXE ZA . -22.54 21.92 -11.49
C3 CXE ZA . -22.52 21.79 -13.01
C4 CXE ZA . -22.70 23.15 -13.65
C5 CXE ZA . -22.31 23.17 -15.13
C6 CXE ZA . -22.77 24.50 -15.74
C7 CXE ZA . -21.71 25.11 -16.66
C8 CXE ZA . -21.96 26.61 -16.79
C9 CXE ZA . -22.39 26.99 -18.20
C10 CXE ZA . -23.15 28.31 -18.17
O11 CXE ZA . -23.83 28.50 -19.40
C1 CXE AB . -60.63 13.48 -25.39
C2 CXE AB . -60.98 12.26 -24.58
C3 CXE AB . -61.19 11.08 -25.51
C4 CXE AB . -62.13 10.05 -24.91
C5 CXE AB . -61.38 8.77 -24.55
C6 CXE AB . -61.70 8.38 -23.12
C7 CXE AB . -62.27 6.97 -23.07
C8 CXE AB . -61.23 6.02 -22.49
C9 CXE AB . -61.65 4.57 -22.68
C10 CXE AB . -61.17 4.03 -24.02
O11 CXE AB . -60.69 2.71 -23.84
C12 CXE AB . -61.26 1.81 -24.78
C13 CXE AB . -60.31 0.64 -24.97
O14 CXE AB . -61.03 -0.59 -24.92
C15 CXE AB . -60.17 -1.65 -25.28
C16 CXE AB . -60.58 -2.90 -24.52
O17 CXE AB . -59.43 -3.74 -24.41
C18 CXE AB . -59.81 -5.11 -24.37
C19 CXE AB . -59.27 -5.73 -23.09
O20 CXE AB . -59.20 -7.14 -23.24
C1 CXE BB . -33.83 9.10 -6.57
C2 CXE BB . -34.45 9.64 -5.29
C3 CXE BB . -35.91 9.99 -5.53
C4 CXE BB . -36.35 11.16 -4.65
C5 CXE BB . -36.81 10.68 -3.27
C6 CXE BB . -38.27 11.05 -3.04
C7 CXE BB . -38.41 12.54 -2.73
C8 CXE BB . -39.87 12.97 -2.70
C9 CXE BB . -40.52 12.74 -1.34
C10 CXE BB . -41.93 12.17 -1.50
O11 CXE BB . -42.74 12.51 -0.37
C12 CXE BB . -44.06 11.98 -0.49
C13 CXE BB . -45.07 12.87 0.24
O14 CXE BB . -45.21 12.45 1.59
C1 CXE CB . -32.60 16.19 -13.80
C2 CXE CB . -33.18 15.88 -12.44
C3 CXE CB . -33.37 17.16 -11.64
C4 CXE CB . -33.72 16.89 -10.18
C5 CXE CB . -34.54 18.06 -9.65
C6 CXE CB . -34.68 18.04 -8.13
C7 CXE CB . -35.62 19.16 -7.71
C8 CXE CB . -35.76 19.26 -6.20
C9 CXE CB . -36.00 20.71 -5.79
C10 CXE CB . -36.21 20.82 -4.28
C1 CXE DB . -33.36 11.49 -10.52
C2 CXE DB . -34.23 12.68 -10.21
C3 CXE DB . -34.85 12.54 -8.82
C4 CXE DB . -35.62 13.81 -8.43
C5 CXE DB . -35.89 13.83 -6.93
C6 CXE DB . -36.87 14.94 -6.55
C7 CXE DB . -36.97 15.09 -5.03
C8 CXE DB . -37.62 16.40 -4.65
C9 CXE DB . -39.10 16.43 -5.01
C10 CXE DB . -39.86 17.32 -4.04
O11 CXE DB . -41.26 17.27 -4.30
C12 CXE DB . -42.01 17.14 -3.11
C13 CXE DB . -43.45 16.82 -3.45
O14 CXE DB . -43.98 15.88 -2.53
C1 CXE EB . -24.06 -12.47 1.22
C2 CXE EB . -23.35 -13.46 0.32
C3 CXE EB . -23.48 -13.10 -1.15
C4 CXE EB . -22.31 -13.64 -1.96
C5 CXE EB . -21.82 -12.62 -2.97
C6 CXE EB . -20.37 -12.85 -3.35
C7 CXE EB . -19.68 -11.54 -3.67
C8 CXE EB . -18.56 -11.23 -2.68
C9 CXE EB . -18.97 -10.18 -1.65
C10 CXE EB . -19.52 -10.82 -0.37
O11 CXE EB . -19.38 -9.92 0.72
C1 CXE FB . -8.87 4.69 -16.71
C2 CXE FB . -8.89 6.00 -15.95
C3 CXE FB . -9.72 7.05 -16.69
C4 CXE FB . -9.09 7.41 -18.03
C5 CXE FB . -9.49 8.81 -18.50
C6 CXE FB . -10.99 8.89 -18.80
C7 CXE FB . -11.28 9.76 -20.00
C8 CXE FB . -10.39 9.40 -21.19
C9 CXE FB . -10.89 10.09 -22.45
C10 CXE FB . -9.75 10.47 -23.38
O11 CXE FB . -10.21 11.44 -24.31
C1 CXE GB . -27.41 18.29 -12.45
C2 CXE GB . -27.25 19.59 -13.21
C3 CXE GB . -26.84 20.72 -12.29
C4 CXE GB . -26.91 22.06 -13.01
C5 CXE GB . -26.76 23.21 -12.02
#